data_1UG0
#
_entry.id   1UG0
#
_entity_poly.entity_id   1
_entity_poly.type   'polypeptide(L)'
_entity_poly.pdbx_seq_one_letter_code
;GSSGSSGEEDYEQWLEIKVSPPEGAETRRVIEKLARFVAEGGPELEKVAMEDYKDNPAFTFLHDKNSREFLYYRRKVAEI
RKSGPSSG
;
_entity_poly.pdbx_strand_id   A
#
# COMPACT_ATOMS: atom_id res chain seq x y z
N GLY A 1 -18.96 -12.35 -18.73
CA GLY A 1 -18.22 -11.57 -17.76
C GLY A 1 -16.88 -12.24 -17.42
N SER A 2 -15.82 -11.46 -17.54
CA SER A 2 -14.49 -11.97 -17.26
C SER A 2 -13.92 -11.26 -16.02
N SER A 3 -14.53 -11.55 -14.89
CA SER A 3 -14.09 -10.95 -13.63
C SER A 3 -14.67 -11.74 -12.45
N GLY A 4 -13.78 -12.27 -11.64
CA GLY A 4 -14.18 -13.03 -10.48
C GLY A 4 -13.31 -12.70 -9.26
N SER A 5 -13.97 -12.54 -8.12
CA SER A 5 -13.27 -12.21 -6.89
C SER A 5 -13.69 -13.17 -5.78
N SER A 6 -12.78 -14.05 -5.42
CA SER A 6 -13.04 -15.03 -4.38
C SER A 6 -12.08 -14.82 -3.21
N GLY A 7 -12.66 -14.66 -2.03
CA GLY A 7 -11.87 -14.46 -0.82
C GLY A 7 -11.97 -13.01 -0.34
N GLU A 8 -11.54 -12.80 0.89
CA GLU A 8 -11.59 -11.47 1.49
C GLU A 8 -10.49 -11.33 2.54
N GLU A 9 -10.65 -12.07 3.62
CA GLU A 9 -9.68 -12.03 4.71
C GLU A 9 -8.27 -12.28 4.16
N ASP A 10 -8.22 -12.93 3.01
CA ASP A 10 -6.94 -13.24 2.38
C ASP A 10 -6.09 -11.97 2.34
N TYR A 11 -6.76 -10.83 2.38
CA TYR A 11 -6.07 -9.55 2.35
C TYR A 11 -4.93 -9.52 3.35
N GLU A 12 -5.11 -10.25 4.44
CA GLU A 12 -4.11 -10.31 5.49
C GLU A 12 -3.12 -11.45 5.21
N GLN A 13 -3.58 -12.40 4.41
CA GLN A 13 -2.74 -13.54 4.06
C GLN A 13 -1.53 -13.08 3.25
N TRP A 14 -1.58 -11.82 2.83
CA TRP A 14 -0.50 -11.24 2.05
C TRP A 14 0.52 -10.65 3.03
N LEU A 15 -0.01 -9.95 4.03
CA LEU A 15 0.84 -9.32 5.03
C LEU A 15 1.85 -10.34 5.54
N GLU A 16 1.49 -11.62 5.42
CA GLU A 16 2.35 -12.69 5.87
C GLU A 16 3.65 -12.70 5.05
N ILE A 17 3.51 -12.31 3.80
CA ILE A 17 4.66 -12.27 2.90
C ILE A 17 5.01 -10.82 2.59
N LYS A 18 5.95 -10.30 3.36
CA LYS A 18 6.39 -8.92 3.18
C LYS A 18 7.40 -8.86 2.03
N VAL A 19 7.74 -7.63 1.66
CA VAL A 19 8.69 -7.43 0.58
C VAL A 19 10.11 -7.40 1.14
N SER A 20 11.07 -7.63 0.26
CA SER A 20 12.47 -7.64 0.66
C SER A 20 13.19 -6.43 0.08
N PRO A 21 14.24 -5.97 0.82
CA PRO A 21 14.60 -6.61 2.06
C PRO A 21 13.63 -6.26 3.18
N PRO A 22 13.83 -6.91 4.35
CA PRO A 22 12.97 -6.67 5.50
C PRO A 22 13.28 -5.32 6.16
N GLU A 23 14.19 -4.60 5.52
CA GLU A 23 14.59 -3.29 6.03
C GLU A 23 13.53 -2.24 5.69
N GLY A 24 12.63 -2.62 4.77
CA GLY A 24 11.57 -1.73 4.35
C GLY A 24 10.74 -1.27 5.55
N ALA A 25 10.82 -2.04 6.62
CA ALA A 25 10.09 -1.72 7.83
C ALA A 25 10.44 -0.31 8.30
N GLU A 26 11.60 0.15 7.85
CA GLU A 26 12.07 1.47 8.20
C GLU A 26 11.22 2.54 7.52
N THR A 27 10.82 2.23 6.29
CA THR A 27 10.00 3.16 5.53
C THR A 27 8.52 2.83 5.71
N ARG A 28 8.27 1.64 6.25
CA ARG A 28 6.91 1.21 6.49
C ARG A 28 6.08 2.33 7.13
N ARG A 29 6.69 2.96 8.13
CA ARG A 29 6.03 4.05 8.83
C ARG A 29 5.57 5.12 7.84
N VAL A 30 6.31 5.23 6.75
CA VAL A 30 6.00 6.20 5.73
C VAL A 30 5.09 5.57 4.68
N ILE A 31 5.41 4.32 4.35
CA ILE A 31 4.63 3.58 3.37
C ILE A 31 3.18 3.50 3.84
N GLU A 32 3.01 2.93 5.02
CA GLU A 32 1.67 2.79 5.59
C GLU A 32 0.90 4.10 5.48
N LYS A 33 1.65 5.20 5.52
CA LYS A 33 1.05 6.52 5.42
C LYS A 33 0.36 6.66 4.07
N LEU A 34 1.08 6.31 3.03
CA LEU A 34 0.55 6.39 1.68
C LEU A 34 -0.70 5.52 1.56
N ALA A 35 -0.51 4.23 1.77
CA ALA A 35 -1.62 3.29 1.70
C ALA A 35 -2.81 3.85 2.49
N ARG A 36 -2.54 4.15 3.76
CA ARG A 36 -3.58 4.69 4.63
C ARG A 36 -4.20 5.94 4.01
N PHE A 37 -3.43 6.57 3.12
CA PHE A 37 -3.89 7.77 2.46
C PHE A 37 -4.52 7.44 1.10
N VAL A 38 -4.17 6.27 0.59
CA VAL A 38 -4.70 5.83 -0.68
C VAL A 38 -5.94 4.98 -0.45
N ALA A 39 -5.72 3.74 0.00
CA ALA A 39 -6.81 2.83 0.26
C ALA A 39 -7.94 3.58 0.98
N GLU A 40 -7.55 4.63 1.69
CA GLU A 40 -8.52 5.44 2.41
C GLU A 40 -9.42 6.19 1.44
N GLY A 41 -8.79 7.05 0.65
CA GLY A 41 -9.52 7.84 -0.33
C GLY A 41 -9.75 7.05 -1.62
N GLY A 42 -8.64 6.64 -2.22
CA GLY A 42 -8.71 5.87 -3.46
C GLY A 42 -7.49 6.15 -4.34
N PRO A 43 -7.73 6.12 -5.68
CA PRO A 43 -6.67 6.37 -6.64
C PRO A 43 -6.34 7.86 -6.71
N GLU A 44 -7.35 8.68 -6.46
CA GLU A 44 -7.18 10.12 -6.49
C GLU A 44 -5.99 10.53 -5.61
N LEU A 45 -5.83 9.81 -4.51
CA LEU A 45 -4.75 10.10 -3.59
C LEU A 45 -3.42 9.68 -4.22
N GLU A 46 -3.38 8.43 -4.67
CA GLU A 46 -2.18 7.91 -5.31
C GLU A 46 -1.70 8.86 -6.40
N LYS A 47 -2.62 9.65 -6.90
CA LYS A 47 -2.31 10.60 -7.95
C LYS A 47 -1.76 11.89 -7.32
N VAL A 48 -2.35 12.25 -6.19
CA VAL A 48 -1.94 13.45 -5.49
C VAL A 48 -0.59 13.19 -4.80
N ALA A 49 -0.45 11.98 -4.29
CA ALA A 49 0.78 11.58 -3.60
C ALA A 49 1.97 11.82 -4.53
N MET A 50 1.78 11.46 -5.80
CA MET A 50 2.82 11.62 -6.78
C MET A 50 3.24 13.10 -6.90
N GLU A 51 2.33 13.97 -6.50
CA GLU A 51 2.58 15.39 -6.56
C GLU A 51 3.13 15.89 -5.22
N ASP A 52 2.54 15.37 -4.14
CA ASP A 52 2.96 15.75 -2.81
C ASP A 52 4.47 15.54 -2.67
N TYR A 53 4.92 14.39 -3.14
CA TYR A 53 6.34 14.06 -3.07
C TYR A 53 6.98 14.10 -4.47
N LYS A 54 6.39 14.93 -5.32
CA LYS A 54 6.89 15.07 -6.69
C LYS A 54 8.43 15.05 -6.67
N ASP A 55 8.98 15.83 -5.75
CA ASP A 55 10.42 15.92 -5.62
C ASP A 55 10.84 15.39 -4.25
N ASN A 56 10.77 14.07 -4.11
CA ASN A 56 11.14 13.43 -2.86
C ASN A 56 12.02 12.21 -3.16
N PRO A 57 13.27 12.27 -2.62
CA PRO A 57 14.21 11.18 -2.81
C PRO A 57 13.85 9.97 -1.95
N ALA A 58 12.77 10.13 -1.20
CA ALA A 58 12.32 9.07 -0.32
C ALA A 58 11.16 8.32 -1.00
N PHE A 59 10.24 9.09 -1.54
CA PHE A 59 9.09 8.52 -2.23
C PHE A 59 9.39 8.26 -3.70
N THR A 60 10.66 7.98 -3.97
CA THR A 60 11.10 7.70 -5.32
C THR A 60 10.44 6.43 -5.85
N PHE A 61 9.82 5.70 -4.93
CA PHE A 61 9.15 4.46 -5.28
C PHE A 61 7.83 4.75 -6.00
N LEU A 62 7.15 5.79 -5.55
CA LEU A 62 5.88 6.18 -6.13
C LEU A 62 5.97 6.03 -7.66
N HIS A 63 6.73 6.93 -8.27
CA HIS A 63 6.89 6.90 -9.71
C HIS A 63 7.22 5.48 -10.17
N ASP A 64 8.44 5.06 -9.85
CA ASP A 64 8.89 3.73 -10.22
C ASP A 64 7.75 2.73 -10.02
N LYS A 65 7.76 1.69 -10.82
CA LYS A 65 6.74 0.66 -10.75
C LYS A 65 7.40 -0.72 -10.70
N ASN A 66 8.53 -0.77 -10.00
CA ASN A 66 9.27 -2.01 -9.87
C ASN A 66 10.20 -1.92 -8.66
N SER A 67 9.72 -1.24 -7.62
CA SER A 67 10.49 -1.07 -6.41
C SER A 67 9.81 -1.78 -5.25
N ARG A 68 10.60 -2.55 -4.51
CA ARG A 68 10.08 -3.28 -3.37
C ARG A 68 9.16 -2.39 -2.53
N GLU A 69 9.48 -1.11 -2.52
CA GLU A 69 8.69 -0.14 -1.77
C GLU A 69 7.26 -0.08 -2.33
N PHE A 70 7.18 -0.04 -3.65
CA PHE A 70 5.88 0.02 -4.32
C PHE A 70 5.09 -1.26 -4.09
N LEU A 71 5.81 -2.30 -3.66
CA LEU A 71 5.18 -3.58 -3.40
C LEU A 71 4.64 -3.61 -1.98
N TYR A 72 5.52 -3.31 -1.04
CA TYR A 72 5.15 -3.29 0.36
C TYR A 72 3.96 -2.35 0.60
N TYR A 73 3.92 -1.28 -0.18
CA TYR A 73 2.85 -0.30 -0.07
C TYR A 73 1.50 -0.92 -0.44
N ARG A 74 1.56 -1.86 -1.36
CA ARG A 74 0.35 -2.54 -1.82
C ARG A 74 0.00 -3.69 -0.86
N ARG A 75 1.03 -4.32 -0.34
CA ARG A 75 0.83 -5.42 0.58
C ARG A 75 0.12 -4.95 1.85
N LYS A 76 0.32 -3.68 2.15
CA LYS A 76 -0.29 -3.08 3.33
C LYS A 76 -1.65 -2.51 2.95
N VAL A 77 -1.72 -1.94 1.75
CA VAL A 77 -2.95 -1.36 1.26
C VAL A 77 -4.10 -2.36 1.46
N ALA A 78 -3.79 -3.61 1.19
CA ALA A 78 -4.79 -4.67 1.33
C ALA A 78 -5.26 -4.74 2.79
N GLU A 79 -4.35 -4.36 3.67
CA GLU A 79 -4.66 -4.37 5.10
C GLU A 79 -5.61 -3.22 5.44
N ILE A 80 -5.15 -2.01 5.20
CA ILE A 80 -5.94 -0.82 5.47
C ILE A 80 -7.22 -0.87 4.65
N ARG A 81 -7.10 -1.41 3.44
CA ARG A 81 -8.23 -1.53 2.55
C ARG A 81 -9.42 -2.15 3.27
N LYS A 82 -9.21 -3.37 3.73
CA LYS A 82 -10.25 -4.10 4.45
C LYS A 82 -10.97 -3.13 5.40
N SER A 83 -10.20 -2.55 6.28
CA SER A 83 -10.75 -1.60 7.25
C SER A 83 -10.01 -0.27 7.17
N GLY A 84 -10.68 0.71 6.56
CA GLY A 84 -10.09 2.03 6.42
C GLY A 84 -10.94 3.09 7.11
N PRO A 85 -11.95 3.60 6.36
CA PRO A 85 -12.84 4.62 6.89
C PRO A 85 -13.83 4.01 7.88
N SER A 86 -14.66 4.87 8.45
CA SER A 86 -15.67 4.43 9.41
C SER A 86 -16.94 5.27 9.25
N SER A 87 -17.82 4.78 8.39
CA SER A 87 -19.08 5.47 8.15
C SER A 87 -20.01 4.57 7.33
N GLY A 88 -19.66 4.40 6.06
CA GLY A 88 -20.45 3.57 5.17
C GLY A 88 -20.48 2.12 5.65
N GLY A 1 -10.76 -26.55 -3.04
CA GLY A 1 -11.84 -26.20 -3.96
C GLY A 1 -12.24 -24.73 -3.81
N SER A 2 -13.47 -24.45 -4.20
CA SER A 2 -13.98 -23.09 -4.12
C SER A 2 -15.51 -23.09 -4.26
N SER A 3 -16.16 -22.40 -3.34
CA SER A 3 -17.61 -22.32 -3.36
C SER A 3 -18.09 -21.22 -2.40
N GLY A 4 -18.00 -19.98 -2.89
CA GLY A 4 -18.41 -18.84 -2.09
C GLY A 4 -17.54 -18.70 -0.84
N SER A 5 -17.51 -17.48 -0.32
CA SER A 5 -16.72 -17.20 0.88
C SER A 5 -17.07 -15.81 1.42
N SER A 6 -16.93 -15.67 2.72
CA SER A 6 -17.23 -14.41 3.38
C SER A 6 -15.94 -13.61 3.59
N GLY A 7 -15.94 -12.40 3.05
CA GLY A 7 -14.78 -11.53 3.15
C GLY A 7 -13.55 -12.16 2.50
N GLU A 8 -12.68 -11.30 2.00
CA GLU A 8 -11.46 -11.75 1.35
C GLU A 8 -10.26 -11.57 2.27
N GLU A 9 -10.30 -12.27 3.40
CA GLU A 9 -9.23 -12.19 4.37
C GLU A 9 -7.87 -12.29 3.66
N ASP A 10 -7.89 -12.93 2.51
CA ASP A 10 -6.67 -13.10 1.73
C ASP A 10 -5.87 -11.80 1.73
N TYR A 11 -6.61 -10.69 1.78
CA TYR A 11 -5.98 -9.38 1.79
C TYR A 11 -4.88 -9.30 2.85
N GLU A 12 -4.98 -10.20 3.82
CA GLU A 12 -4.00 -10.24 4.90
C GLU A 12 -2.99 -11.37 4.65
N GLN A 13 -3.39 -12.31 3.82
CA GLN A 13 -2.54 -13.43 3.49
C GLN A 13 -1.29 -12.96 2.75
N TRP A 14 -1.34 -11.70 2.34
CA TRP A 14 -0.22 -11.10 1.61
C TRP A 14 0.74 -10.52 2.64
N LEU A 15 0.18 -10.06 3.74
CA LEU A 15 0.98 -9.47 4.81
C LEU A 15 1.96 -10.52 5.34
N GLU A 16 1.54 -11.78 5.28
CA GLU A 16 2.38 -12.87 5.74
C GLU A 16 3.73 -12.84 5.04
N ILE A 17 3.72 -12.34 3.81
CA ILE A 17 4.94 -12.24 3.03
C ILE A 17 5.30 -10.77 2.83
N LYS A 18 6.17 -10.29 3.71
CA LYS A 18 6.60 -8.90 3.64
C LYS A 18 7.41 -8.69 2.36
N VAL A 19 7.75 -7.43 2.12
CA VAL A 19 8.51 -7.08 0.94
C VAL A 19 9.99 -6.96 1.31
N SER A 20 10.84 -7.44 0.40
CA SER A 20 12.27 -7.40 0.61
C SER A 20 12.87 -6.18 -0.09
N PRO A 21 13.98 -5.66 0.51
CA PRO A 21 14.53 -6.25 1.72
C PRO A 21 13.67 -5.89 2.94
N PRO A 22 14.04 -6.50 4.10
CA PRO A 22 13.31 -6.26 5.33
C PRO A 22 13.65 -4.88 5.90
N GLU A 23 14.46 -4.14 5.15
CA GLU A 23 14.87 -2.81 5.56
C GLU A 23 13.71 -1.82 5.40
N GLY A 24 12.88 -2.10 4.40
CA GLY A 24 11.74 -1.24 4.13
C GLY A 24 10.75 -1.25 5.29
N ALA A 25 10.95 -2.21 6.19
CA ALA A 25 10.09 -2.33 7.35
C ALA A 25 10.05 -1.00 8.09
N GLU A 26 11.23 -0.51 8.45
CA GLU A 26 11.33 0.76 9.17
C GLU A 26 10.68 1.87 8.34
N THR A 27 10.69 1.70 7.04
CA THR A 27 10.11 2.68 6.13
C THR A 27 8.60 2.52 6.07
N ARG A 28 8.13 1.37 6.55
CA ARG A 28 6.71 1.08 6.57
C ARG A 28 5.93 2.26 7.14
N ARG A 29 6.58 2.98 8.05
CA ARG A 29 5.97 4.13 8.69
C ARG A 29 5.69 5.22 7.65
N VAL A 30 6.49 5.20 6.59
CA VAL A 30 6.35 6.19 5.53
C VAL A 30 5.48 5.60 4.41
N ILE A 31 5.42 4.28 4.39
CA ILE A 31 4.64 3.58 3.39
C ILE A 31 3.18 3.48 3.86
N GLU A 32 3.03 2.90 5.04
CA GLU A 32 1.70 2.72 5.63
C GLU A 32 0.86 3.99 5.42
N LYS A 33 1.52 5.13 5.56
CA LYS A 33 0.86 6.40 5.39
C LYS A 33 0.26 6.49 3.98
N LEU A 34 1.09 6.14 3.01
CA LEU A 34 0.66 6.16 1.62
C LEU A 34 -0.64 5.36 1.48
N ALA A 35 -0.63 4.18 2.09
CA ALA A 35 -1.79 3.30 2.02
C ALA A 35 -2.91 3.91 2.87
N ARG A 36 -2.62 4.05 4.16
CA ARG A 36 -3.60 4.61 5.08
C ARG A 36 -4.25 5.87 4.49
N PHE A 37 -3.49 6.52 3.62
CA PHE A 37 -3.97 7.72 2.97
C PHE A 37 -4.73 7.40 1.68
N VAL A 38 -4.12 6.53 0.89
CA VAL A 38 -4.73 6.12 -0.37
C VAL A 38 -5.96 5.27 -0.08
N ALA A 39 -5.72 4.05 0.38
CA ALA A 39 -6.79 3.14 0.70
C ALA A 39 -7.94 3.91 1.35
N GLU A 40 -7.57 4.96 2.07
CA GLU A 40 -8.55 5.78 2.75
C GLU A 40 -9.47 6.46 1.73
N GLY A 41 -8.88 7.34 0.94
CA GLY A 41 -9.63 8.06 -0.07
C GLY A 41 -9.88 7.18 -1.30
N GLY A 42 -8.80 6.85 -1.99
CA GLY A 42 -8.89 6.02 -3.17
C GLY A 42 -7.68 6.26 -4.09
N PRO A 43 -7.97 6.18 -5.42
CA PRO A 43 -6.93 6.40 -6.42
C PRO A 43 -6.57 7.88 -6.54
N GLU A 44 -7.58 8.71 -6.33
CA GLU A 44 -7.38 10.15 -6.42
C GLU A 44 -6.20 10.58 -5.54
N LEU A 45 -5.99 9.80 -4.47
CA LEU A 45 -4.91 10.10 -3.55
C LEU A 45 -3.59 9.63 -4.16
N GLU A 46 -3.65 8.49 -4.83
CA GLU A 46 -2.47 7.92 -5.46
C GLU A 46 -1.93 8.88 -6.53
N LYS A 47 -2.86 9.48 -7.26
CA LYS A 47 -2.48 10.41 -8.30
C LYS A 47 -1.91 11.68 -7.68
N VAL A 48 -2.53 12.10 -6.59
CA VAL A 48 -2.10 13.29 -5.88
C VAL A 48 -0.76 13.01 -5.19
N ALA A 49 -0.64 11.77 -4.71
CA ALA A 49 0.58 11.36 -4.02
C ALA A 49 1.78 11.61 -4.93
N MET A 50 1.61 11.25 -6.19
CA MET A 50 2.67 11.43 -7.18
C MET A 50 2.96 12.92 -7.41
N GLU A 51 2.06 13.74 -6.91
CA GLU A 51 2.20 15.18 -7.05
C GLU A 51 2.90 15.77 -5.82
N ASP A 52 2.50 15.29 -4.66
CA ASP A 52 3.07 15.75 -3.40
C ASP A 52 4.55 15.33 -3.34
N TYR A 53 4.81 14.13 -3.83
CA TYR A 53 6.16 13.61 -3.83
C TYR A 53 6.74 13.58 -5.25
N LYS A 54 6.26 14.52 -6.06
CA LYS A 54 6.72 14.61 -7.43
C LYS A 54 8.25 14.48 -7.47
N ASP A 55 8.91 15.37 -6.74
CA ASP A 55 10.36 15.37 -6.68
C ASP A 55 10.80 15.03 -5.26
N ASN A 56 10.82 13.73 -4.96
CA ASN A 56 11.21 13.27 -3.65
C ASN A 56 12.17 12.07 -3.81
N PRO A 57 13.40 12.25 -3.27
CA PRO A 57 14.41 11.20 -3.34
C PRO A 57 14.10 10.08 -2.35
N ALA A 58 13.02 10.27 -1.61
CA ALA A 58 12.60 9.28 -0.62
C ALA A 58 11.48 8.43 -1.20
N PHE A 59 10.52 9.11 -1.81
CA PHE A 59 9.39 8.43 -2.42
C PHE A 59 9.69 8.02 -3.86
N THR A 60 10.97 7.80 -4.13
CA THR A 60 11.41 7.41 -5.45
C THR A 60 10.75 6.08 -5.86
N PHE A 61 10.18 5.42 -4.88
CA PHE A 61 9.52 4.15 -5.11
C PHE A 61 8.19 4.35 -5.83
N LEU A 62 7.51 5.42 -5.47
CA LEU A 62 6.22 5.74 -6.07
C LEU A 62 6.33 5.59 -7.59
N HIS A 63 7.04 6.55 -8.19
CA HIS A 63 7.23 6.54 -9.63
C HIS A 63 7.72 5.16 -10.07
N ASP A 64 8.88 4.79 -9.55
CA ASP A 64 9.47 3.50 -9.90
C ASP A 64 8.67 2.38 -9.22
N LYS A 65 7.51 2.11 -9.80
CA LYS A 65 6.64 1.07 -9.27
C LYS A 65 7.48 -0.17 -8.95
N ASN A 66 8.40 -0.47 -9.84
CA ASN A 66 9.28 -1.61 -9.66
C ASN A 66 10.51 -1.20 -8.85
N SER A 67 10.24 -0.61 -7.69
CA SER A 67 11.31 -0.16 -6.82
C SER A 67 11.52 -1.17 -5.68
N ARG A 68 10.68 -1.05 -4.67
CA ARG A 68 10.76 -1.94 -3.53
C ARG A 68 9.77 -1.51 -2.45
N GLU A 69 9.52 -0.21 -2.39
CA GLU A 69 8.60 0.34 -1.42
C GLU A 69 7.17 0.34 -1.98
N PHE A 70 7.09 0.53 -3.30
CA PHE A 70 5.80 0.56 -3.96
C PHE A 70 5.08 -0.78 -3.84
N LEU A 71 5.88 -1.84 -3.75
CA LEU A 71 5.34 -3.18 -3.61
C LEU A 71 4.77 -3.37 -2.21
N TYR A 72 5.59 -3.04 -1.23
CA TYR A 72 5.19 -3.17 0.16
C TYR A 72 3.94 -2.33 0.44
N TYR A 73 3.87 -1.19 -0.22
CA TYR A 73 2.73 -0.30 -0.05
C TYR A 73 1.43 -0.97 -0.47
N ARG A 74 1.49 -1.65 -1.62
CA ARG A 74 0.33 -2.33 -2.14
C ARG A 74 -0.07 -3.49 -1.21
N ARG A 75 0.95 -4.04 -0.55
CA ARG A 75 0.73 -5.14 0.37
C ARG A 75 -0.08 -4.67 1.59
N LYS A 76 0.34 -3.55 2.13
CA LYS A 76 -0.32 -2.98 3.29
C LYS A 76 -1.66 -2.38 2.86
N VAL A 77 -1.67 -1.79 1.68
CA VAL A 77 -2.87 -1.18 1.15
C VAL A 77 -4.03 -2.17 1.24
N ALA A 78 -3.72 -3.43 0.95
CA ALA A 78 -4.71 -4.48 1.00
C ALA A 78 -5.11 -4.73 2.47
N GLU A 79 -4.16 -4.45 3.35
CA GLU A 79 -4.40 -4.64 4.78
C GLU A 79 -5.28 -3.52 5.32
N ILE A 80 -4.82 -2.30 5.09
CA ILE A 80 -5.55 -1.13 5.55
C ILE A 80 -6.89 -1.04 4.81
N ARG A 81 -6.84 -1.34 3.52
CA ARG A 81 -8.03 -1.30 2.69
C ARG A 81 -9.20 -1.97 3.42
N LYS A 82 -9.09 -3.27 3.59
CA LYS A 82 -10.13 -4.03 4.26
C LYS A 82 -10.51 -3.32 5.56
N SER A 83 -11.80 -3.31 5.85
CA SER A 83 -12.31 -2.67 7.05
C SER A 83 -13.73 -3.15 7.34
N GLY A 84 -14.53 -3.21 6.28
CA GLY A 84 -15.91 -3.64 6.41
C GLY A 84 -16.51 -3.99 5.05
N PRO A 85 -17.05 -2.94 4.37
CA PRO A 85 -17.64 -3.12 3.06
C PRO A 85 -16.57 -3.30 1.99
N SER A 86 -17.04 -3.59 0.78
CA SER A 86 -16.13 -3.79 -0.34
C SER A 86 -16.93 -3.85 -1.65
N SER A 87 -16.25 -3.49 -2.73
CA SER A 87 -16.88 -3.51 -4.04
C SER A 87 -18.26 -2.86 -3.96
N GLY A 88 -18.29 -1.57 -4.28
CA GLY A 88 -19.54 -0.82 -4.26
C GLY A 88 -19.32 0.61 -3.76
N GLY A 1 -11.70 -19.14 -15.77
CA GLY A 1 -12.54 -17.99 -15.55
C GLY A 1 -13.57 -18.24 -14.45
N SER A 2 -13.43 -17.51 -13.37
CA SER A 2 -14.34 -17.65 -12.24
C SER A 2 -14.82 -16.27 -11.78
N SER A 3 -15.86 -16.28 -10.96
CA SER A 3 -16.42 -15.04 -10.44
C SER A 3 -15.87 -14.77 -9.04
N GLY A 4 -16.18 -13.58 -8.54
CA GLY A 4 -15.72 -13.19 -7.21
C GLY A 4 -16.55 -13.88 -6.13
N SER A 5 -16.59 -13.25 -4.96
CA SER A 5 -17.33 -13.79 -3.83
C SER A 5 -17.18 -12.88 -2.62
N SER A 6 -17.98 -13.17 -1.60
CA SER A 6 -17.95 -12.39 -0.38
C SER A 6 -16.64 -12.63 0.36
N GLY A 7 -16.15 -11.57 1.01
CA GLY A 7 -14.91 -11.66 1.75
C GLY A 7 -13.72 -11.89 0.82
N GLU A 8 -12.58 -11.37 1.25
CA GLU A 8 -11.35 -11.52 0.46
C GLU A 8 -10.14 -11.60 1.38
N GLU A 9 -10.10 -12.68 2.16
CA GLU A 9 -9.00 -12.89 3.08
C GLU A 9 -7.68 -12.46 2.44
N ASP A 10 -7.63 -12.57 1.12
CA ASP A 10 -6.43 -12.19 0.38
C ASP A 10 -5.86 -10.91 0.97
N TYR A 11 -6.70 -9.88 1.03
CA TYR A 11 -6.30 -8.60 1.56
C TYR A 11 -5.37 -8.78 2.77
N GLU A 12 -5.58 -9.88 3.48
CA GLU A 12 -4.77 -10.17 4.65
C GLU A 12 -3.84 -11.36 4.36
N GLN A 13 -4.24 -12.17 3.39
CA GLN A 13 -3.46 -13.33 3.02
C GLN A 13 -2.21 -12.90 2.23
N TRP A 14 -2.24 -11.65 1.77
CA TRP A 14 -1.13 -11.11 1.01
C TRP A 14 -0.09 -10.58 2.00
N LEU A 15 -0.57 -10.24 3.19
CA LEU A 15 0.30 -9.73 4.23
C LEU A 15 1.28 -10.82 4.65
N GLU A 16 0.83 -12.06 4.53
CA GLU A 16 1.65 -13.20 4.90
C GLU A 16 2.98 -13.16 4.14
N ILE A 17 2.93 -12.64 2.93
CA ILE A 17 4.11 -12.54 2.10
C ILE A 17 4.59 -11.09 2.07
N LYS A 18 5.52 -10.78 2.97
CA LYS A 18 6.06 -9.43 3.05
C LYS A 18 6.90 -9.14 1.80
N VAL A 19 7.29 -7.88 1.67
CA VAL A 19 8.08 -7.46 0.53
C VAL A 19 9.55 -7.32 0.96
N SER A 20 10.40 -8.11 0.34
CA SER A 20 11.81 -8.08 0.64
C SER A 20 12.44 -6.79 0.11
N PRO A 21 13.51 -6.33 0.82
CA PRO A 21 14.00 -7.05 1.99
C PRO A 21 13.07 -6.84 3.19
N PRO A 22 13.38 -7.57 4.29
CA PRO A 22 12.59 -7.47 5.50
C PRO A 22 12.89 -6.17 6.25
N GLU A 23 13.71 -5.35 5.62
CA GLU A 23 14.08 -4.06 6.21
C GLU A 23 12.92 -3.08 6.11
N GLY A 24 12.00 -3.39 5.20
CA GLY A 24 10.84 -2.54 4.99
C GLY A 24 10.05 -2.37 6.28
N ALA A 25 10.30 -3.27 7.22
CA ALA A 25 9.62 -3.23 8.51
C ALA A 25 9.65 -1.79 9.05
N GLU A 26 10.70 -1.08 8.68
CA GLU A 26 10.86 0.30 9.13
C GLU A 26 10.12 1.25 8.19
N THR A 27 10.57 1.26 6.94
CA THR A 27 9.96 2.11 5.93
C THR A 27 8.44 1.95 5.95
N ARG A 28 8.01 0.80 6.44
CA ARG A 28 6.59 0.51 6.51
C ARG A 28 5.82 1.69 7.09
N ARG A 29 6.53 2.47 7.90
CA ARG A 29 5.94 3.65 8.52
C ARG A 29 5.69 4.74 7.48
N VAL A 30 6.64 4.84 6.55
CA VAL A 30 6.54 5.84 5.50
C VAL A 30 5.63 5.31 4.38
N ILE A 31 5.37 4.01 4.44
CA ILE A 31 4.53 3.37 3.44
C ILE A 31 3.09 3.35 3.95
N GLU A 32 2.93 2.82 5.16
CA GLU A 32 1.61 2.73 5.77
C GLU A 32 0.89 4.07 5.67
N LYS A 33 1.66 5.13 5.78
CA LYS A 33 1.11 6.48 5.70
C LYS A 33 0.54 6.71 4.30
N LEU A 34 1.33 6.32 3.31
CA LEU A 34 0.93 6.48 1.92
C LEU A 34 -0.31 5.63 1.65
N ALA A 35 -0.23 4.38 2.10
CA ALA A 35 -1.33 3.45 1.91
C ALA A 35 -2.54 3.93 2.71
N ARG A 36 -2.29 4.27 3.96
CA ARG A 36 -3.34 4.74 4.84
C ARG A 36 -4.06 5.93 4.21
N PHE A 37 -3.26 6.83 3.63
CA PHE A 37 -3.82 8.01 2.99
C PHE A 37 -4.49 7.65 1.66
N VAL A 38 -3.94 6.64 1.01
CA VAL A 38 -4.48 6.20 -0.26
C VAL A 38 -5.79 5.44 -0.02
N ALA A 39 -5.66 4.22 0.45
CA ALA A 39 -6.82 3.39 0.74
C ALA A 39 -7.90 4.24 1.41
N GLU A 40 -7.44 5.26 2.12
CA GLU A 40 -8.35 6.15 2.81
C GLU A 40 -9.31 6.82 1.82
N GLY A 41 -8.71 7.51 0.85
CA GLY A 41 -9.49 8.20 -0.16
C GLY A 41 -9.72 7.30 -1.38
N GLY A 42 -8.63 6.72 -1.87
CA GLY A 42 -8.70 5.84 -3.01
C GLY A 42 -7.49 6.06 -3.94
N PRO A 43 -7.75 5.85 -5.27
CA PRO A 43 -6.71 6.02 -6.26
C PRO A 43 -6.41 7.50 -6.50
N GLU A 44 -7.42 8.32 -6.25
CA GLU A 44 -7.29 9.76 -6.44
C GLU A 44 -6.10 10.29 -5.62
N LEU A 45 -5.88 9.65 -4.48
CA LEU A 45 -4.79 10.05 -3.60
C LEU A 45 -3.47 9.58 -4.20
N GLU A 46 -3.44 8.31 -4.59
CA GLU A 46 -2.24 7.74 -5.17
C GLU A 46 -1.70 8.64 -6.29
N LYS A 47 -2.60 8.97 -7.22
CA LYS A 47 -2.23 9.81 -8.34
C LYS A 47 -1.74 11.17 -7.81
N VAL A 48 -2.61 11.80 -7.03
CA VAL A 48 -2.29 13.10 -6.46
C VAL A 48 -0.92 13.02 -5.78
N ALA A 49 -0.73 11.95 -5.02
CA ALA A 49 0.52 11.74 -4.32
C ALA A 49 1.69 12.06 -5.25
N MET A 50 1.73 11.36 -6.37
CA MET A 50 2.78 11.56 -7.34
C MET A 50 3.01 13.04 -7.61
N GLU A 51 1.97 13.82 -7.35
CA GLU A 51 2.04 15.26 -7.56
C GLU A 51 2.35 15.97 -6.25
N ASP A 52 1.51 15.69 -5.24
CA ASP A 52 1.69 16.30 -3.93
C ASP A 52 3.14 16.16 -3.49
N TYR A 53 3.70 14.99 -3.79
CA TYR A 53 5.08 14.71 -3.44
C TYR A 53 6.00 14.81 -4.66
N LYS A 54 5.58 15.65 -5.60
CA LYS A 54 6.35 15.84 -6.82
C LYS A 54 7.84 15.79 -6.49
N ASP A 55 8.19 16.41 -5.37
CA ASP A 55 9.57 16.43 -4.93
C ASP A 55 9.75 15.48 -3.74
N ASN A 56 9.81 14.20 -4.06
CA ASN A 56 9.98 13.17 -3.05
C ASN A 56 11.42 12.66 -3.07
N PRO A 57 12.11 12.85 -1.92
CA PRO A 57 13.50 12.41 -1.79
C PRO A 57 13.58 10.89 -1.65
N ALA A 58 12.94 10.39 -0.61
CA ALA A 58 12.93 8.96 -0.34
C ALA A 58 11.63 8.36 -0.86
N PHE A 59 10.67 9.24 -1.13
CA PHE A 59 9.38 8.81 -1.63
C PHE A 59 9.39 8.69 -3.15
N THR A 60 10.56 8.39 -3.69
CA THR A 60 10.72 8.25 -5.13
C THR A 60 10.16 6.90 -5.60
N PHE A 61 9.99 6.00 -4.64
CA PHE A 61 9.46 4.68 -4.94
C PHE A 61 8.11 4.77 -5.62
N LEU A 62 7.44 5.90 -5.41
CA LEU A 62 6.13 6.11 -6.00
C LEU A 62 6.22 5.94 -7.52
N HIS A 63 6.98 6.83 -8.14
CA HIS A 63 7.15 6.79 -9.58
C HIS A 63 7.62 5.39 -10.00
N ASP A 64 8.86 5.09 -9.64
CA ASP A 64 9.45 3.80 -9.97
C ASP A 64 8.61 2.69 -9.34
N LYS A 65 7.93 1.95 -10.19
CA LYS A 65 7.08 0.85 -9.73
C LYS A 65 7.96 -0.25 -9.15
N ASN A 66 8.74 -0.87 -10.02
CA ASN A 66 9.63 -1.94 -9.62
C ASN A 66 10.77 -1.36 -8.78
N SER A 67 10.41 -0.87 -7.60
CA SER A 67 11.39 -0.28 -6.70
C SER A 67 11.58 -1.19 -5.49
N ARG A 68 10.73 -0.99 -4.50
CA ARG A 68 10.79 -1.77 -3.28
C ARG A 68 9.78 -1.25 -2.25
N GLU A 69 9.54 0.05 -2.32
CA GLU A 69 8.60 0.69 -1.41
C GLU A 69 7.20 0.71 -2.01
N PHE A 70 7.14 0.40 -3.31
CA PHE A 70 5.87 0.38 -4.01
C PHE A 70 5.24 -1.01 -3.97
N LEU A 71 6.10 -2.01 -3.75
CA LEU A 71 5.65 -3.39 -3.68
C LEU A 71 4.91 -3.61 -2.36
N TYR A 72 5.59 -3.27 -1.27
CA TYR A 72 5.02 -3.43 0.05
C TYR A 72 3.79 -2.54 0.23
N TYR A 73 3.86 -1.37 -0.36
CA TYR A 73 2.76 -0.42 -0.28
C TYR A 73 1.44 -1.08 -0.67
N ARG A 74 1.37 -1.53 -1.90
CA ARG A 74 0.18 -2.18 -2.42
C ARG A 74 -0.24 -3.32 -1.48
N ARG A 75 0.76 -4.05 -1.00
CA ARG A 75 0.51 -5.16 -0.11
C ARG A 75 -0.23 -4.67 1.15
N LYS A 76 0.42 -3.79 1.88
CA LYS A 76 -0.16 -3.25 3.10
C LYS A 76 -1.47 -2.54 2.76
N VAL A 77 -1.46 -1.88 1.61
CA VAL A 77 -2.65 -1.16 1.15
C VAL A 77 -3.87 -2.07 1.28
N ALA A 78 -3.66 -3.33 0.95
CA ALA A 78 -4.74 -4.31 1.02
C ALA A 78 -5.11 -4.55 2.48
N GLU A 79 -4.12 -4.42 3.35
CA GLU A 79 -4.34 -4.61 4.76
C GLU A 79 -5.16 -3.45 5.34
N ILE A 80 -4.61 -2.26 5.19
CA ILE A 80 -5.26 -1.06 5.68
C ILE A 80 -6.63 -0.92 5.01
N ARG A 81 -6.66 -1.23 3.72
CA ARG A 81 -7.89 -1.14 2.96
C ARG A 81 -9.06 -1.72 3.77
N LYS A 82 -8.94 -3.01 4.08
CA LYS A 82 -9.97 -3.69 4.85
C LYS A 82 -10.00 -3.13 6.28
N SER A 83 -11.18 -2.75 6.71
CA SER A 83 -11.36 -2.20 8.04
C SER A 83 -12.83 -1.82 8.25
N GLY A 84 -13.61 -2.79 8.70
CA GLY A 84 -15.02 -2.57 8.94
C GLY A 84 -15.62 -1.63 7.90
N PRO A 85 -15.75 -2.16 6.65
CA PRO A 85 -16.31 -1.38 5.56
C PRO A 85 -17.83 -1.26 5.70
N SER A 86 -18.37 -0.30 4.97
CA SER A 86 -19.80 -0.05 4.99
C SER A 86 -20.16 1.13 4.09
N SER A 87 -20.34 0.83 2.82
CA SER A 87 -20.67 1.86 1.85
C SER A 87 -19.88 3.13 2.14
N GLY A 88 -18.70 3.21 1.52
CA GLY A 88 -17.84 4.36 1.70
C GLY A 88 -16.98 4.21 2.96
N GLY A 1 -5.42 -23.86 -4.83
CA GLY A 1 -6.51 -24.40 -4.04
C GLY A 1 -7.37 -23.26 -3.47
N SER A 2 -8.66 -23.54 -3.36
CA SER A 2 -9.59 -22.56 -2.82
C SER A 2 -10.42 -23.20 -1.69
N SER A 3 -10.55 -22.43 -0.61
CA SER A 3 -11.33 -22.90 0.53
C SER A 3 -11.31 -21.84 1.63
N GLY A 4 -12.31 -20.98 1.58
CA GLY A 4 -12.43 -19.91 2.56
C GLY A 4 -12.46 -18.53 1.89
N SER A 5 -13.46 -18.36 1.04
CA SER A 5 -13.63 -17.10 0.33
C SER A 5 -12.27 -16.64 -0.23
N SER A 6 -12.01 -17.05 -1.47
CA SER A 6 -10.77 -16.68 -2.12
C SER A 6 -11.05 -15.73 -3.28
N GLY A 7 -10.53 -14.51 -3.15
CA GLY A 7 -10.71 -13.50 -4.18
C GLY A 7 -10.71 -12.10 -3.57
N GLU A 8 -11.11 -12.04 -2.30
CA GLU A 8 -11.16 -10.77 -1.60
C GLU A 8 -10.25 -10.81 -0.37
N GLU A 9 -10.54 -11.76 0.51
CA GLU A 9 -9.76 -11.91 1.73
C GLU A 9 -8.26 -11.88 1.40
N ASP A 10 -7.95 -12.23 0.17
CA ASP A 10 -6.57 -12.25 -0.28
C ASP A 10 -5.84 -11.03 0.28
N TYR A 11 -6.58 -9.94 0.40
CA TYR A 11 -6.02 -8.71 0.92
C TYR A 11 -5.12 -8.99 2.14
N GLU A 12 -5.40 -10.10 2.79
CA GLU A 12 -4.64 -10.49 3.96
C GLU A 12 -3.69 -11.65 3.63
N GLN A 13 -4.10 -12.42 2.63
CA GLN A 13 -3.30 -13.56 2.20
C GLN A 13 -1.96 -13.09 1.62
N TRP A 14 -1.92 -11.81 1.30
CA TRP A 14 -0.70 -11.22 0.75
C TRP A 14 0.20 -10.80 1.92
N LEU A 15 -0.44 -10.42 3.00
CA LEU A 15 0.29 -10.00 4.19
C LEU A 15 1.25 -11.12 4.62
N GLU A 16 0.96 -12.32 4.13
CA GLU A 16 1.78 -13.47 4.45
C GLU A 16 3.16 -13.35 3.79
N ILE A 17 3.15 -12.79 2.59
CA ILE A 17 4.38 -12.60 1.85
C ILE A 17 4.72 -11.11 1.79
N LYS A 18 5.56 -10.68 2.73
CA LYS A 18 5.96 -9.29 2.79
C LYS A 18 6.84 -8.96 1.59
N VAL A 19 7.27 -7.71 1.54
CA VAL A 19 8.12 -7.26 0.45
C VAL A 19 9.54 -7.04 0.96
N SER A 20 10.50 -7.43 0.14
CA SER A 20 11.91 -7.27 0.50
C SER A 20 12.47 -6.00 -0.12
N PRO A 21 13.60 -5.52 0.46
CA PRO A 21 14.20 -6.21 1.60
C PRO A 21 13.41 -5.96 2.87
N PRO A 22 13.83 -6.65 3.96
CA PRO A 22 13.16 -6.51 5.24
C PRO A 22 13.53 -5.19 5.91
N GLU A 23 14.29 -4.38 5.18
CA GLU A 23 14.71 -3.10 5.69
C GLU A 23 13.54 -2.11 5.68
N GLY A 24 12.73 -2.21 4.64
CA GLY A 24 11.58 -1.34 4.50
C GLY A 24 10.67 -1.43 5.72
N ALA A 25 10.88 -2.49 6.50
CA ALA A 25 10.09 -2.71 7.70
C ALA A 25 9.96 -1.39 8.47
N GLU A 26 11.11 -0.76 8.69
CA GLU A 26 11.14 0.51 9.41
C GLU A 26 10.51 1.62 8.55
N THR A 27 10.63 1.44 7.25
CA THR A 27 10.08 2.41 6.32
C THR A 27 8.55 2.29 6.24
N ARG A 28 8.06 1.17 6.76
CA ARG A 28 6.63 0.92 6.77
C ARG A 28 5.87 2.15 7.28
N ARG A 29 6.51 2.84 8.21
CA ARG A 29 5.91 4.04 8.79
C ARG A 29 5.68 5.10 7.70
N VAL A 30 6.52 5.05 6.68
CA VAL A 30 6.43 5.99 5.58
C VAL A 30 5.60 5.37 4.46
N ILE A 31 5.65 4.04 4.40
CA ILE A 31 4.91 3.32 3.37
C ILE A 31 3.43 3.23 3.78
N GLU A 32 3.20 2.51 4.87
CA GLU A 32 1.85 2.33 5.38
C GLU A 32 1.08 3.64 5.28
N LYS A 33 1.79 4.74 5.54
CA LYS A 33 1.18 6.06 5.50
C LYS A 33 0.56 6.27 4.11
N LEU A 34 1.36 6.00 3.09
CA LEU A 34 0.90 6.16 1.72
C LEU A 34 -0.31 5.25 1.48
N ALA A 35 -0.45 4.26 2.34
CA ALA A 35 -1.56 3.32 2.23
C ALA A 35 -2.74 3.86 3.03
N ARG A 36 -2.49 4.08 4.31
CA ARG A 36 -3.53 4.58 5.19
C ARG A 36 -4.10 5.90 4.65
N PHE A 37 -3.33 6.52 3.78
CA PHE A 37 -3.74 7.78 3.18
C PHE A 37 -4.47 7.55 1.86
N VAL A 38 -3.92 6.64 1.07
CA VAL A 38 -4.51 6.31 -0.22
C VAL A 38 -5.78 5.49 0.00
N ALA A 39 -5.57 4.23 0.38
CA ALA A 39 -6.70 3.33 0.62
C ALA A 39 -7.81 4.10 1.32
N GLU A 40 -7.41 5.06 2.13
CA GLU A 40 -8.38 5.88 2.87
C GLU A 40 -9.33 6.57 1.90
N GLY A 41 -8.77 7.47 1.11
CA GLY A 41 -9.56 8.21 0.14
C GLY A 41 -9.89 7.35 -1.08
N GLY A 42 -8.84 6.91 -1.76
CA GLY A 42 -9.01 6.07 -2.93
C GLY A 42 -7.84 6.24 -3.89
N PRO A 43 -8.15 6.17 -5.22
CA PRO A 43 -7.14 6.31 -6.24
C PRO A 43 -6.72 7.77 -6.40
N GLU A 44 -7.69 8.65 -6.24
CA GLU A 44 -7.44 10.08 -6.36
C GLU A 44 -6.24 10.48 -5.49
N LEU A 45 -6.09 9.76 -4.39
CA LEU A 45 -4.99 10.03 -3.47
C LEU A 45 -3.68 9.56 -4.10
N GLU A 46 -3.80 8.57 -4.97
CA GLU A 46 -2.64 8.01 -5.65
C GLU A 46 -2.22 8.91 -6.81
N LYS A 47 -3.20 9.64 -7.33
CA LYS A 47 -2.95 10.54 -8.45
C LYS A 47 -2.38 11.85 -7.91
N VAL A 48 -2.77 12.19 -6.69
CA VAL A 48 -2.31 13.41 -6.05
C VAL A 48 -0.93 13.16 -5.43
N ALA A 49 -0.77 11.97 -4.90
CA ALA A 49 0.49 11.59 -4.27
C ALA A 49 1.62 11.72 -5.29
N MET A 50 1.35 11.25 -6.50
CA MET A 50 2.33 11.31 -7.56
C MET A 50 2.75 12.75 -7.84
N GLU A 51 1.91 13.67 -7.42
CA GLU A 51 2.18 15.08 -7.62
C GLU A 51 2.78 15.70 -6.35
N ASP A 52 2.11 15.44 -5.24
CA ASP A 52 2.56 15.96 -3.96
C ASP A 52 4.05 15.66 -3.80
N TYR A 53 4.41 14.42 -4.11
CA TYR A 53 5.79 14.00 -4.00
C TYR A 53 6.45 13.90 -5.37
N LYS A 54 5.96 14.74 -6.28
CA LYS A 54 6.49 14.76 -7.64
C LYS A 54 8.02 14.79 -7.59
N ASP A 55 8.53 15.64 -6.71
CA ASP A 55 9.97 15.76 -6.55
C ASP A 55 10.35 15.44 -5.11
N ASN A 56 10.47 14.14 -4.84
CA ASN A 56 10.82 13.67 -3.52
C ASN A 56 11.89 12.59 -3.64
N PRO A 57 13.07 12.87 -3.02
CA PRO A 57 14.17 11.92 -3.05
C PRO A 57 13.92 10.75 -2.10
N ALA A 58 12.81 10.85 -1.38
CA ALA A 58 12.45 9.81 -0.42
C ALA A 58 11.38 8.90 -1.05
N PHE A 59 10.35 9.54 -1.60
CA PHE A 59 9.28 8.82 -2.24
C PHE A 59 9.59 8.51 -3.71
N THR A 60 10.88 8.33 -3.96
CA THR A 60 11.33 8.04 -5.32
C THR A 60 10.77 6.70 -5.80
N PHE A 61 10.21 5.96 -4.85
CA PHE A 61 9.63 4.67 -5.16
C PHE A 61 8.31 4.82 -5.92
N LEU A 62 7.64 5.94 -5.67
CA LEU A 62 6.39 6.22 -6.31
C LEU A 62 6.44 5.77 -7.78
N HIS A 63 7.22 6.50 -8.56
CA HIS A 63 7.39 6.19 -9.97
C HIS A 63 8.28 4.95 -10.12
N ASP A 64 7.84 3.86 -9.51
CA ASP A 64 8.58 2.62 -9.57
C ASP A 64 7.68 1.46 -9.11
N LYS A 65 7.27 0.66 -10.08
CA LYS A 65 6.41 -0.47 -9.79
C LYS A 65 7.25 -1.76 -9.77
N ASN A 66 8.46 -1.61 -9.25
CA ASN A 66 9.38 -2.74 -9.16
C ASN A 66 10.61 -2.34 -8.36
N SER A 67 10.37 -1.69 -7.23
CA SER A 67 11.45 -1.24 -6.38
C SER A 67 11.46 -2.05 -5.07
N ARG A 68 10.63 -1.61 -4.14
CA ARG A 68 10.54 -2.28 -2.85
C ARG A 68 9.62 -1.50 -1.91
N GLU A 69 9.60 -0.19 -2.11
CA GLU A 69 8.77 0.68 -1.29
C GLU A 69 7.37 0.80 -1.89
N PHE A 70 7.27 0.40 -3.15
CA PHE A 70 6.00 0.46 -3.85
C PHE A 70 5.24 -0.87 -3.74
N LEU A 71 6.02 -1.94 -3.65
CA LEU A 71 5.43 -3.27 -3.54
C LEU A 71 4.83 -3.44 -2.13
N TYR A 72 5.66 -3.15 -1.14
CA TYR A 72 5.22 -3.26 0.24
C TYR A 72 4.02 -2.35 0.52
N TYR A 73 4.02 -1.20 -0.16
CA TYR A 73 2.95 -0.24 0.01
C TYR A 73 1.62 -0.82 -0.47
N ARG A 74 1.62 -1.26 -1.72
CA ARG A 74 0.42 -1.84 -2.31
C ARG A 74 -0.04 -3.05 -1.50
N ARG A 75 0.92 -3.66 -0.81
CA ARG A 75 0.62 -4.83 0.00
C ARG A 75 -0.27 -4.44 1.17
N LYS A 76 0.35 -3.87 2.19
CA LYS A 76 -0.38 -3.45 3.37
C LYS A 76 -1.67 -2.75 2.95
N VAL A 77 -1.58 -2.04 1.83
CA VAL A 77 -2.73 -1.33 1.31
C VAL A 77 -3.96 -2.23 1.34
N ALA A 78 -3.75 -3.49 0.95
CA ALA A 78 -4.82 -4.46 0.93
C ALA A 78 -5.33 -4.68 2.35
N GLU A 79 -4.40 -4.63 3.30
CA GLU A 79 -4.74 -4.82 4.70
C GLU A 79 -5.56 -3.63 5.21
N ILE A 80 -4.97 -2.45 5.11
CA ILE A 80 -5.64 -1.24 5.55
C ILE A 80 -6.92 -1.04 4.75
N ARG A 81 -6.84 -1.35 3.46
CA ARG A 81 -7.98 -1.21 2.58
C ARG A 81 -9.23 -1.81 3.24
N LYS A 82 -9.14 -3.11 3.50
CA LYS A 82 -10.24 -3.82 4.13
C LYS A 82 -10.70 -3.06 5.38
N SER A 83 -11.93 -3.33 5.77
CA SER A 83 -12.50 -2.68 6.95
C SER A 83 -13.06 -1.31 6.57
N GLY A 84 -13.89 -1.30 5.54
CA GLY A 84 -14.49 -0.08 5.06
C GLY A 84 -13.49 1.08 5.07
N PRO A 85 -12.80 1.24 3.92
CA PRO A 85 -11.81 2.30 3.79
C PRO A 85 -12.48 3.67 3.63
N SER A 86 -13.09 4.12 4.71
CA SER A 86 -13.77 5.40 4.68
C SER A 86 -14.90 5.39 3.64
N SER A 87 -16.07 4.96 4.09
CA SER A 87 -17.23 4.90 3.20
C SER A 87 -16.89 4.05 1.98
N GLY A 88 -17.30 2.79 2.05
CA GLY A 88 -17.07 1.85 0.96
C GLY A 88 -17.74 0.51 1.23
N GLY A 1 -2.85 -13.71 -18.72
CA GLY A 1 -2.65 -12.94 -17.50
C GLY A 1 -3.86 -13.07 -16.58
N SER A 2 -4.95 -12.40 -16.97
CA SER A 2 -6.17 -12.44 -16.18
C SER A 2 -5.93 -11.79 -14.82
N SER A 3 -7.03 -11.42 -14.17
CA SER A 3 -6.96 -10.80 -12.86
C SER A 3 -8.36 -10.72 -12.24
N GLY A 4 -8.38 -10.38 -10.96
CA GLY A 4 -9.63 -10.27 -10.24
C GLY A 4 -9.46 -9.44 -8.97
N SER A 5 -10.36 -8.48 -8.80
CA SER A 5 -10.33 -7.61 -7.64
C SER A 5 -11.49 -7.94 -6.70
N SER A 6 -11.37 -9.07 -6.02
CA SER A 6 -12.40 -9.51 -5.10
C SER A 6 -11.87 -9.43 -3.66
N GLY A 7 -12.18 -8.32 -3.01
CA GLY A 7 -11.76 -8.11 -1.64
C GLY A 7 -12.01 -9.35 -0.79
N GLU A 8 -10.94 -10.10 -0.54
CA GLU A 8 -11.04 -11.31 0.25
C GLU A 8 -10.06 -11.26 1.43
N GLU A 9 -10.28 -12.15 2.38
CA GLU A 9 -9.43 -12.22 3.56
C GLU A 9 -7.96 -12.19 3.14
N ASP A 10 -7.70 -12.59 1.90
CA ASP A 10 -6.35 -12.61 1.39
C ASP A 10 -5.70 -11.24 1.62
N TYR A 11 -6.54 -10.21 1.61
CA TYR A 11 -6.07 -8.85 1.82
C TYR A 11 -5.01 -8.81 2.92
N GLU A 12 -5.08 -9.78 3.81
CA GLU A 12 -4.13 -9.86 4.91
C GLU A 12 -3.15 -11.00 4.68
N GLN A 13 -3.61 -12.00 3.94
CA GLN A 13 -2.78 -13.15 3.64
C GLN A 13 -1.57 -12.73 2.81
N TRP A 14 -1.62 -11.50 2.33
CA TRP A 14 -0.53 -10.97 1.52
C TRP A 14 0.49 -10.32 2.46
N LEU A 15 0.03 -10.04 3.67
CA LEU A 15 0.88 -9.42 4.67
C LEU A 15 1.89 -10.46 5.18
N GLU A 16 1.45 -11.71 5.17
CA GLU A 16 2.30 -12.80 5.63
C GLU A 16 3.64 -12.77 4.89
N ILE A 17 3.57 -12.42 3.62
CA ILE A 17 4.77 -12.35 2.81
C ILE A 17 5.22 -10.90 2.69
N LYS A 18 6.14 -10.51 3.56
CA LYS A 18 6.65 -9.16 3.57
C LYS A 18 7.45 -8.92 2.27
N VAL A 19 7.58 -7.65 1.93
CA VAL A 19 8.31 -7.27 0.73
C VAL A 19 9.79 -7.11 1.07
N SER A 20 10.60 -7.97 0.46
CA SER A 20 12.03 -7.93 0.68
C SER A 20 12.65 -6.71 0.00
N PRO A 21 13.77 -6.21 0.59
CA PRO A 21 14.30 -6.83 1.80
C PRO A 21 13.45 -6.49 3.02
N PRO A 22 13.82 -7.12 4.16
CA PRO A 22 13.10 -6.89 5.41
C PRO A 22 13.46 -5.53 6.01
N GLU A 23 14.26 -4.79 5.26
CA GLU A 23 14.68 -3.47 5.70
C GLU A 23 13.51 -2.50 5.68
N GLY A 24 12.59 -2.74 4.75
CA GLY A 24 11.41 -1.90 4.61
C GLY A 24 10.61 -1.87 5.91
N ALA A 25 10.92 -2.83 6.77
CA ALA A 25 10.22 -2.93 8.05
C ALA A 25 10.05 -1.53 8.64
N GLU A 26 11.06 -0.71 8.42
CA GLU A 26 11.03 0.66 8.93
C GLU A 26 10.15 1.54 8.03
N THR A 27 10.57 1.66 6.79
CA THR A 27 9.83 2.47 5.82
C THR A 27 8.33 2.18 5.93
N ARG A 28 8.02 0.99 6.40
CA ARG A 28 6.63 0.59 6.55
C ARG A 28 5.83 1.68 7.24
N ARG A 29 6.54 2.49 8.03
CA ARG A 29 5.91 3.57 8.75
C ARG A 29 5.59 4.72 7.79
N VAL A 30 6.48 4.91 6.82
CA VAL A 30 6.30 5.97 5.84
C VAL A 30 5.44 5.45 4.69
N ILE A 31 5.41 4.13 4.56
CA ILE A 31 4.63 3.50 3.50
C ILE A 31 3.15 3.50 3.90
N GLU A 32 2.89 2.94 5.07
CA GLU A 32 1.52 2.87 5.58
C GLU A 32 0.80 4.20 5.36
N LYS A 33 1.60 5.25 5.31
CA LYS A 33 1.06 6.59 5.11
C LYS A 33 0.46 6.69 3.71
N LEU A 34 1.22 6.25 2.73
CA LEU A 34 0.78 6.28 1.35
C LEU A 34 -0.55 5.54 1.23
N ALA A 35 -0.56 4.32 1.75
CA ALA A 35 -1.76 3.49 1.71
C ALA A 35 -2.83 4.12 2.61
N ARG A 36 -2.48 4.26 3.88
CA ARG A 36 -3.40 4.83 4.85
C ARG A 36 -4.02 6.11 4.29
N PHE A 37 -3.30 6.74 3.38
CA PHE A 37 -3.78 7.97 2.76
C PHE A 37 -4.51 7.67 1.45
N VAL A 38 -4.13 6.56 0.84
CA VAL A 38 -4.74 6.15 -0.42
C VAL A 38 -5.99 5.32 -0.13
N ALA A 39 -5.76 4.09 0.29
CA ALA A 39 -6.85 3.18 0.60
C ALA A 39 -7.94 3.95 1.35
N GLU A 40 -7.51 4.98 2.06
CA GLU A 40 -8.44 5.79 2.83
C GLU A 40 -9.36 6.57 1.89
N GLY A 41 -8.75 7.34 1.01
CA GLY A 41 -9.51 8.13 0.06
C GLY A 41 -9.86 7.30 -1.18
N GLY A 42 -8.82 6.81 -1.84
CA GLY A 42 -9.01 6.00 -3.04
C GLY A 42 -7.86 6.21 -4.02
N PRO A 43 -8.20 6.13 -5.34
CA PRO A 43 -7.21 6.30 -6.39
C PRO A 43 -6.83 7.77 -6.54
N GLU A 44 -7.82 8.63 -6.32
CA GLU A 44 -7.60 10.06 -6.43
C GLU A 44 -6.36 10.47 -5.63
N LEU A 45 -6.12 9.76 -4.55
CA LEU A 45 -4.99 10.05 -3.69
C LEU A 45 -3.70 9.57 -4.39
N GLU A 46 -3.67 8.28 -4.69
CA GLU A 46 -2.52 7.71 -5.36
C GLU A 46 -2.05 8.62 -6.49
N LYS A 47 -2.99 9.38 -7.02
CA LYS A 47 -2.69 10.29 -8.11
C LYS A 47 -2.08 11.58 -7.54
N VAL A 48 -2.70 12.07 -6.48
CA VAL A 48 -2.24 13.29 -5.84
C VAL A 48 -0.89 13.03 -5.17
N ALA A 49 -0.78 11.84 -4.60
CA ALA A 49 0.45 11.45 -3.92
C ALA A 49 1.61 11.56 -4.91
N MET A 50 1.42 10.96 -6.07
CA MET A 50 2.45 10.98 -7.10
C MET A 50 2.94 12.41 -7.36
N GLU A 51 2.09 13.37 -7.02
CA GLU A 51 2.42 14.77 -7.21
C GLU A 51 2.90 15.38 -5.89
N ASP A 52 2.09 15.19 -4.86
CA ASP A 52 2.42 15.72 -3.55
C ASP A 52 3.89 15.46 -3.25
N TYR A 53 4.30 14.22 -3.49
CA TYR A 53 5.68 13.83 -3.25
C TYR A 53 6.48 13.82 -4.57
N LYS A 54 6.04 14.65 -5.49
CA LYS A 54 6.71 14.74 -6.78
C LYS A 54 8.21 14.90 -6.57
N ASP A 55 8.55 15.65 -5.53
CA ASP A 55 9.95 15.88 -5.21
C ASP A 55 10.26 15.27 -3.84
N ASN A 56 10.50 13.96 -3.85
CA ASN A 56 10.81 13.26 -2.62
C ASN A 56 11.99 12.31 -2.88
N PRO A 57 13.09 12.55 -2.12
CA PRO A 57 14.29 11.74 -2.24
C PRO A 57 14.09 10.37 -1.59
N ALA A 58 13.07 10.30 -0.73
CA ALA A 58 12.77 9.05 -0.03
C ALA A 58 11.66 8.32 -0.78
N PHE A 59 10.63 9.07 -1.15
CA PHE A 59 9.51 8.50 -1.87
C PHE A 59 9.78 8.47 -3.38
N THR A 60 11.04 8.19 -3.71
CA THR A 60 11.44 8.13 -5.11
C THR A 60 10.86 6.87 -5.77
N PHE A 61 10.34 5.98 -4.93
CA PHE A 61 9.76 4.74 -5.42
C PHE A 61 8.44 5.00 -6.13
N LEU A 62 7.82 6.12 -5.79
CA LEU A 62 6.55 6.50 -6.39
C LEU A 62 6.61 6.25 -7.90
N HIS A 63 7.38 7.09 -8.57
CA HIS A 63 7.53 6.97 -10.01
C HIS A 63 7.81 5.51 -10.39
N ASP A 64 8.91 5.00 -9.86
CA ASP A 64 9.29 3.62 -10.12
C ASP A 64 8.14 2.70 -9.76
N LYS A 65 8.14 1.51 -10.37
CA LYS A 65 7.10 0.54 -10.12
C LYS A 65 7.73 -0.86 -10.07
N ASN A 66 8.71 -1.01 -9.17
CA ASN A 66 9.39 -2.28 -9.02
C ASN A 66 10.36 -2.18 -7.84
N SER A 67 9.93 -1.46 -6.82
CA SER A 67 10.74 -1.29 -5.62
C SER A 67 10.06 -1.93 -4.41
N ARG A 68 10.85 -2.22 -3.40
CA ARG A 68 10.33 -2.84 -2.19
C ARG A 68 9.39 -1.87 -1.46
N GLU A 69 9.48 -0.61 -1.86
CA GLU A 69 8.65 0.43 -1.26
C GLU A 69 7.31 0.52 -2.00
N PHE A 70 7.40 0.52 -3.32
CA PHE A 70 6.21 0.61 -4.15
C PHE A 70 5.41 -0.69 -4.10
N LEU A 71 6.10 -1.76 -3.73
CA LEU A 71 5.47 -3.07 -3.64
C LEU A 71 4.77 -3.20 -2.29
N TYR A 72 5.57 -3.14 -1.24
CA TYR A 72 5.04 -3.25 0.11
C TYR A 72 3.86 -2.30 0.31
N TYR A 73 3.88 -1.21 -0.43
CA TYR A 73 2.82 -0.22 -0.35
C TYR A 73 1.46 -0.84 -0.68
N ARG A 74 1.39 -1.47 -1.84
CA ARG A 74 0.16 -2.10 -2.28
C ARG A 74 -0.15 -3.32 -1.40
N ARG A 75 0.91 -3.96 -0.93
CA ARG A 75 0.77 -5.14 -0.08
C ARG A 75 0.03 -4.77 1.20
N LYS A 76 0.42 -3.64 1.78
CA LYS A 76 -0.19 -3.17 3.01
C LYS A 76 -1.54 -2.54 2.68
N VAL A 77 -1.62 -1.94 1.50
CA VAL A 77 -2.85 -1.30 1.07
C VAL A 77 -4.02 -2.25 1.31
N ALA A 78 -3.79 -3.52 1.03
CA ALA A 78 -4.82 -4.53 1.21
C ALA A 78 -5.15 -4.66 2.70
N GLU A 79 -4.12 -4.47 3.52
CA GLU A 79 -4.28 -4.56 4.96
C GLU A 79 -5.12 -3.38 5.48
N ILE A 80 -4.63 -2.18 5.17
CA ILE A 80 -5.31 -0.97 5.60
C ILE A 80 -6.68 -0.90 4.90
N ARG A 81 -6.68 -1.27 3.64
CA ARG A 81 -7.91 -1.25 2.85
C ARG A 81 -9.07 -1.81 3.68
N LYS A 82 -8.91 -3.05 4.11
CA LYS A 82 -9.93 -3.71 4.90
C LYS A 82 -10.52 -2.71 5.89
N SER A 83 -9.76 -2.44 6.94
CA SER A 83 -10.20 -1.52 7.97
C SER A 83 -9.13 -0.45 8.21
N GLY A 84 -8.07 -0.87 8.88
CA GLY A 84 -6.96 0.03 9.17
C GLY A 84 -7.38 1.10 10.19
N PRO A 85 -7.51 0.66 11.47
CA PRO A 85 -7.90 1.56 12.54
C PRO A 85 -6.74 2.49 12.93
N SER A 86 -5.92 2.01 13.84
CA SER A 86 -4.78 2.79 14.30
C SER A 86 -4.06 2.04 15.43
N SER A 87 -2.98 1.38 15.06
CA SER A 87 -2.20 0.62 16.02
C SER A 87 -2.99 -0.60 16.50
N GLY A 88 -2.39 -1.77 16.29
CA GLY A 88 -3.03 -3.01 16.68
C GLY A 88 -3.28 -3.91 15.47
N GLY A 1 3.44 -22.25 -9.42
CA GLY A 1 2.24 -22.32 -8.62
C GLY A 1 2.07 -21.06 -7.76
N SER A 2 0.83 -20.62 -7.63
CA SER A 2 0.54 -19.44 -6.84
C SER A 2 -0.98 -19.23 -6.75
N SER A 3 -1.40 -18.55 -5.70
CA SER A 3 -2.81 -18.27 -5.49
C SER A 3 -2.98 -17.05 -4.60
N GLY A 4 -3.82 -16.13 -5.05
CA GLY A 4 -4.07 -14.92 -4.31
C GLY A 4 -5.37 -14.25 -4.79
N SER A 5 -5.77 -13.23 -4.04
CA SER A 5 -6.98 -12.49 -4.38
C SER A 5 -7.22 -11.38 -3.35
N SER A 6 -8.13 -10.48 -3.71
CA SER A 6 -8.46 -9.37 -2.83
C SER A 6 -9.93 -9.43 -2.43
N GLY A 7 -10.16 -9.49 -1.13
CA GLY A 7 -11.51 -9.57 -0.61
C GLY A 7 -11.54 -10.28 0.74
N GLU A 8 -11.28 -11.59 0.69
CA GLU A 8 -11.27 -12.40 1.89
C GLU A 8 -10.33 -11.79 2.94
N GLU A 9 -10.62 -12.10 4.19
CA GLU A 9 -9.80 -11.60 5.29
C GLU A 9 -8.32 -11.89 5.03
N ASP A 10 -8.09 -12.85 4.15
CA ASP A 10 -6.72 -13.23 3.80
C ASP A 10 -5.96 -11.98 3.37
N TYR A 11 -6.71 -10.97 2.99
CA TYR A 11 -6.11 -9.71 2.54
C TYR A 11 -5.03 -9.24 3.52
N GLU A 12 -5.21 -9.65 4.77
CA GLU A 12 -4.26 -9.27 5.81
C GLU A 12 -3.14 -10.31 5.90
N GLN A 13 -3.45 -11.52 5.46
CA GLN A 13 -2.48 -12.60 5.48
C GLN A 13 -1.23 -12.22 4.68
N TRP A 14 -1.39 -11.20 3.85
CA TRP A 14 -0.30 -10.72 3.03
C TRP A 14 0.68 -9.96 3.93
N LEU A 15 0.17 -9.53 5.07
CA LEU A 15 0.98 -8.80 6.02
C LEU A 15 2.01 -9.74 6.66
N GLU A 16 1.55 -10.95 6.92
CA GLU A 16 2.40 -11.97 7.53
C GLU A 16 3.75 -12.02 6.80
N ILE A 17 3.68 -11.84 5.49
CA ILE A 17 4.89 -11.86 4.68
C ILE A 17 5.14 -10.46 4.09
N LYS A 18 5.97 -9.71 4.79
CA LYS A 18 6.29 -8.36 4.36
C LYS A 18 7.09 -8.43 3.07
N VAL A 19 7.50 -7.25 2.60
CA VAL A 19 8.28 -7.17 1.37
C VAL A 19 9.77 -7.08 1.71
N SER A 20 10.59 -7.32 0.70
CA SER A 20 12.03 -7.27 0.88
C SER A 20 12.64 -6.29 -0.11
N PRO A 21 13.85 -5.78 0.25
CA PRO A 21 14.47 -6.17 1.51
C PRO A 21 13.80 -5.50 2.69
N PRO A 22 14.23 -5.90 3.92
CA PRO A 22 13.67 -5.34 5.14
C PRO A 22 14.19 -3.91 5.37
N GLU A 23 14.96 -3.43 4.41
CA GLU A 23 15.52 -2.09 4.50
C GLU A 23 14.44 -1.04 4.24
N GLY A 24 13.39 -1.49 3.57
CA GLY A 24 12.28 -0.60 3.24
C GLY A 24 11.56 -0.13 4.51
N ALA A 25 11.86 -0.79 5.61
CA ALA A 25 11.26 -0.45 6.89
C ALA A 25 11.26 1.07 7.05
N GLU A 26 12.42 1.67 6.79
CA GLU A 26 12.56 3.10 6.90
C GLU A 26 11.38 3.81 6.23
N THR A 27 10.96 3.26 5.10
CA THR A 27 9.84 3.83 4.36
C THR A 27 8.53 3.16 4.78
N ARG A 28 8.66 1.90 5.20
CA ARG A 28 7.49 1.14 5.63
C ARG A 28 6.56 2.03 6.46
N ARG A 29 7.14 2.67 7.46
CA ARG A 29 6.37 3.54 8.33
C ARG A 29 5.73 4.67 7.53
N VAL A 30 6.47 5.15 6.53
CA VAL A 30 5.99 6.21 5.68
C VAL A 30 4.88 5.68 4.77
N ILE A 31 5.19 4.58 4.10
CA ILE A 31 4.24 3.96 3.20
C ILE A 31 2.92 3.72 3.94
N GLU A 32 3.05 3.24 5.17
CA GLU A 32 1.88 2.97 5.99
C GLU A 32 0.85 4.08 5.84
N LYS A 33 1.35 5.30 5.86
CA LYS A 33 0.48 6.46 5.73
C LYS A 33 -0.02 6.56 4.28
N LEU A 34 0.88 6.26 3.36
CA LEU A 34 0.55 6.30 1.94
C LEU A 34 -0.64 5.38 1.68
N ALA A 35 -0.41 4.09 1.89
CA ALA A 35 -1.44 3.10 1.67
C ALA A 35 -2.67 3.46 2.51
N ARG A 36 -2.42 3.80 3.76
CA ARG A 36 -3.49 4.16 4.67
C ARG A 36 -4.28 5.34 4.10
N PHE A 37 -3.57 6.25 3.47
CA PHE A 37 -4.19 7.43 2.88
C PHE A 37 -4.85 7.08 1.55
N VAL A 38 -4.17 6.23 0.79
CA VAL A 38 -4.68 5.82 -0.51
C VAL A 38 -5.98 5.03 -0.32
N ALA A 39 -5.82 3.79 0.13
CA ALA A 39 -6.97 2.93 0.36
C ALA A 39 -8.09 3.74 1.01
N GLU A 40 -7.68 4.76 1.76
CA GLU A 40 -8.64 5.61 2.45
C GLU A 40 -9.53 6.33 1.44
N GLY A 41 -8.90 7.18 0.64
CA GLY A 41 -9.63 7.94 -0.37
C GLY A 41 -9.84 7.09 -1.63
N GLY A 42 -8.74 6.71 -2.25
CA GLY A 42 -8.79 5.91 -3.46
C GLY A 42 -7.55 6.12 -4.32
N PRO A 43 -7.77 6.08 -5.66
CA PRO A 43 -6.68 6.28 -6.60
C PRO A 43 -6.26 7.74 -6.67
N GLU A 44 -7.25 8.62 -6.52
CA GLU A 44 -7.00 10.05 -6.57
C GLU A 44 -5.87 10.42 -5.61
N LEU A 45 -5.78 9.65 -4.54
CA LEU A 45 -4.74 9.88 -3.53
C LEU A 45 -3.39 9.44 -4.08
N GLU A 46 -3.34 8.19 -4.50
CA GLU A 46 -2.12 7.64 -5.05
C GLU A 46 -1.50 8.61 -6.06
N LYS A 47 -2.37 9.26 -6.81
CA LYS A 47 -1.93 10.22 -7.81
C LYS A 47 -1.36 11.46 -7.12
N VAL A 48 -2.18 12.05 -6.27
CA VAL A 48 -1.77 13.23 -5.53
C VAL A 48 -0.48 12.94 -4.78
N ALA A 49 -0.41 11.73 -4.23
CA ALA A 49 0.77 11.31 -3.49
C ALA A 49 2.02 11.62 -4.29
N MET A 50 2.01 11.17 -5.54
CA MET A 50 3.14 11.39 -6.43
C MET A 50 3.45 12.89 -6.56
N GLU A 51 2.46 13.69 -6.20
CA GLU A 51 2.61 15.14 -6.28
C GLU A 51 3.09 15.69 -4.94
N ASP A 52 2.57 15.11 -3.86
CA ASP A 52 2.93 15.53 -2.53
C ASP A 52 4.42 15.27 -2.30
N TYR A 53 4.90 14.21 -2.94
CA TYR A 53 6.30 13.84 -2.82
C TYR A 53 6.99 13.82 -4.19
N LYS A 54 6.51 14.69 -5.07
CA LYS A 54 7.07 14.78 -6.40
C LYS A 54 8.59 14.95 -6.31
N ASP A 55 9.01 15.71 -5.31
CA ASP A 55 10.43 15.95 -5.11
C ASP A 55 10.82 15.48 -3.71
N ASN A 56 10.79 14.16 -3.53
CA ASN A 56 11.14 13.57 -2.26
C ASN A 56 12.07 12.37 -2.50
N PRO A 57 13.29 12.46 -1.91
CA PRO A 57 14.28 11.41 -2.05
C PRO A 57 13.91 10.21 -1.18
N ALA A 58 12.84 10.37 -0.41
CA ALA A 58 12.38 9.31 0.47
C ALA A 58 11.23 8.56 -0.19
N PHE A 59 10.41 9.32 -0.90
CA PHE A 59 9.25 8.75 -1.59
C PHE A 59 9.60 8.40 -3.04
N THR A 60 10.87 8.08 -3.25
CA THR A 60 11.35 7.73 -4.58
C THR A 60 10.78 6.38 -5.00
N PHE A 61 10.21 5.68 -4.04
CA PHE A 61 9.63 4.38 -4.29
C PHE A 61 8.38 4.49 -5.15
N LEU A 62 7.57 5.50 -4.83
CA LEU A 62 6.34 5.74 -5.56
C LEU A 62 6.58 5.52 -7.05
N HIS A 63 7.32 6.45 -7.64
CA HIS A 63 7.64 6.36 -9.06
C HIS A 63 7.98 4.92 -9.42
N ASP A 64 8.98 4.39 -8.74
CA ASP A 64 9.42 3.02 -8.98
C ASP A 64 8.23 2.07 -8.80
N LYS A 65 8.03 1.23 -9.80
CA LYS A 65 6.94 0.28 -9.76
C LYS A 65 7.43 -1.02 -9.11
N ASN A 66 8.33 -1.70 -9.82
CA ASN A 66 8.89 -2.94 -9.32
C ASN A 66 10.25 -2.67 -8.68
N SER A 67 10.20 -2.28 -7.41
CA SER A 67 11.41 -1.98 -6.67
C SER A 67 11.48 -2.85 -5.41
N ARG A 68 10.62 -2.50 -4.46
CA ARG A 68 10.56 -3.23 -3.20
C ARG A 68 9.60 -2.55 -2.23
N GLU A 69 9.49 -1.24 -2.37
CA GLU A 69 8.61 -0.46 -1.52
C GLU A 69 7.22 -0.37 -2.16
N PHE A 70 7.21 -0.04 -3.44
CA PHE A 70 5.97 0.10 -4.18
C PHE A 70 5.14 -1.18 -4.08
N LEU A 71 5.80 -2.25 -3.67
CA LEU A 71 5.14 -3.54 -3.54
C LEU A 71 4.35 -3.57 -2.23
N TYR A 72 5.07 -3.31 -1.14
CA TYR A 72 4.45 -3.30 0.18
C TYR A 72 3.29 -2.31 0.23
N TYR A 73 3.52 -1.15 -0.35
CA TYR A 73 2.49 -0.11 -0.38
C TYR A 73 1.12 -0.70 -0.73
N ARG A 74 1.16 -1.76 -1.54
CA ARG A 74 -0.07 -2.41 -1.95
C ARG A 74 -0.39 -3.58 -1.01
N ARG A 75 0.66 -4.18 -0.48
CA ARG A 75 0.51 -5.30 0.42
C ARG A 75 -0.34 -4.89 1.63
N LYS A 76 -0.14 -3.64 2.06
CA LYS A 76 -0.88 -3.13 3.20
C LYS A 76 -2.22 -2.56 2.71
N VAL A 77 -2.19 -1.97 1.53
CA VAL A 77 -3.39 -1.40 0.94
C VAL A 77 -4.57 -2.33 1.20
N ALA A 78 -4.32 -3.61 1.06
CA ALA A 78 -5.34 -4.62 1.27
C ALA A 78 -5.79 -4.58 2.74
N GLU A 79 -4.80 -4.55 3.63
CA GLU A 79 -5.07 -4.53 5.05
C GLU A 79 -5.96 -3.32 5.40
N ILE A 80 -5.43 -2.14 5.10
CA ILE A 80 -6.15 -0.91 5.37
C ILE A 80 -7.45 -0.90 4.58
N ARG A 81 -7.35 -1.35 3.33
CA ARG A 81 -8.51 -1.39 2.45
C ARG A 81 -9.73 -1.87 3.22
N LYS A 82 -9.64 -3.10 3.72
CA LYS A 82 -10.73 -3.69 4.47
C LYS A 82 -11.35 -2.63 5.39
N SER A 83 -10.64 -2.35 6.47
CA SER A 83 -11.11 -1.36 7.43
C SER A 83 -9.92 -0.79 8.20
N GLY A 84 -10.02 0.49 8.54
CA GLY A 84 -8.97 1.16 9.28
C GLY A 84 -9.47 2.49 9.86
N PRO A 85 -10.42 2.36 10.84
CA PRO A 85 -10.98 3.53 11.49
C PRO A 85 -9.99 4.14 12.49
N SER A 86 -10.02 3.63 13.70
CA SER A 86 -9.14 4.10 14.75
C SER A 86 -9.48 3.44 16.08
N SER A 87 -8.44 3.15 16.85
CA SER A 87 -8.62 2.51 18.15
C SER A 87 -9.11 3.53 19.16
N GLY A 88 -10.42 3.57 19.35
CA GLY A 88 -11.02 4.49 20.29
C GLY A 88 -12.44 4.87 19.86
N GLY A 1 -10.90 -11.62 11.52
CA GLY A 1 -12.15 -12.05 10.92
C GLY A 1 -12.30 -13.56 10.97
N SER A 2 -13.43 -14.03 10.47
CA SER A 2 -13.72 -15.45 10.45
C SER A 2 -14.35 -15.85 9.11
N SER A 3 -15.48 -15.22 8.84
CA SER A 3 -16.19 -15.49 7.59
C SER A 3 -15.20 -15.66 6.44
N GLY A 4 -15.67 -16.34 5.40
CA GLY A 4 -14.83 -16.57 4.23
C GLY A 4 -15.65 -16.45 2.94
N SER A 5 -15.67 -17.55 2.19
CA SER A 5 -16.40 -17.58 0.94
C SER A 5 -15.71 -16.68 -0.10
N SER A 6 -15.92 -15.39 0.06
CA SER A 6 -15.33 -14.42 -0.84
C SER A 6 -13.82 -14.32 -0.60
N GLY A 7 -13.07 -14.30 -1.70
CA GLY A 7 -11.62 -14.22 -1.62
C GLY A 7 -11.19 -12.85 -1.11
N GLU A 8 -11.41 -12.63 0.18
CA GLU A 8 -11.04 -11.37 0.80
C GLU A 8 -9.85 -11.56 1.75
N GLU A 9 -9.93 -12.62 2.53
CA GLU A 9 -8.87 -12.94 3.48
C GLU A 9 -7.51 -12.62 2.86
N ASP A 10 -7.43 -12.79 1.55
CA ASP A 10 -6.20 -12.53 0.82
C ASP A 10 -5.55 -11.25 1.36
N TYR A 11 -6.34 -10.19 1.37
CA TYR A 11 -5.87 -8.91 1.86
C TYR A 11 -4.95 -9.08 3.06
N GLU A 12 -5.22 -10.14 3.82
CA GLU A 12 -4.43 -10.42 5.01
C GLU A 12 -3.46 -11.58 4.72
N GLN A 13 -3.88 -12.45 3.82
CA GLN A 13 -3.07 -13.61 3.46
C GLN A 13 -1.80 -13.15 2.75
N TRP A 14 -1.83 -11.91 2.28
CA TRP A 14 -0.68 -11.34 1.58
C TRP A 14 0.27 -10.78 2.63
N LEU A 15 -0.31 -10.30 3.73
CA LEU A 15 0.48 -9.72 4.81
C LEU A 15 1.50 -10.75 5.28
N GLU A 16 1.12 -12.02 5.18
CA GLU A 16 1.99 -13.09 5.60
C GLU A 16 3.33 -13.02 4.84
N ILE A 17 3.25 -12.55 3.61
CA ILE A 17 4.44 -12.42 2.78
C ILE A 17 4.78 -10.94 2.62
N LYS A 18 5.78 -10.51 3.37
CA LYS A 18 6.22 -9.13 3.31
C LYS A 18 7.19 -8.94 2.15
N VAL A 19 7.44 -7.69 1.81
CA VAL A 19 8.34 -7.37 0.72
C VAL A 19 9.77 -7.25 1.26
N SER A 20 10.71 -7.81 0.51
CA SER A 20 12.11 -7.76 0.90
C SER A 20 12.79 -6.54 0.29
N PRO A 21 13.89 -6.10 0.95
CA PRO A 21 14.35 -6.77 2.15
C PRO A 21 13.45 -6.42 3.35
N PRO A 22 13.74 -7.09 4.50
CA PRO A 22 12.97 -6.87 5.71
C PRO A 22 13.34 -5.53 6.36
N GLU A 23 14.21 -4.80 5.67
CA GLU A 23 14.65 -3.51 6.16
C GLU A 23 13.51 -2.48 6.09
N GLY A 24 12.59 -2.75 5.17
CA GLY A 24 11.45 -1.87 4.99
C GLY A 24 10.60 -1.80 6.26
N ALA A 25 10.87 -2.73 7.16
CA ALA A 25 10.14 -2.80 8.42
C ALA A 25 9.92 -1.37 8.95
N GLU A 26 10.97 -0.57 8.85
CA GLU A 26 10.90 0.81 9.31
C GLU A 26 10.12 1.66 8.31
N THR A 27 10.61 1.66 7.08
CA THR A 27 9.97 2.42 6.02
C THR A 27 8.46 2.21 6.03
N ARG A 28 8.06 1.06 6.56
CA ARG A 28 6.66 0.71 6.64
C ARG A 28 5.86 1.87 7.25
N ARG A 29 6.57 2.71 8.00
CA ARG A 29 5.94 3.86 8.63
C ARG A 29 5.65 4.94 7.59
N VAL A 30 6.50 4.99 6.58
CA VAL A 30 6.34 5.98 5.51
C VAL A 30 5.52 5.37 4.38
N ILE A 31 5.39 4.05 4.43
CA ILE A 31 4.64 3.33 3.41
C ILE A 31 3.17 3.29 3.81
N GLU A 32 2.92 2.81 5.02
CA GLU A 32 1.57 2.71 5.53
C GLU A 32 0.84 4.05 5.37
N LYS A 33 1.62 5.12 5.47
CA LYS A 33 1.05 6.46 5.33
C LYS A 33 0.43 6.60 3.95
N LEU A 34 1.18 6.22 2.94
CA LEU A 34 0.71 6.30 1.57
C LEU A 34 -0.60 5.52 1.44
N ALA A 35 -0.54 4.25 1.86
CA ALA A 35 -1.71 3.39 1.79
C ALA A 35 -2.84 4.00 2.63
N ARG A 36 -2.54 4.19 3.91
CA ARG A 36 -3.52 4.76 4.82
C ARG A 36 -4.11 6.04 4.23
N PHE A 37 -3.37 6.63 3.31
CA PHE A 37 -3.82 7.85 2.66
C PHE A 37 -4.54 7.55 1.34
N VAL A 38 -4.13 6.44 0.72
CA VAL A 38 -4.73 6.03 -0.53
C VAL A 38 -5.98 5.21 -0.25
N ALA A 39 -5.77 3.96 0.17
CA ALA A 39 -6.87 3.07 0.47
C ALA A 39 -7.97 3.84 1.19
N GLU A 40 -7.54 4.87 1.92
CA GLU A 40 -8.48 5.70 2.66
C GLU A 40 -9.40 6.44 1.70
N GLY A 41 -8.80 7.36 0.95
CA GLY A 41 -9.55 8.15 -0.01
C GLY A 41 -9.87 7.33 -1.26
N GLY A 42 -8.82 7.04 -2.03
CA GLY A 42 -8.97 6.28 -3.25
C GLY A 42 -7.73 6.41 -4.14
N PRO A 43 -7.98 6.37 -5.48
CA PRO A 43 -6.90 6.47 -6.44
C PRO A 43 -6.40 7.92 -6.54
N GLU A 44 -7.36 8.84 -6.52
CA GLU A 44 -7.03 10.25 -6.61
C GLU A 44 -5.89 10.60 -5.64
N LEU A 45 -5.83 9.86 -4.55
CA LEU A 45 -4.80 10.07 -3.54
C LEU A 45 -3.46 9.61 -4.10
N GLU A 46 -3.52 8.53 -4.87
CA GLU A 46 -2.31 7.97 -5.46
C GLU A 46 -1.79 8.90 -6.56
N LYS A 47 -2.71 9.64 -7.15
CA LYS A 47 -2.36 10.57 -8.22
C LYS A 47 -1.81 11.86 -7.61
N VAL A 48 -2.51 12.35 -6.59
CA VAL A 48 -2.11 13.56 -5.92
C VAL A 48 -0.77 13.33 -5.21
N ALA A 49 -0.70 12.23 -4.48
CA ALA A 49 0.52 11.89 -3.77
C ALA A 49 1.72 12.00 -4.71
N MET A 50 1.61 11.32 -5.85
CA MET A 50 2.66 11.34 -6.83
C MET A 50 3.00 12.78 -7.24
N GLU A 51 2.08 13.68 -6.95
CA GLU A 51 2.27 15.08 -7.28
C GLU A 51 2.80 15.84 -6.08
N ASP A 52 2.30 15.47 -4.90
CA ASP A 52 2.72 16.11 -3.68
C ASP A 52 4.16 15.70 -3.35
N TYR A 53 4.46 14.44 -3.63
CA TYR A 53 5.79 13.92 -3.39
C TYR A 53 6.65 13.96 -4.65
N LYS A 54 6.18 14.75 -5.61
CA LYS A 54 6.89 14.88 -6.87
C LYS A 54 8.20 15.63 -6.64
N ASP A 55 8.33 16.17 -5.43
CA ASP A 55 9.52 16.91 -5.07
C ASP A 55 10.34 16.09 -4.07
N ASN A 56 9.64 15.26 -3.32
CA ASN A 56 10.28 14.41 -2.33
C ASN A 56 10.84 13.16 -3.02
N PRO A 57 12.18 12.99 -2.90
CA PRO A 57 12.85 11.85 -3.50
C PRO A 57 12.57 10.57 -2.70
N ALA A 58 12.53 10.74 -1.38
CA ALA A 58 12.27 9.62 -0.49
C ALA A 58 11.04 8.85 -0.97
N PHE A 59 10.14 9.59 -1.60
CA PHE A 59 8.91 9.00 -2.10
C PHE A 59 8.97 8.86 -3.63
N THR A 60 10.18 8.81 -4.15
CA THR A 60 10.38 8.69 -5.58
C THR A 60 10.01 7.28 -6.05
N PHE A 61 9.83 6.40 -5.08
CA PHE A 61 9.46 5.02 -5.38
C PHE A 61 8.12 4.96 -6.10
N LEU A 62 7.24 5.87 -5.74
CA LEU A 62 5.92 5.93 -6.35
C LEU A 62 6.04 5.67 -7.85
N HIS A 63 6.89 6.46 -8.49
CA HIS A 63 7.10 6.33 -9.91
C HIS A 63 8.09 5.18 -10.18
N ASP A 64 7.71 4.00 -9.72
CA ASP A 64 8.55 2.82 -9.88
C ASP A 64 7.89 1.63 -9.21
N LYS A 65 7.54 0.64 -10.03
CA LYS A 65 6.90 -0.56 -9.53
C LYS A 65 7.95 -1.67 -9.37
N ASN A 66 9.06 -1.30 -8.74
CA ASN A 66 10.14 -2.25 -8.53
C ASN A 66 11.21 -1.60 -7.66
N SER A 67 10.76 -0.80 -6.70
CA SER A 67 11.67 -0.11 -5.81
C SER A 67 11.72 -0.83 -4.46
N ARG A 68 10.87 -1.84 -4.33
CA ARG A 68 10.82 -2.62 -3.11
C ARG A 68 9.82 -1.99 -2.13
N GLU A 69 9.57 -0.70 -2.33
CA GLU A 69 8.65 0.02 -1.48
C GLU A 69 7.23 -0.07 -2.03
N PHE A 70 7.06 0.45 -3.24
CA PHE A 70 5.76 0.44 -3.88
C PHE A 70 5.10 -0.93 -3.74
N LEU A 71 5.94 -1.96 -3.76
CA LEU A 71 5.44 -3.33 -3.64
C LEU A 71 4.91 -3.55 -2.22
N TYR A 72 5.74 -3.18 -1.25
CA TYR A 72 5.36 -3.34 0.14
C TYR A 72 4.11 -2.53 0.47
N TYR A 73 3.98 -1.40 -0.22
CA TYR A 73 2.83 -0.53 -0.02
C TYR A 73 1.56 -1.15 -0.58
N ARG A 74 1.67 -1.67 -1.80
CA ARG A 74 0.55 -2.29 -2.47
C ARG A 74 -0.02 -3.42 -1.60
N ARG A 75 0.88 -4.07 -0.87
CA ARG A 75 0.49 -5.17 -0.01
C ARG A 75 -0.28 -4.64 1.20
N LYS A 76 0.44 -3.96 2.09
CA LYS A 76 -0.16 -3.41 3.28
C LYS A 76 -1.48 -2.73 2.91
N VAL A 77 -1.50 -2.15 1.73
CA VAL A 77 -2.69 -1.47 1.24
C VAL A 77 -3.90 -2.39 1.42
N ALA A 78 -3.68 -3.67 1.21
CA ALA A 78 -4.73 -4.65 1.34
C ALA A 78 -5.13 -4.76 2.82
N GLU A 79 -4.16 -4.56 3.68
CA GLU A 79 -4.39 -4.64 5.11
C GLU A 79 -5.21 -3.43 5.58
N ILE A 80 -4.69 -2.25 5.28
CA ILE A 80 -5.37 -1.02 5.65
C ILE A 80 -6.71 -0.93 4.93
N ARG A 81 -6.69 -1.34 3.66
CA ARG A 81 -7.89 -1.31 2.85
C ARG A 81 -9.08 -1.83 3.65
N LYS A 82 -9.00 -3.10 4.04
CA LYS A 82 -10.06 -3.72 4.80
C LYS A 82 -10.58 -2.74 5.84
N SER A 83 -9.82 -2.59 6.92
CA SER A 83 -10.20 -1.68 7.99
C SER A 83 -11.17 -2.37 8.94
N GLY A 84 -10.59 -3.07 9.91
CA GLY A 84 -11.39 -3.78 10.89
C GLY A 84 -10.69 -3.82 12.25
N PRO A 85 -10.99 -2.78 13.08
CA PRO A 85 -10.40 -2.68 14.40
C PRO A 85 -11.04 -3.69 15.37
N SER A 86 -10.73 -4.95 15.14
CA SER A 86 -11.26 -6.01 15.98
C SER A 86 -12.79 -6.00 15.94
N SER A 87 -13.35 -6.99 15.27
CA SER A 87 -14.80 -7.09 15.15
C SER A 87 -15.21 -8.57 15.14
N GLY A 88 -16.51 -8.78 15.30
CA GLY A 88 -17.04 -10.13 15.31
C GLY A 88 -17.68 -10.48 13.97
N GLY A 1 -13.74 -20.69 -10.56
CA GLY A 1 -14.28 -19.39 -10.19
C GLY A 1 -15.80 -19.39 -10.23
N SER A 2 -16.38 -18.24 -9.91
CA SER A 2 -17.82 -18.09 -9.90
C SER A 2 -18.43 -19.01 -8.84
N SER A 3 -18.49 -18.48 -7.62
CA SER A 3 -19.05 -19.24 -6.52
C SER A 3 -18.21 -20.49 -6.26
N GLY A 4 -17.86 -20.69 -4.99
CA GLY A 4 -17.07 -21.84 -4.60
C GLY A 4 -15.83 -21.41 -3.83
N SER A 5 -14.84 -20.93 -4.56
CA SER A 5 -13.60 -20.49 -3.96
C SER A 5 -13.72 -19.02 -3.53
N SER A 6 -14.32 -18.82 -2.37
CA SER A 6 -14.52 -17.48 -1.85
C SER A 6 -13.26 -17.03 -1.10
N GLY A 7 -12.83 -15.81 -1.40
CA GLY A 7 -11.65 -15.25 -0.77
C GLY A 7 -11.87 -13.79 -0.39
N GLU A 8 -11.19 -13.39 0.68
CA GLU A 8 -11.31 -12.02 1.15
C GLU A 8 -10.32 -11.77 2.30
N GLU A 9 -10.64 -12.35 3.44
CA GLU A 9 -9.80 -12.20 4.62
C GLU A 9 -8.33 -12.38 4.24
N ASP A 10 -8.12 -13.15 3.17
CA ASP A 10 -6.77 -13.40 2.70
C ASP A 10 -5.99 -12.09 2.64
N TYR A 11 -6.73 -11.00 2.49
CA TYR A 11 -6.13 -9.68 2.42
C TYR A 11 -5.12 -9.48 3.57
N GLU A 12 -5.34 -10.22 4.64
CA GLU A 12 -4.47 -10.14 5.80
C GLU A 12 -3.39 -11.22 5.73
N GLN A 13 -3.70 -12.26 4.98
CA GLN A 13 -2.77 -13.37 4.83
C GLN A 13 -1.47 -12.88 4.18
N TRP A 14 -1.53 -11.68 3.63
CA TRP A 14 -0.37 -11.10 2.97
C TRP A 14 0.50 -10.44 4.06
N LEU A 15 -0.15 -9.64 4.89
CA LEU A 15 0.55 -8.96 5.96
C LEU A 15 1.51 -9.94 6.66
N GLU A 16 1.15 -11.21 6.58
CA GLU A 16 1.96 -12.24 7.19
C GLU A 16 3.37 -12.24 6.60
N ILE A 17 3.43 -11.97 5.29
CA ILE A 17 4.71 -11.94 4.60
C ILE A 17 4.98 -10.50 4.13
N LYS A 18 5.75 -9.79 4.95
CA LYS A 18 6.10 -8.41 4.64
C LYS A 18 6.94 -8.38 3.36
N VAL A 19 7.21 -7.17 2.89
CA VAL A 19 7.99 -6.99 1.69
C VAL A 19 9.48 -6.94 2.06
N SER A 20 10.29 -7.58 1.22
CA SER A 20 11.72 -7.61 1.46
C SER A 20 12.44 -6.75 0.42
N PRO A 21 13.67 -6.31 0.79
CA PRO A 21 14.24 -6.67 2.08
C PRO A 21 13.59 -5.87 3.21
N PRO A 22 13.96 -6.22 4.47
CA PRO A 22 13.42 -5.56 5.64
C PRO A 22 14.04 -4.16 5.80
N GLU A 23 14.87 -3.80 4.83
CA GLU A 23 15.53 -2.51 4.86
C GLU A 23 14.53 -1.40 4.56
N GLY A 24 13.44 -1.77 3.91
CA GLY A 24 12.40 -0.82 3.56
C GLY A 24 11.65 -0.34 4.80
N ALA A 25 11.88 -1.06 5.90
CA ALA A 25 11.24 -0.72 7.15
C ALA A 25 11.21 0.80 7.32
N GLU A 26 12.28 1.43 6.86
CA GLU A 26 12.41 2.88 6.95
C GLU A 26 11.19 3.55 6.29
N THR A 27 11.02 3.26 5.01
CA THR A 27 9.92 3.81 4.25
C THR A 27 8.61 3.16 4.66
N ARG A 28 8.71 1.91 5.08
CA ARG A 28 7.54 1.16 5.50
C ARG A 28 6.61 2.05 6.33
N ARG A 29 7.21 3.03 6.99
CA ARG A 29 6.45 3.96 7.80
C ARG A 29 5.67 4.94 6.94
N VAL A 30 6.39 5.57 6.03
CA VAL A 30 5.78 6.53 5.12
C VAL A 30 4.72 5.82 4.27
N ILE A 31 4.94 4.54 4.05
CA ILE A 31 4.02 3.74 3.27
C ILE A 31 2.73 3.53 4.06
N GLU A 32 2.91 3.21 5.33
CA GLU A 32 1.77 2.98 6.21
C GLU A 32 0.72 4.07 6.03
N LYS A 33 1.20 5.25 5.66
CA LYS A 33 0.32 6.39 5.44
C LYS A 33 -0.11 6.41 3.97
N LEU A 34 0.80 5.98 3.11
CA LEU A 34 0.52 5.95 1.68
C LEU A 34 -0.58 4.93 1.40
N ALA A 35 -0.38 3.74 1.94
CA ALA A 35 -1.34 2.66 1.76
C ALA A 35 -2.66 3.03 2.44
N ARG A 36 -2.53 3.81 3.51
CA ARG A 36 -3.70 4.24 4.26
C ARG A 36 -4.40 5.39 3.53
N PHE A 37 -3.72 6.53 3.50
CA PHE A 37 -4.26 7.70 2.84
C PHE A 37 -4.86 7.35 1.47
N VAL A 38 -4.34 6.26 0.92
CA VAL A 38 -4.81 5.80 -0.39
C VAL A 38 -6.09 4.98 -0.21
N ALA A 39 -5.92 3.76 0.27
CA ALA A 39 -7.04 2.87 0.49
C ALA A 39 -8.16 3.64 1.21
N GLU A 40 -7.75 4.67 1.93
CA GLU A 40 -8.69 5.49 2.67
C GLU A 40 -9.58 6.28 1.70
N GLY A 41 -8.93 7.03 0.82
CA GLY A 41 -9.64 7.83 -0.15
C GLY A 41 -9.83 7.05 -1.46
N GLY A 42 -8.71 6.70 -2.08
CA GLY A 42 -8.74 5.95 -3.32
C GLY A 42 -7.49 6.23 -4.15
N PRO A 43 -7.68 6.24 -5.50
CA PRO A 43 -6.58 6.49 -6.41
C PRO A 43 -6.21 7.98 -6.43
N GLU A 44 -7.21 8.81 -6.23
CA GLU A 44 -7.01 10.24 -6.21
C GLU A 44 -5.86 10.61 -5.27
N LEU A 45 -5.73 9.83 -4.21
CA LEU A 45 -4.69 10.05 -3.23
C LEU A 45 -3.35 9.56 -3.80
N GLU A 46 -3.40 8.39 -4.41
CA GLU A 46 -2.20 7.81 -4.99
C GLU A 46 -1.58 8.78 -6.01
N LYS A 47 -2.45 9.45 -6.75
CA LYS A 47 -2.00 10.41 -7.74
C LYS A 47 -1.41 11.64 -7.04
N VAL A 48 -2.25 12.27 -6.23
CA VAL A 48 -1.82 13.45 -5.49
C VAL A 48 -0.50 13.16 -4.78
N ALA A 49 -0.43 11.97 -4.20
CA ALA A 49 0.77 11.56 -3.49
C ALA A 49 2.00 11.85 -4.36
N MET A 50 2.01 11.22 -5.53
CA MET A 50 3.12 11.40 -6.45
C MET A 50 3.46 12.88 -6.62
N GLU A 51 2.46 13.71 -6.39
CA GLU A 51 2.63 15.15 -6.51
C GLU A 51 3.12 15.74 -5.18
N ASP A 52 2.61 15.19 -4.10
CA ASP A 52 2.97 15.64 -2.77
C ASP A 52 4.46 15.36 -2.54
N TYR A 53 4.90 14.21 -3.00
CA TYR A 53 6.29 13.82 -2.86
C TYR A 53 7.01 13.84 -4.21
N LYS A 54 6.50 14.67 -5.10
CA LYS A 54 7.10 14.80 -6.42
C LYS A 54 8.60 15.02 -6.29
N ASP A 55 8.96 15.82 -5.30
CA ASP A 55 10.36 16.12 -5.06
C ASP A 55 10.75 15.62 -3.66
N ASN A 56 10.69 14.31 -3.49
CA ASN A 56 11.03 13.70 -2.23
C ASN A 56 11.95 12.50 -2.47
N PRO A 57 13.16 12.58 -1.88
CA PRO A 57 14.14 11.51 -2.03
C PRO A 57 13.76 10.30 -1.16
N ALA A 58 12.74 10.49 -0.34
CA ALA A 58 12.28 9.43 0.53
C ALA A 58 11.10 8.71 -0.13
N PHE A 59 10.48 9.39 -1.08
CA PHE A 59 9.35 8.82 -1.80
C PHE A 59 9.76 8.41 -3.22
N THR A 60 11.04 8.11 -3.37
CA THR A 60 11.56 7.71 -4.66
C THR A 60 11.03 6.33 -5.05
N PHE A 61 10.44 5.67 -4.07
CA PHE A 61 9.88 4.34 -4.29
C PHE A 61 8.64 4.41 -5.18
N LEU A 62 7.84 5.44 -4.96
CA LEU A 62 6.62 5.62 -5.73
C LEU A 62 6.90 5.28 -7.19
N HIS A 63 7.72 6.10 -7.82
CA HIS A 63 8.07 5.88 -9.22
C HIS A 63 8.43 4.41 -9.44
N ASP A 64 9.34 3.93 -8.58
CA ASP A 64 9.78 2.56 -8.68
C ASP A 64 8.60 1.62 -8.44
N LYS A 65 8.19 0.94 -9.51
CA LYS A 65 7.07 0.02 -9.43
C LYS A 65 7.59 -1.41 -9.49
N ASN A 66 8.78 -1.61 -8.94
CA ASN A 66 9.40 -2.92 -8.94
C ASN A 66 10.70 -2.86 -8.14
N SER A 67 10.60 -2.35 -6.92
CA SER A 67 11.75 -2.24 -6.05
C SER A 67 11.54 -3.07 -4.79
N ARG A 68 10.63 -2.60 -3.95
CA ARG A 68 10.33 -3.29 -2.70
C ARG A 68 9.35 -2.48 -1.87
N GLU A 69 9.45 -1.16 -2.01
CA GLU A 69 8.58 -0.26 -1.27
C GLU A 69 7.20 -0.20 -1.92
N PHE A 70 7.21 0.07 -3.22
CA PHE A 70 5.97 0.16 -3.98
C PHE A 70 5.20 -1.15 -3.92
N LEU A 71 5.92 -2.22 -3.61
CA LEU A 71 5.31 -3.53 -3.53
C LEU A 71 4.52 -3.64 -2.22
N TYR A 72 5.16 -3.20 -1.15
CA TYR A 72 4.52 -3.23 0.17
C TYR A 72 3.30 -2.32 0.21
N TYR A 73 3.50 -1.10 -0.30
CA TYR A 73 2.43 -0.13 -0.32
C TYR A 73 1.13 -0.73 -0.86
N ARG A 74 1.30 -1.62 -1.84
CA ARG A 74 0.15 -2.28 -2.45
C ARG A 74 -0.41 -3.35 -1.51
N ARG A 75 0.48 -3.93 -0.72
CA ARG A 75 0.09 -4.96 0.23
C ARG A 75 -0.76 -4.35 1.34
N LYS A 76 -0.09 -3.63 2.22
CA LYS A 76 -0.78 -2.99 3.34
C LYS A 76 -2.16 -2.50 2.87
N VAL A 77 -2.16 -1.86 1.71
CA VAL A 77 -3.39 -1.34 1.15
C VAL A 77 -4.52 -2.34 1.38
N ALA A 78 -4.22 -3.61 1.10
CA ALA A 78 -5.20 -4.66 1.27
C ALA A 78 -5.71 -4.65 2.71
N GLU A 79 -4.76 -4.59 3.64
CA GLU A 79 -5.10 -4.57 5.06
C GLU A 79 -6.04 -3.40 5.36
N ILE A 80 -5.52 -2.20 5.23
CA ILE A 80 -6.30 -0.99 5.49
C ILE A 80 -7.58 -1.05 4.66
N ARG A 81 -7.45 -1.53 3.43
CA ARG A 81 -8.59 -1.65 2.53
C ARG A 81 -9.74 -2.35 3.24
N LYS A 82 -9.44 -3.52 3.78
CA LYS A 82 -10.45 -4.31 4.47
C LYS A 82 -11.33 -3.37 5.32
N SER A 83 -12.60 -3.72 5.40
CA SER A 83 -13.55 -2.93 6.16
C SER A 83 -14.10 -1.80 5.29
N GLY A 84 -14.71 -2.19 4.18
CA GLY A 84 -15.29 -1.22 3.25
C GLY A 84 -16.81 -1.18 3.39
N PRO A 85 -17.48 -1.00 2.22
CA PRO A 85 -18.93 -0.94 2.19
C PRO A 85 -19.54 -2.33 2.37
N SER A 86 -20.86 -2.37 2.34
CA SER A 86 -21.59 -3.62 2.50
C SER A 86 -22.76 -3.67 1.52
N SER A 87 -22.56 -4.40 0.44
CA SER A 87 -23.59 -4.55 -0.57
C SER A 87 -24.12 -5.98 -0.58
N GLY A 88 -25.44 -6.08 -0.56
CA GLY A 88 -26.10 -7.38 -0.56
C GLY A 88 -27.61 -7.24 -0.45
N GLY A 1 -4.76 -23.17 -15.01
CA GLY A 1 -5.50 -22.67 -13.86
C GLY A 1 -6.17 -21.34 -14.18
N SER A 2 -5.46 -20.26 -13.88
CA SER A 2 -5.97 -18.93 -14.12
C SER A 2 -7.31 -18.74 -13.41
N SER A 3 -7.27 -17.96 -12.33
CA SER A 3 -8.47 -17.70 -11.55
C SER A 3 -8.96 -18.99 -10.90
N GLY A 4 -9.25 -18.89 -9.61
CA GLY A 4 -9.74 -20.03 -8.86
C GLY A 4 -10.99 -19.67 -8.05
N SER A 5 -10.84 -18.68 -7.19
CA SER A 5 -11.95 -18.24 -6.36
C SER A 5 -11.58 -16.93 -5.67
N SER A 6 -12.27 -15.88 -6.08
CA SER A 6 -12.03 -14.55 -5.50
C SER A 6 -12.61 -14.48 -4.09
N GLY A 7 -11.91 -13.75 -3.23
CA GLY A 7 -12.34 -13.59 -1.85
C GLY A 7 -12.14 -12.15 -1.37
N GLU A 8 -12.07 -12.01 -0.06
CA GLU A 8 -11.87 -10.71 0.54
C GLU A 8 -10.72 -10.74 1.54
N GLU A 9 -10.92 -11.52 2.60
CA GLU A 9 -9.91 -11.66 3.63
C GLU A 9 -8.52 -11.77 3.00
N ASP A 10 -8.49 -12.29 1.79
CA ASP A 10 -7.24 -12.45 1.07
C ASP A 10 -6.41 -11.17 1.20
N TYR A 11 -7.11 -10.07 1.39
CA TYR A 11 -6.46 -8.77 1.54
C TYR A 11 -5.34 -8.84 2.58
N GLU A 12 -5.42 -9.87 3.42
CA GLU A 12 -4.42 -10.05 4.47
C GLU A 12 -3.47 -11.20 4.09
N GLN A 13 -3.96 -12.06 3.21
CA GLN A 13 -3.18 -13.20 2.76
C GLN A 13 -1.95 -12.71 1.98
N TRP A 14 -1.95 -11.43 1.65
CA TRP A 14 -0.85 -10.84 0.92
C TRP A 14 0.16 -10.30 1.93
N LEU A 15 -0.35 -9.96 3.10
CA LEU A 15 0.50 -9.43 4.15
C LEU A 15 1.47 -10.52 4.62
N GLU A 16 0.94 -11.73 4.76
CA GLU A 16 1.74 -12.85 5.19
C GLU A 16 3.07 -12.87 4.44
N ILE A 17 3.01 -12.49 3.18
CA ILE A 17 4.20 -12.45 2.34
C ILE A 17 4.52 -11.01 1.97
N LYS A 18 5.39 -10.40 2.75
CA LYS A 18 5.78 -9.02 2.50
C LYS A 18 6.82 -8.98 1.38
N VAL A 19 7.37 -7.80 1.18
CA VAL A 19 8.38 -7.61 0.15
C VAL A 19 9.76 -7.87 0.73
N SER A 20 10.73 -7.99 -0.16
CA SER A 20 12.11 -8.25 0.25
C SER A 20 13.00 -7.08 -0.16
N PRO A 21 14.00 -6.79 0.71
CA PRO A 21 14.17 -7.56 1.93
C PRO A 21 13.12 -7.18 2.97
N PRO A 22 13.13 -7.94 4.10
CA PRO A 22 12.18 -7.70 5.18
C PRO A 22 12.55 -6.45 5.97
N GLU A 23 13.60 -5.78 5.50
CA GLU A 23 14.06 -4.57 6.15
C GLU A 23 13.05 -3.44 5.98
N GLY A 24 12.26 -3.55 4.90
CA GLY A 24 11.25 -2.55 4.61
C GLY A 24 10.34 -2.33 5.82
N ALA A 25 10.35 -3.30 6.72
CA ALA A 25 9.53 -3.23 7.91
C ALA A 25 9.75 -1.88 8.59
N GLU A 26 10.90 -1.28 8.30
CA GLU A 26 11.24 0.00 8.87
C GLU A 26 10.51 1.13 8.15
N THR A 27 10.70 1.16 6.84
CA THR A 27 10.07 2.17 6.02
C THR A 27 8.55 2.01 6.04
N ARG A 28 8.12 0.85 6.52
CA ARG A 28 6.70 0.55 6.61
C ARG A 28 5.95 1.74 7.20
N ARG A 29 6.45 2.24 8.32
CA ARG A 29 5.84 3.36 8.99
C ARG A 29 5.73 4.56 8.04
N VAL A 30 6.62 4.56 7.04
CA VAL A 30 6.63 5.63 6.06
C VAL A 30 5.83 5.20 4.83
N ILE A 31 5.74 3.89 4.66
CA ILE A 31 5.00 3.34 3.53
C ILE A 31 3.50 3.36 3.85
N GLU A 32 3.13 2.57 4.86
CA GLU A 32 1.74 2.49 5.26
C GLU A 32 1.07 3.86 5.15
N LYS A 33 1.82 4.88 5.53
CA LYS A 33 1.32 6.25 5.48
C LYS A 33 0.64 6.48 4.13
N LEU A 34 1.39 6.22 3.07
CA LEU A 34 0.87 6.40 1.72
C LEU A 34 -0.43 5.61 1.57
N ALA A 35 -0.39 4.36 2.01
CA ALA A 35 -1.56 3.50 1.93
C ALA A 35 -2.69 4.12 2.74
N ARG A 36 -2.44 4.30 4.03
CA ARG A 36 -3.42 4.88 4.92
C ARG A 36 -4.07 6.10 4.28
N PHE A 37 -3.27 6.81 3.49
CA PHE A 37 -3.75 8.01 2.82
C PHE A 37 -4.57 7.64 1.58
N VAL A 38 -3.99 6.76 0.77
CA VAL A 38 -4.65 6.33 -0.45
C VAL A 38 -5.90 5.52 -0.08
N ALA A 39 -5.67 4.35 0.48
CA ALA A 39 -6.76 3.48 0.87
C ALA A 39 -7.88 4.32 1.50
N GLU A 40 -7.47 5.37 2.18
CA GLU A 40 -8.41 6.28 2.83
C GLU A 40 -9.39 6.84 1.80
N GLY A 41 -8.85 7.68 0.92
CA GLY A 41 -9.65 8.29 -0.12
C GLY A 41 -9.95 7.31 -1.25
N GLY A 42 -8.91 6.93 -1.96
CA GLY A 42 -9.04 6.00 -3.06
C GLY A 42 -7.88 6.14 -4.05
N PRO A 43 -8.22 5.97 -5.36
CA PRO A 43 -7.22 6.08 -6.41
C PRO A 43 -6.84 7.54 -6.66
N GLU A 44 -7.82 8.41 -6.50
CA GLU A 44 -7.61 9.84 -6.70
C GLU A 44 -6.41 10.31 -5.87
N LEU A 45 -6.20 9.64 -4.75
CA LEU A 45 -5.10 9.98 -3.87
C LEU A 45 -3.79 9.53 -4.50
N GLU A 46 -3.69 8.23 -4.73
CA GLU A 46 -2.50 7.66 -5.34
C GLU A 46 -2.00 8.56 -6.47
N LYS A 47 -2.94 9.11 -7.21
CA LYS A 47 -2.61 9.98 -8.33
C LYS A 47 -2.09 11.31 -7.79
N VAL A 48 -2.96 12.01 -7.07
CA VAL A 48 -2.60 13.30 -6.50
C VAL A 48 -1.26 13.17 -5.77
N ALA A 49 -1.17 12.13 -4.95
CA ALA A 49 0.06 11.89 -4.19
C ALA A 49 1.26 12.07 -5.11
N MET A 50 1.29 11.26 -6.16
CA MET A 50 2.38 11.32 -7.12
C MET A 50 2.69 12.77 -7.51
N GLU A 51 1.68 13.61 -7.36
CA GLU A 51 1.84 15.03 -7.69
C GLU A 51 2.21 15.83 -6.44
N ASP A 52 1.40 15.65 -5.40
CA ASP A 52 1.63 16.35 -4.15
C ASP A 52 3.04 16.06 -3.66
N TYR A 53 3.59 14.95 -4.16
CA TYR A 53 4.94 14.55 -3.78
C TYR A 53 5.89 14.61 -4.98
N LYS A 54 5.49 15.39 -5.97
CA LYS A 54 6.29 15.55 -7.17
C LYS A 54 7.77 15.59 -6.78
N ASP A 55 8.03 16.15 -5.61
CA ASP A 55 9.39 16.25 -5.12
C ASP A 55 9.54 15.40 -3.85
N ASN A 56 9.73 14.10 -4.08
CA ASN A 56 9.89 13.17 -2.97
C ASN A 56 11.36 12.74 -2.88
N PRO A 57 11.96 13.00 -1.70
CA PRO A 57 13.35 12.65 -1.47
C PRO A 57 13.50 11.15 -1.24
N ALA A 58 12.87 10.68 -0.18
CA ALA A 58 12.91 9.27 0.16
C ALA A 58 11.68 8.56 -0.41
N PHE A 59 10.69 9.36 -0.76
CA PHE A 59 9.45 8.83 -1.32
C PHE A 59 9.56 8.70 -2.83
N THR A 60 10.76 8.44 -3.29
CA THR A 60 11.00 8.29 -4.72
C THR A 60 10.51 6.92 -5.21
N PHE A 61 10.20 6.07 -4.24
CA PHE A 61 9.70 4.74 -4.55
C PHE A 61 8.36 4.80 -5.28
N LEU A 62 7.76 5.99 -5.24
CA LEU A 62 6.47 6.21 -5.88
C LEU A 62 6.63 6.04 -7.39
N HIS A 63 7.70 6.63 -7.91
CA HIS A 63 7.98 6.55 -9.34
C HIS A 63 8.86 5.35 -9.63
N ASP A 64 8.63 4.29 -8.88
CA ASP A 64 9.41 3.07 -9.04
C ASP A 64 8.51 1.85 -8.75
N LYS A 65 7.92 1.33 -9.80
CA LYS A 65 7.05 0.17 -9.68
C LYS A 65 7.83 -1.00 -9.10
N ASN A 66 8.50 -1.72 -9.98
CA ASN A 66 9.29 -2.87 -9.57
C ASN A 66 10.53 -2.38 -8.84
N SER A 67 10.30 -1.87 -7.63
CA SER A 67 11.39 -1.37 -6.81
C SER A 67 11.53 -2.22 -5.54
N ARG A 68 10.73 -1.89 -4.56
CA ARG A 68 10.75 -2.62 -3.29
C ARG A 68 9.83 -1.94 -2.28
N GLU A 69 9.72 -0.62 -2.41
CA GLU A 69 8.89 0.16 -1.51
C GLU A 69 7.48 0.32 -2.10
N PHE A 70 7.42 0.37 -3.41
CA PHE A 70 6.16 0.52 -4.11
C PHE A 70 5.31 -0.74 -3.96
N LEU A 71 5.98 -1.87 -3.91
CA LEU A 71 5.30 -3.15 -3.76
C LEU A 71 4.69 -3.24 -2.36
N TYR A 72 5.53 -3.00 -1.37
CA TYR A 72 5.08 -3.04 0.01
C TYR A 72 3.91 -2.11 0.25
N TYR A 73 3.98 -0.94 -0.38
CA TYR A 73 2.93 0.06 -0.25
C TYR A 73 1.58 -0.52 -0.66
N ARG A 74 1.63 -1.51 -1.54
CA ARG A 74 0.42 -2.15 -2.02
C ARG A 74 0.05 -3.33 -1.11
N ARG A 75 1.08 -3.99 -0.60
CA ARG A 75 0.87 -5.13 0.28
C ARG A 75 0.11 -4.70 1.54
N LYS A 76 0.38 -3.47 1.95
CA LYS A 76 -0.27 -2.92 3.13
C LYS A 76 -1.62 -2.31 2.74
N VAL A 77 -1.63 -1.72 1.55
CA VAL A 77 -2.84 -1.09 1.05
C VAL A 77 -4.03 -2.03 1.25
N ALA A 78 -3.81 -3.30 0.91
CA ALA A 78 -4.84 -4.31 1.05
C ALA A 78 -5.14 -4.52 2.54
N GLU A 79 -4.12 -4.32 3.35
CA GLU A 79 -4.26 -4.49 4.79
C GLU A 79 -5.06 -3.32 5.38
N ILE A 80 -4.56 -2.12 5.13
CA ILE A 80 -5.21 -0.92 5.63
C ILE A 80 -6.59 -0.79 4.98
N ARG A 81 -6.64 -1.11 3.70
CA ARG A 81 -7.88 -1.03 2.96
C ARG A 81 -9.01 -1.71 3.74
N LYS A 82 -8.87 -3.00 3.95
CA LYS A 82 -9.86 -3.77 4.68
C LYS A 82 -9.85 -3.34 6.15
N SER A 83 -11.00 -3.46 6.77
CA SER A 83 -11.14 -3.09 8.17
C SER A 83 -12.32 -3.84 8.80
N GLY A 84 -12.10 -5.12 9.05
CA GLY A 84 -13.13 -5.95 9.65
C GLY A 84 -14.43 -5.88 8.85
N PRO A 85 -15.51 -5.41 9.52
CA PRO A 85 -16.81 -5.29 8.88
C PRO A 85 -16.84 -4.08 7.93
N SER A 86 -18.00 -3.87 7.33
CA SER A 86 -18.18 -2.77 6.41
C SER A 86 -19.62 -2.73 5.90
N SER A 87 -20.36 -1.74 6.40
CA SER A 87 -21.75 -1.58 6.01
C SER A 87 -21.86 -0.65 4.80
N GLY A 88 -22.19 -1.25 3.67
CA GLY A 88 -22.32 -0.49 2.43
C GLY A 88 -22.22 -1.41 1.21
N GLY A 1 -13.53 -16.76 -12.74
CA GLY A 1 -13.93 -15.58 -13.50
C GLY A 1 -13.54 -14.30 -12.77
N SER A 2 -14.49 -13.37 -12.70
CA SER A 2 -14.26 -12.10 -12.04
C SER A 2 -15.57 -11.33 -11.92
N SER A 3 -16.24 -11.51 -10.79
CA SER A 3 -17.50 -10.85 -10.54
C SER A 3 -17.86 -10.93 -9.06
N GLY A 4 -18.17 -9.79 -8.48
CA GLY A 4 -18.52 -9.72 -7.07
C GLY A 4 -17.68 -8.67 -6.34
N SER A 5 -16.38 -8.90 -6.33
CA SER A 5 -15.46 -7.99 -5.68
C SER A 5 -15.79 -7.91 -4.18
N SER A 6 -15.39 -8.95 -3.47
CA SER A 6 -15.63 -9.01 -2.04
C SER A 6 -14.30 -8.93 -1.28
N GLY A 7 -14.33 -8.20 -0.17
CA GLY A 7 -13.15 -8.04 0.65
C GLY A 7 -12.62 -9.39 1.12
N GLU A 8 -11.78 -9.99 0.28
CA GLU A 8 -11.21 -11.29 0.59
C GLU A 8 -10.26 -11.16 1.79
N GLU A 9 -10.63 -11.85 2.86
CA GLU A 9 -9.82 -11.83 4.08
C GLU A 9 -8.36 -12.11 3.74
N ASP A 10 -8.15 -12.75 2.61
CA ASP A 10 -6.81 -13.09 2.17
C ASP A 10 -5.99 -11.80 2.01
N TYR A 11 -6.71 -10.69 1.97
CA TYR A 11 -6.07 -9.39 1.81
C TYR A 11 -4.89 -9.25 2.79
N GLU A 12 -5.02 -9.92 3.93
CA GLU A 12 -3.99 -9.87 4.94
C GLU A 12 -2.98 -11.00 4.73
N GLN A 13 -3.43 -12.02 4.02
CA GLN A 13 -2.59 -13.18 3.74
C GLN A 13 -1.35 -12.74 2.96
N TRP A 14 -1.42 -11.55 2.40
CA TRP A 14 -0.32 -11.00 1.62
C TRP A 14 0.74 -10.49 2.60
N LEU A 15 0.27 -10.11 3.79
CA LEU A 15 1.16 -9.61 4.81
C LEU A 15 2.14 -10.71 5.22
N GLU A 16 1.68 -11.95 5.07
CA GLU A 16 2.51 -13.09 5.42
C GLU A 16 3.81 -13.08 4.60
N ILE A 17 3.69 -12.59 3.37
CA ILE A 17 4.84 -12.51 2.48
C ILE A 17 5.25 -11.05 2.31
N LYS A 18 6.22 -10.64 3.13
CA LYS A 18 6.72 -9.28 3.10
C LYS A 18 7.53 -9.08 1.82
N VAL A 19 7.76 -7.82 1.49
CA VAL A 19 8.52 -7.49 0.30
C VAL A 19 10.00 -7.38 0.66
N SER A 20 10.84 -7.37 -0.37
CA SER A 20 12.28 -7.28 -0.17
C SER A 20 12.81 -5.99 -0.78
N PRO A 21 13.90 -5.46 -0.17
CA PRO A 21 14.50 -6.12 0.97
C PRO A 21 13.65 -5.90 2.24
N PRO A 22 14.07 -6.58 3.33
CA PRO A 22 13.36 -6.46 4.60
C PRO A 22 13.66 -5.13 5.27
N GLU A 23 14.40 -4.29 4.57
CA GLU A 23 14.76 -2.98 5.08
C GLU A 23 13.52 -2.09 5.16
N GLY A 24 12.67 -2.22 4.15
CA GLY A 24 11.45 -1.43 4.09
C GLY A 24 10.72 -1.45 5.44
N ALA A 25 10.96 -2.52 6.19
CA ALA A 25 10.34 -2.68 7.49
C ALA A 25 10.36 -1.34 8.22
N GLU A 26 11.44 -0.60 8.03
CA GLU A 26 11.59 0.70 8.65
C GLU A 26 10.64 1.71 8.02
N THR A 27 10.74 1.82 6.70
CA THR A 27 9.90 2.73 5.95
C THR A 27 8.42 2.41 6.16
N ARG A 28 8.19 1.21 6.69
CA ARG A 28 6.83 0.75 6.95
C ARG A 28 5.97 1.91 7.46
N ARG A 29 6.41 2.50 8.56
CA ARG A 29 5.69 3.61 9.15
C ARG A 29 5.35 4.65 8.09
N VAL A 30 6.29 4.86 7.17
CA VAL A 30 6.10 5.82 6.10
C VAL A 30 5.21 5.20 5.03
N ILE A 31 5.63 4.04 4.54
CA ILE A 31 4.88 3.35 3.52
C ILE A 31 3.41 3.27 3.92
N GLU A 32 3.16 2.58 5.03
CA GLU A 32 1.81 2.43 5.53
C GLU A 32 1.08 3.77 5.50
N LYS A 33 1.86 4.83 5.69
CA LYS A 33 1.29 6.17 5.68
C LYS A 33 0.61 6.43 4.34
N LEU A 34 1.34 6.16 3.27
CA LEU A 34 0.81 6.35 1.94
C LEU A 34 -0.39 5.43 1.72
N ALA A 35 -0.19 4.17 2.09
CA ALA A 35 -1.25 3.17 1.95
C ALA A 35 -2.48 3.63 2.73
N ARG A 36 -2.24 3.99 3.98
CA ARG A 36 -3.32 4.43 4.86
C ARG A 36 -3.95 5.71 4.30
N PHE A 37 -3.16 6.43 3.50
CA PHE A 37 -3.62 7.66 2.90
C PHE A 37 -4.36 7.40 1.58
N VAL A 38 -3.85 6.42 0.85
CA VAL A 38 -4.45 6.07 -0.42
C VAL A 38 -5.76 5.32 -0.18
N ALA A 39 -5.63 4.08 0.28
CA ALA A 39 -6.80 3.26 0.55
C ALA A 39 -7.88 4.12 1.22
N GLU A 40 -7.42 5.11 1.96
CA GLU A 40 -8.34 6.02 2.64
C GLU A 40 -9.25 6.70 1.63
N GLY A 41 -8.65 7.56 0.83
CA GLY A 41 -9.41 8.29 -0.18
C GLY A 41 -9.67 7.42 -1.41
N GLY A 42 -8.59 6.80 -1.91
CA GLY A 42 -8.70 5.94 -3.06
C GLY A 42 -7.55 6.20 -4.05
N PRO A 43 -7.89 6.13 -5.36
CA PRO A 43 -6.90 6.36 -6.41
C PRO A 43 -6.58 7.84 -6.54
N GLU A 44 -7.56 8.67 -6.19
CA GLU A 44 -7.39 10.11 -6.26
C GLU A 44 -6.15 10.54 -5.48
N LEU A 45 -5.89 9.81 -4.41
CA LEU A 45 -4.73 10.10 -3.56
C LEU A 45 -3.46 9.63 -4.26
N GLU A 46 -3.55 8.45 -4.85
CA GLU A 46 -2.41 7.87 -5.55
C GLU A 46 -1.97 8.80 -6.69
N LYS A 47 -2.96 9.38 -7.35
CA LYS A 47 -2.69 10.28 -8.46
C LYS A 47 -2.06 11.57 -7.91
N VAL A 48 -2.71 12.13 -6.90
CA VAL A 48 -2.24 13.35 -6.29
C VAL A 48 -0.85 13.11 -5.69
N ALA A 49 -0.74 12.01 -4.97
CA ALA A 49 0.52 11.65 -4.34
C ALA A 49 1.66 11.86 -5.34
N MET A 50 1.54 11.20 -6.47
CA MET A 50 2.55 11.30 -7.52
C MET A 50 2.97 12.76 -7.73
N GLU A 51 2.06 13.66 -7.37
CA GLU A 51 2.33 15.08 -7.52
C GLU A 51 2.85 15.67 -6.21
N ASP A 52 2.12 15.38 -5.13
CA ASP A 52 2.49 15.87 -3.82
C ASP A 52 3.98 15.61 -3.59
N TYR A 53 4.39 14.38 -3.90
CA TYR A 53 5.77 13.99 -3.74
C TYR A 53 6.49 13.93 -5.09
N LYS A 54 6.03 14.76 -6.01
CA LYS A 54 6.62 14.81 -7.34
C LYS A 54 8.14 14.85 -7.22
N ASP A 55 8.60 15.67 -6.29
CA ASP A 55 10.04 15.82 -6.06
C ASP A 55 10.36 15.42 -4.62
N ASN A 56 10.40 14.11 -4.40
CA ASN A 56 10.71 13.60 -3.07
C ASN A 56 11.73 12.46 -3.20
N PRO A 57 12.90 12.68 -2.56
CA PRO A 57 13.97 11.68 -2.59
C PRO A 57 13.64 10.51 -1.66
N ALA A 58 12.51 10.62 -0.98
CA ALA A 58 12.08 9.59 -0.07
C ALA A 58 11.02 8.71 -0.76
N PHE A 59 9.99 9.37 -1.24
CA PHE A 59 8.91 8.67 -1.93
C PHE A 59 9.25 8.44 -3.40
N THR A 60 10.53 8.22 -3.66
CA THR A 60 11.00 7.98 -5.01
C THR A 60 10.41 6.69 -5.56
N PHE A 61 9.81 5.91 -4.67
CA PHE A 61 9.21 4.65 -5.05
C PHE A 61 7.88 4.87 -5.79
N LEU A 62 7.32 6.05 -5.58
CA LEU A 62 6.06 6.41 -6.21
C LEU A 62 6.09 5.97 -7.68
N HIS A 63 6.89 6.70 -8.45
CA HIS A 63 7.02 6.41 -9.87
C HIS A 63 7.52 4.97 -10.05
N ASP A 64 8.81 4.79 -9.78
CA ASP A 64 9.43 3.49 -9.92
C ASP A 64 8.47 2.41 -9.39
N LYS A 65 7.77 1.77 -10.32
CA LYS A 65 6.83 0.74 -9.96
C LYS A 65 7.57 -0.42 -9.27
N ASN A 66 8.66 -0.83 -9.90
CA ASN A 66 9.46 -1.92 -9.36
C ASN A 66 10.29 -1.39 -8.18
N SER A 67 9.57 -0.90 -7.18
CA SER A 67 10.22 -0.37 -5.99
C SER A 67 9.76 -1.14 -4.75
N ARG A 68 10.72 -1.58 -3.96
CA ARG A 68 10.43 -2.33 -2.75
C ARG A 68 9.48 -1.52 -1.85
N GLU A 69 9.51 -0.22 -2.04
CA GLU A 69 8.67 0.67 -1.25
C GLU A 69 7.29 0.79 -1.88
N PHE A 70 7.26 0.63 -3.20
CA PHE A 70 6.00 0.71 -3.93
C PHE A 70 5.26 -0.63 -3.89
N LEU A 71 5.99 -1.67 -3.53
CA LEU A 71 5.40 -3.00 -3.45
C LEU A 71 4.68 -3.14 -2.10
N TYR A 72 5.46 -3.08 -1.03
CA TYR A 72 4.91 -3.21 0.30
C TYR A 72 3.76 -2.22 0.52
N TYR A 73 3.89 -1.06 -0.10
CA TYR A 73 2.87 -0.04 0.01
C TYR A 73 1.52 -0.53 -0.52
N ARG A 74 1.60 -1.42 -1.49
CA ARG A 74 0.40 -1.98 -2.09
C ARG A 74 0.01 -3.27 -1.39
N ARG A 75 1.01 -3.91 -0.79
CA ARG A 75 0.79 -5.16 -0.09
C ARG A 75 -0.05 -4.91 1.18
N LYS A 76 0.26 -3.81 1.85
CA LYS A 76 -0.46 -3.45 3.06
C LYS A 76 -1.75 -2.71 2.68
N VAL A 77 -1.73 -2.12 1.50
CA VAL A 77 -2.88 -1.38 1.02
C VAL A 77 -4.14 -2.24 1.20
N ALA A 78 -3.96 -3.53 0.98
CA ALA A 78 -5.07 -4.47 1.12
C ALA A 78 -5.43 -4.63 2.60
N GLU A 79 -4.40 -4.54 3.43
CA GLU A 79 -4.60 -4.66 4.86
C GLU A 79 -5.41 -3.49 5.40
N ILE A 80 -4.95 -2.29 5.06
CA ILE A 80 -5.62 -1.08 5.50
C ILE A 80 -6.96 -0.96 4.78
N ARG A 81 -6.97 -1.38 3.53
CA ARG A 81 -8.17 -1.32 2.72
C ARG A 81 -9.35 -1.93 3.48
N LYS A 82 -9.14 -3.15 3.94
CA LYS A 82 -10.18 -3.85 4.69
C LYS A 82 -10.86 -2.88 5.65
N SER A 83 -12.18 -2.97 5.68
CA SER A 83 -12.97 -2.11 6.54
C SER A 83 -12.90 -0.66 6.04
N GLY A 84 -13.25 -0.49 4.77
CA GLY A 84 -13.22 0.83 4.16
C GLY A 84 -14.52 1.58 4.45
N PRO A 85 -14.43 2.93 4.33
CA PRO A 85 -15.59 3.78 4.57
C PRO A 85 -16.58 3.71 3.41
N SER A 86 -17.18 2.54 3.26
CA SER A 86 -18.14 2.32 2.19
C SER A 86 -17.67 3.03 0.91
N SER A 87 -16.79 2.35 0.19
CA SER A 87 -16.25 2.90 -1.05
C SER A 87 -15.41 1.85 -1.76
N GLY A 88 -15.68 1.70 -3.05
CA GLY A 88 -14.95 0.73 -3.86
C GLY A 88 -14.06 1.44 -4.89
N GLY A 1 -12.32 -30.55 -6.16
CA GLY A 1 -13.62 -30.20 -6.70
C GLY A 1 -13.94 -28.73 -6.46
N SER A 2 -15.19 -28.49 -6.06
CA SER A 2 -15.64 -27.13 -5.79
C SER A 2 -14.57 -26.37 -4.99
N SER A 3 -14.43 -25.11 -5.32
CA SER A 3 -13.45 -24.26 -4.64
C SER A 3 -14.16 -23.11 -3.93
N GLY A 4 -14.85 -22.30 -4.72
CA GLY A 4 -15.58 -21.16 -4.17
C GLY A 4 -14.61 -20.04 -3.76
N SER A 5 -15.18 -18.86 -3.59
CA SER A 5 -14.39 -17.70 -3.21
C SER A 5 -14.44 -17.51 -1.69
N SER A 6 -13.54 -18.19 -1.01
CA SER A 6 -13.48 -18.11 0.45
C SER A 6 -12.09 -17.65 0.89
N GLY A 7 -12.08 -16.51 1.56
CA GLY A 7 -10.83 -15.95 2.05
C GLY A 7 -11.02 -14.50 2.52
N GLU A 8 -10.81 -13.57 1.59
CA GLU A 8 -10.95 -12.17 1.89
C GLU A 8 -9.88 -11.71 2.88
N GLU A 9 -10.04 -12.14 4.12
CA GLU A 9 -9.10 -11.79 5.17
C GLU A 9 -7.67 -12.00 4.68
N ASP A 10 -7.54 -12.89 3.70
CA ASP A 10 -6.23 -13.19 3.13
C ASP A 10 -5.49 -11.87 2.85
N TYR A 11 -6.26 -10.82 2.66
CA TYR A 11 -5.69 -9.51 2.38
C TYR A 11 -4.59 -9.18 3.38
N GLU A 12 -4.66 -9.83 4.53
CA GLU A 12 -3.67 -9.61 5.59
C GLU A 12 -2.59 -10.69 5.53
N GLN A 13 -2.95 -11.81 4.93
CA GLN A 13 -2.02 -12.92 4.80
C GLN A 13 -0.77 -12.49 4.01
N TRP A 14 -0.91 -11.37 3.32
CA TRP A 14 0.18 -10.84 2.53
C TRP A 14 1.19 -10.19 3.48
N LEU A 15 0.72 -9.89 4.68
CA LEU A 15 1.56 -9.27 5.68
C LEU A 15 2.56 -10.30 6.22
N GLU A 16 2.17 -11.57 6.08
CA GLU A 16 3.02 -12.66 6.54
C GLU A 16 4.34 -12.67 5.76
N ILE A 17 4.25 -12.26 4.51
CA ILE A 17 5.44 -12.20 3.66
C ILE A 17 5.77 -10.75 3.33
N LYS A 18 6.67 -10.19 4.14
CA LYS A 18 7.08 -8.81 3.94
C LYS A 18 7.73 -8.67 2.57
N VAL A 19 7.86 -7.42 2.13
CA VAL A 19 8.45 -7.13 0.84
C VAL A 19 9.97 -7.01 1.00
N SER A 20 10.68 -7.75 0.16
CA SER A 20 12.13 -7.74 0.21
C SER A 20 12.67 -6.64 -0.71
N PRO A 21 13.85 -6.07 -0.29
CA PRO A 21 14.50 -6.52 0.93
C PRO A 21 13.77 -5.99 2.16
N PRO A 22 14.25 -6.45 3.35
CA PRO A 22 13.65 -6.03 4.61
C PRO A 22 14.05 -4.60 4.96
N GLU A 23 14.78 -3.98 4.04
CA GLU A 23 15.24 -2.62 4.24
C GLU A 23 14.05 -1.65 4.22
N GLY A 24 13.08 -1.96 3.37
CA GLY A 24 11.90 -1.14 3.24
C GLY A 24 11.09 -1.14 4.54
N ALA A 25 11.45 -2.06 5.42
CA ALA A 25 10.77 -2.18 6.70
C ALA A 25 10.45 -0.78 7.24
N GLU A 26 11.49 -0.12 7.73
CA GLU A 26 11.34 1.22 8.28
C GLU A 26 10.38 2.04 7.41
N THR A 27 10.70 2.10 6.12
CA THR A 27 9.87 2.83 5.19
C THR A 27 8.38 2.58 5.46
N ARG A 28 8.09 1.34 5.80
CA ARG A 28 6.72 0.95 6.09
C ARG A 28 6.01 2.05 6.89
N ARG A 29 6.80 2.79 7.65
CA ARG A 29 6.27 3.87 8.47
C ARG A 29 5.63 4.94 7.58
N VAL A 30 6.36 5.32 6.53
CA VAL A 30 5.87 6.32 5.60
C VAL A 30 4.86 5.68 4.66
N ILE A 31 5.14 4.43 4.29
CA ILE A 31 4.26 3.70 3.39
C ILE A 31 2.87 3.57 4.03
N GLU A 32 2.86 2.99 5.22
CA GLU A 32 1.61 2.80 5.95
C GLU A 32 0.78 4.09 5.90
N LYS A 33 1.47 5.21 5.79
CA LYS A 33 0.80 6.50 5.73
C LYS A 33 0.19 6.68 4.35
N LEU A 34 0.95 6.32 3.33
CA LEU A 34 0.48 6.44 1.96
C LEU A 34 -0.61 5.41 1.70
N ALA A 35 -0.38 4.21 2.22
CA ALA A 35 -1.34 3.13 2.05
C ALA A 35 -2.69 3.56 2.62
N ARG A 36 -2.65 4.14 3.81
CA ARG A 36 -3.86 4.59 4.48
C ARG A 36 -4.52 5.71 3.65
N PHE A 37 -3.77 6.79 3.46
CA PHE A 37 -4.27 7.91 2.69
C PHE A 37 -4.94 7.45 1.40
N VAL A 38 -4.25 6.54 0.71
CA VAL A 38 -4.76 6.01 -0.53
C VAL A 38 -6.02 5.19 -0.26
N ALA A 39 -5.81 4.00 0.29
CA ALA A 39 -6.91 3.11 0.60
C ALA A 39 -8.09 3.93 1.14
N GLU A 40 -7.75 5.03 1.81
CA GLU A 40 -8.76 5.91 2.36
C GLU A 40 -9.65 6.47 1.25
N GLY A 41 -9.02 7.24 0.38
CA GLY A 41 -9.75 7.85 -0.74
C GLY A 41 -9.81 6.89 -1.93
N GLY A 42 -8.66 6.68 -2.54
CA GLY A 42 -8.57 5.79 -3.69
C GLY A 42 -7.32 6.08 -4.52
N PRO A 43 -7.47 6.00 -5.86
CA PRO A 43 -6.37 6.25 -6.77
C PRO A 43 -6.06 7.76 -6.86
N GLU A 44 -7.10 8.55 -6.66
CA GLU A 44 -6.96 10.00 -6.72
C GLU A 44 -5.87 10.46 -5.76
N LEU A 45 -5.74 9.73 -4.67
CA LEU A 45 -4.75 10.06 -3.66
C LEU A 45 -3.37 9.60 -4.15
N GLU A 46 -3.34 8.43 -4.76
CA GLU A 46 -2.10 7.88 -5.28
C GLU A 46 -1.47 8.84 -6.27
N LYS A 47 -2.32 9.40 -7.14
CA LYS A 47 -1.85 10.33 -8.15
C LYS A 47 -1.35 11.60 -7.46
N VAL A 48 -2.20 12.16 -6.61
CA VAL A 48 -1.86 13.37 -5.89
C VAL A 48 -0.58 13.13 -5.08
N ALA A 49 -0.47 11.92 -4.55
CA ALA A 49 0.69 11.55 -3.76
C ALA A 49 1.96 11.79 -4.57
N MET A 50 1.95 11.30 -5.80
CA MET A 50 3.09 11.47 -6.69
C MET A 50 3.42 12.95 -6.88
N GLU A 51 2.42 13.77 -6.67
CA GLU A 51 2.59 15.21 -6.82
C GLU A 51 3.19 15.82 -5.55
N ASP A 52 2.61 15.44 -4.42
CA ASP A 52 3.08 15.92 -3.14
C ASP A 52 4.59 15.70 -3.03
N TYR A 53 5.00 14.50 -3.42
CA TYR A 53 6.41 14.15 -3.37
C TYR A 53 7.03 14.18 -4.77
N LYS A 54 6.41 14.96 -5.63
CA LYS A 54 6.89 15.10 -7.00
C LYS A 54 8.42 15.18 -6.99
N ASP A 55 8.94 15.86 -5.98
CA ASP A 55 10.38 16.02 -5.85
C ASP A 55 10.81 15.56 -4.46
N ASN A 56 10.61 14.27 -4.22
CA ASN A 56 10.97 13.69 -2.93
C ASN A 56 11.69 12.35 -3.17
N PRO A 57 12.95 12.29 -2.67
CA PRO A 57 13.75 11.08 -2.82
C PRO A 57 13.27 9.98 -1.86
N ALA A 58 12.53 10.41 -0.85
CA ALA A 58 12.01 9.48 0.14
C ALA A 58 10.77 8.79 -0.42
N PHE A 59 9.94 9.57 -1.09
CA PHE A 59 8.73 9.05 -1.68
C PHE A 59 8.91 8.78 -3.18
N THR A 60 10.17 8.60 -3.56
CA THR A 60 10.50 8.35 -4.96
C THR A 60 10.02 6.95 -5.37
N PHE A 61 9.67 6.17 -4.37
CA PHE A 61 9.19 4.82 -4.61
C PHE A 61 7.91 4.83 -5.44
N LEU A 62 7.05 5.79 -5.14
CA LEU A 62 5.79 5.93 -5.84
C LEU A 62 6.02 5.65 -7.33
N HIS A 63 6.72 6.56 -7.97
CA HIS A 63 7.01 6.44 -9.39
C HIS A 63 7.59 5.05 -9.67
N ASP A 64 8.85 4.88 -9.28
CA ASP A 64 9.53 3.61 -9.47
C ASP A 64 8.67 2.48 -8.92
N LYS A 65 7.92 1.84 -9.82
CA LYS A 65 7.05 0.74 -9.44
C LYS A 65 7.91 -0.42 -8.93
N ASN A 66 8.54 -1.10 -9.87
CA ASN A 66 9.38 -2.24 -9.54
C ASN A 66 10.63 -1.74 -8.80
N SER A 67 10.40 -1.25 -7.59
CA SER A 67 11.49 -0.74 -6.78
C SER A 67 11.76 -1.71 -5.61
N ARG A 68 10.83 -1.71 -4.66
CA ARG A 68 10.98 -2.58 -3.50
C ARG A 68 9.96 -2.16 -2.42
N GLU A 69 9.68 -0.87 -2.38
CA GLU A 69 8.74 -0.34 -1.41
C GLU A 69 7.33 -0.30 -2.00
N PHE A 70 7.27 0.04 -3.28
CA PHE A 70 6.00 0.12 -3.98
C PHE A 70 5.21 -1.18 -3.85
N LEU A 71 5.94 -2.28 -3.93
CA LEU A 71 5.32 -3.60 -3.82
C LEU A 71 4.66 -3.73 -2.44
N TYR A 72 5.38 -3.27 -1.43
CA TYR A 72 4.87 -3.34 -0.07
C TYR A 72 3.64 -2.44 0.10
N TYR A 73 3.77 -1.22 -0.39
CA TYR A 73 2.68 -0.26 -0.30
C TYR A 73 1.34 -0.93 -0.62
N ARG A 74 1.29 -1.58 -1.77
CA ARG A 74 0.09 -2.26 -2.20
C ARG A 74 -0.27 -3.38 -1.23
N ARG A 75 0.76 -4.00 -0.67
CA ARG A 75 0.57 -5.07 0.27
C ARG A 75 -0.27 -4.60 1.46
N LYS A 76 0.36 -3.84 2.34
CA LYS A 76 -0.32 -3.32 3.51
C LYS A 76 -1.61 -2.62 3.08
N VAL A 77 -1.55 -2.00 1.91
CA VAL A 77 -2.70 -1.30 1.38
C VAL A 77 -3.93 -2.18 1.50
N ALA A 78 -3.69 -3.48 1.55
CA ALA A 78 -4.77 -4.45 1.65
C ALA A 78 -5.21 -4.54 3.12
N GLU A 79 -4.22 -4.55 4.00
CA GLU A 79 -4.50 -4.63 5.43
C GLU A 79 -5.33 -3.43 5.89
N ILE A 80 -4.91 -2.26 5.44
CA ILE A 80 -5.61 -1.03 5.79
C ILE A 80 -6.95 -0.98 5.04
N ARG A 81 -6.91 -1.45 3.81
CA ARG A 81 -8.11 -1.46 2.98
C ARG A 81 -9.29 -2.04 3.76
N LYS A 82 -9.19 -3.32 4.04
CA LYS A 82 -10.24 -4.01 4.78
C LYS A 82 -10.68 -3.13 5.97
N SER A 83 -9.70 -2.76 6.78
CA SER A 83 -9.98 -1.93 7.94
C SER A 83 -9.47 -0.50 7.69
N GLY A 84 -10.22 0.23 6.89
CA GLY A 84 -9.86 1.61 6.57
C GLY A 84 -11.03 2.55 6.80
N PRO A 85 -11.67 2.95 5.67
CA PRO A 85 -12.80 3.86 5.73
C PRO A 85 -14.06 3.13 6.21
N SER A 86 -14.78 2.57 5.26
CA SER A 86 -16.00 1.84 5.57
C SER A 86 -16.72 1.45 4.28
N SER A 87 -17.62 0.48 4.41
CA SER A 87 -18.38 0.01 3.27
C SER A 87 -19.52 -0.90 3.73
N GLY A 88 -20.67 -0.70 3.13
CA GLY A 88 -21.85 -1.50 3.47
C GLY A 88 -23.08 -0.61 3.63
N GLY A 1 -8.72 -24.17 -10.53
CA GLY A 1 -8.13 -22.95 -11.04
C GLY A 1 -9.17 -22.09 -11.76
N SER A 2 -9.61 -21.05 -11.05
CA SER A 2 -10.61 -20.15 -11.61
C SER A 2 -11.92 -20.89 -11.84
N SER A 3 -12.85 -20.69 -10.92
CA SER A 3 -14.15 -21.33 -11.03
C SER A 3 -15.05 -20.89 -9.87
N GLY A 4 -14.59 -21.19 -8.66
CA GLY A 4 -15.34 -20.82 -7.47
C GLY A 4 -14.45 -20.86 -6.23
N SER A 5 -14.29 -19.70 -5.62
CA SER A 5 -13.46 -19.60 -4.42
C SER A 5 -13.49 -18.16 -3.89
N SER A 6 -14.50 -17.86 -3.10
CA SER A 6 -14.64 -16.53 -2.53
C SER A 6 -13.72 -16.38 -1.33
N GLY A 7 -12.86 -15.38 -1.41
CA GLY A 7 -11.91 -15.11 -0.33
C GLY A 7 -11.26 -13.73 -0.51
N GLU A 8 -11.99 -12.71 -0.09
CA GLU A 8 -11.50 -11.35 -0.19
C GLU A 8 -10.67 -10.99 1.05
N GLU A 9 -10.89 -11.76 2.11
CA GLU A 9 -10.17 -11.53 3.35
C GLU A 9 -8.68 -11.82 3.16
N ASP A 10 -8.36 -12.39 2.01
CA ASP A 10 -6.98 -12.73 1.70
C ASP A 10 -6.17 -11.43 1.59
N TYR A 11 -6.87 -10.32 1.55
CA TYR A 11 -6.23 -9.02 1.45
C TYR A 11 -5.13 -8.87 2.50
N GLU A 12 -5.24 -9.68 3.54
CA GLU A 12 -4.27 -9.65 4.62
C GLU A 12 -3.27 -10.80 4.46
N GLN A 13 -3.67 -11.80 3.70
CA GLN A 13 -2.82 -12.95 3.46
C GLN A 13 -1.55 -12.54 2.72
N TRP A 14 -1.56 -11.31 2.23
CA TRP A 14 -0.43 -10.77 1.50
C TRP A 14 0.57 -10.23 2.51
N LEU A 15 0.03 -9.62 3.56
CA LEU A 15 0.86 -9.05 4.61
C LEU A 15 1.76 -10.14 5.19
N GLU A 16 1.17 -11.32 5.34
CA GLU A 16 1.90 -12.45 5.88
C GLU A 16 3.28 -12.56 5.23
N ILE A 17 3.34 -12.15 3.96
CA ILE A 17 4.59 -12.19 3.22
C ILE A 17 5.04 -10.77 2.92
N LYS A 18 5.90 -10.25 3.78
CA LYS A 18 6.42 -8.91 3.61
C LYS A 18 7.26 -8.85 2.34
N VAL A 19 7.48 -7.62 1.87
CA VAL A 19 8.27 -7.40 0.67
C VAL A 19 9.75 -7.33 1.05
N SER A 20 10.59 -7.58 0.05
CA SER A 20 12.03 -7.54 0.26
C SER A 20 12.61 -6.30 -0.44
N PRO A 21 13.78 -5.84 0.11
CA PRO A 21 14.39 -6.50 1.25
C PRO A 21 13.62 -6.18 2.53
N PRO A 22 14.06 -6.85 3.64
CA PRO A 22 13.43 -6.64 4.93
C PRO A 22 13.85 -5.30 5.54
N GLU A 23 14.62 -4.56 4.76
CA GLU A 23 15.10 -3.25 5.21
C GLU A 23 13.98 -2.23 5.14
N GLY A 24 12.92 -2.59 4.45
CA GLY A 24 11.76 -1.72 4.31
C GLY A 24 10.80 -1.88 5.49
N ALA A 25 11.03 -2.93 6.26
CA ALA A 25 10.20 -3.20 7.41
C ALA A 25 9.87 -1.89 8.12
N GLU A 26 10.91 -1.23 8.61
CA GLU A 26 10.75 0.03 9.31
C GLU A 26 10.08 1.05 8.39
N THR A 27 10.62 1.18 7.19
CA THR A 27 10.10 2.12 6.22
C THR A 27 8.57 2.08 6.22
N ARG A 28 8.04 0.91 6.53
CA ARG A 28 6.59 0.72 6.57
C ARG A 28 5.93 1.91 7.26
N ARG A 29 6.69 2.55 8.13
CA ARG A 29 6.18 3.70 8.86
C ARG A 29 5.86 4.85 7.89
N VAL A 30 6.75 5.02 6.92
CA VAL A 30 6.57 6.07 5.94
C VAL A 30 5.65 5.58 4.83
N ILE A 31 5.74 4.28 4.56
CA ILE A 31 4.91 3.66 3.53
C ILE A 31 3.45 3.70 3.97
N GLU A 32 3.19 3.09 5.13
CA GLU A 32 1.84 3.04 5.67
C GLU A 32 1.11 4.34 5.36
N LYS A 33 1.85 5.44 5.39
CA LYS A 33 1.28 6.75 5.11
C LYS A 33 0.46 6.68 3.83
N LEU A 34 1.11 6.21 2.77
CA LEU A 34 0.45 6.08 1.48
C LEU A 34 -0.68 5.06 1.58
N ALA A 35 -0.37 3.96 2.25
CA ALA A 35 -1.35 2.89 2.42
C ALA A 35 -2.64 3.48 3.01
N ARG A 36 -2.47 4.32 4.01
CA ARG A 36 -3.60 4.96 4.66
C ARG A 36 -4.23 6.01 3.74
N PHE A 37 -3.41 7.00 3.39
CA PHE A 37 -3.87 8.07 2.52
C PHE A 37 -4.66 7.51 1.34
N VAL A 38 -4.08 6.50 0.69
CA VAL A 38 -4.72 5.87 -0.45
C VAL A 38 -6.07 5.28 -0.02
N ALA A 39 -5.98 4.15 0.67
CA ALA A 39 -7.18 3.48 1.15
C ALA A 39 -8.17 4.52 1.68
N GLU A 40 -7.63 5.53 2.36
CA GLU A 40 -8.45 6.59 2.91
C GLU A 40 -9.40 7.14 1.84
N GLY A 41 -8.80 7.79 0.84
CA GLY A 41 -9.57 8.36 -0.24
C GLY A 41 -9.84 7.32 -1.33
N GLY A 42 -8.76 6.84 -1.92
CA GLY A 42 -8.87 5.84 -2.97
C GLY A 42 -7.71 5.96 -3.96
N PRO A 43 -8.06 5.80 -5.27
CA PRO A 43 -7.06 5.90 -6.32
C PRO A 43 -6.65 7.35 -6.57
N GLU A 44 -7.61 8.24 -6.40
CA GLU A 44 -7.36 9.66 -6.59
C GLU A 44 -6.18 10.12 -5.74
N LEU A 45 -6.01 9.45 -4.61
CA LEU A 45 -4.91 9.78 -3.70
C LEU A 45 -3.60 9.29 -4.31
N GLU A 46 -3.57 8.00 -4.63
CA GLU A 46 -2.38 7.40 -5.22
C GLU A 46 -1.87 8.27 -6.38
N LYS A 47 -2.79 9.00 -6.98
CA LYS A 47 -2.45 9.86 -8.09
C LYS A 47 -1.92 11.19 -7.56
N VAL A 48 -2.68 11.78 -6.66
CA VAL A 48 -2.30 13.06 -6.06
C VAL A 48 -0.97 12.88 -5.32
N ALA A 49 -0.79 11.69 -4.75
CA ALA A 49 0.42 11.39 -4.01
C ALA A 49 1.64 11.64 -4.91
N MET A 50 1.55 11.15 -6.13
CA MET A 50 2.62 11.31 -7.09
C MET A 50 2.84 12.79 -7.43
N GLU A 51 1.85 13.59 -7.07
CA GLU A 51 1.91 15.02 -7.33
C GLU A 51 2.57 15.75 -6.16
N ASP A 52 2.15 15.36 -4.96
CA ASP A 52 2.69 15.96 -3.74
C ASP A 52 4.16 15.58 -3.61
N TYR A 53 4.47 14.35 -3.97
CA TYR A 53 5.83 13.86 -3.91
C TYR A 53 6.47 13.82 -5.29
N LYS A 54 5.87 14.56 -6.22
CA LYS A 54 6.38 14.62 -7.57
C LYS A 54 7.87 14.93 -7.55
N ASP A 55 8.28 15.60 -6.49
CA ASP A 55 9.69 15.96 -6.33
C ASP A 55 10.16 15.57 -4.92
N ASN A 56 10.10 14.27 -4.66
CA ASN A 56 10.51 13.75 -3.37
C ASN A 56 11.39 12.52 -3.57
N PRO A 57 12.65 12.63 -3.07
CA PRO A 57 13.61 11.54 -3.20
C PRO A 57 13.28 10.42 -2.21
N ALA A 58 12.61 10.80 -1.13
CA ALA A 58 12.23 9.83 -0.12
C ALA A 58 11.06 8.99 -0.63
N PHE A 59 10.08 9.68 -1.17
CA PHE A 59 8.90 9.00 -1.69
C PHE A 59 9.02 8.79 -3.21
N THR A 60 10.26 8.79 -3.68
CA THR A 60 10.52 8.60 -5.09
C THR A 60 10.14 7.18 -5.51
N PHE A 61 9.88 6.34 -4.52
CA PHE A 61 9.50 4.97 -4.77
C PHE A 61 8.15 4.89 -5.50
N LEU A 62 7.45 6.01 -5.48
CA LEU A 62 6.15 6.09 -6.13
C LEU A 62 6.30 5.75 -7.62
N HIS A 63 7.11 6.55 -8.29
CA HIS A 63 7.36 6.35 -9.71
C HIS A 63 8.25 5.13 -9.91
N ASP A 64 7.71 3.97 -9.55
CA ASP A 64 8.45 2.72 -9.68
C ASP A 64 7.53 1.55 -9.33
N LYS A 65 7.24 0.76 -10.34
CA LYS A 65 6.37 -0.40 -10.15
C LYS A 65 7.22 -1.67 -10.16
N ASN A 66 8.32 -1.61 -9.42
CA ASN A 66 9.22 -2.75 -9.34
C ASN A 66 10.49 -2.33 -8.60
N SER A 67 10.31 -1.57 -7.54
CA SER A 67 11.41 -1.10 -6.74
C SER A 67 11.57 -1.96 -5.49
N ARG A 68 10.77 -1.64 -4.48
CA ARG A 68 10.81 -2.38 -3.23
C ARG A 68 9.86 -1.74 -2.21
N GLU A 69 9.71 -0.43 -2.34
CA GLU A 69 8.83 0.31 -1.43
C GLU A 69 7.42 0.39 -2.02
N PHE A 70 7.36 0.53 -3.33
CA PHE A 70 6.08 0.61 -4.02
C PHE A 70 5.34 -0.72 -3.98
N LEU A 71 6.12 -1.79 -3.83
CA LEU A 71 5.56 -3.13 -3.77
C LEU A 71 4.84 -3.32 -2.43
N TYR A 72 5.62 -3.18 -1.36
CA TYR A 72 5.08 -3.34 -0.03
C TYR A 72 3.89 -2.41 0.20
N TYR A 73 3.97 -1.23 -0.39
CA TYR A 73 2.91 -0.25 -0.27
C TYR A 73 1.55 -0.86 -0.63
N ARG A 74 1.48 -1.38 -1.85
CA ARG A 74 0.26 -1.99 -2.34
C ARG A 74 -0.06 -3.24 -1.52
N ARG A 75 0.95 -3.71 -0.79
CA ARG A 75 0.78 -4.90 0.04
C ARG A 75 0.21 -4.52 1.40
N LYS A 76 0.41 -3.25 1.77
CA LYS A 76 -0.08 -2.76 3.04
C LYS A 76 -1.45 -2.14 2.84
N VAL A 77 -1.60 -1.42 1.73
CA VAL A 77 -2.86 -0.77 1.42
C VAL A 77 -3.99 -1.78 1.53
N ALA A 78 -3.77 -2.95 0.94
CA ALA A 78 -4.77 -4.00 0.97
C ALA A 78 -5.18 -4.27 2.41
N GLU A 79 -4.18 -4.35 3.29
CA GLU A 79 -4.43 -4.59 4.70
C GLU A 79 -5.35 -3.52 5.27
N ILE A 80 -4.83 -2.30 5.30
CA ILE A 80 -5.59 -1.18 5.82
C ILE A 80 -6.90 -1.05 5.05
N ARG A 81 -6.80 -1.24 3.74
CA ARG A 81 -7.97 -1.15 2.88
C ARG A 81 -9.15 -1.88 3.50
N LYS A 82 -9.03 -3.20 3.57
CA LYS A 82 -10.07 -4.02 4.14
C LYS A 82 -10.26 -3.65 5.62
N SER A 83 -11.52 -3.63 6.04
CA SER A 83 -11.85 -3.29 7.41
C SER A 83 -12.33 -4.54 8.15
N GLY A 84 -13.19 -5.29 7.49
CA GLY A 84 -13.74 -6.50 8.07
C GLY A 84 -15.18 -6.73 7.62
N PRO A 85 -16.11 -5.98 8.27
CA PRO A 85 -17.52 -6.10 7.94
C PRO A 85 -17.84 -5.41 6.62
N SER A 86 -18.14 -4.12 6.72
CA SER A 86 -18.46 -3.33 5.54
C SER A 86 -18.85 -1.91 5.94
N SER A 87 -18.13 -0.95 5.38
CA SER A 87 -18.40 0.45 5.68
C SER A 87 -19.40 1.01 4.68
N GLY A 88 -20.61 1.26 5.18
CA GLY A 88 -21.67 1.80 4.35
C GLY A 88 -21.16 2.95 3.48
N GLY A 1 -5.89 -24.86 -2.86
CA GLY A 1 -6.61 -23.62 -3.02
C GLY A 1 -8.11 -23.87 -3.25
N SER A 2 -8.81 -22.80 -3.58
CA SER A 2 -10.24 -22.90 -3.84
C SER A 2 -10.53 -22.53 -5.28
N SER A 3 -11.56 -23.16 -5.83
CA SER A 3 -11.96 -22.91 -7.21
C SER A 3 -11.86 -21.42 -7.51
N GLY A 4 -11.51 -21.13 -8.76
CA GLY A 4 -11.37 -19.75 -9.20
C GLY A 4 -10.54 -18.94 -8.20
N SER A 5 -10.80 -17.64 -8.18
CA SER A 5 -10.08 -16.74 -7.29
C SER A 5 -11.07 -16.06 -6.34
N SER A 6 -10.89 -16.34 -5.05
CA SER A 6 -11.75 -15.77 -4.03
C SER A 6 -10.92 -14.94 -3.05
N GLY A 7 -10.75 -13.67 -3.39
CA GLY A 7 -9.98 -12.77 -2.56
C GLY A 7 -10.89 -12.01 -1.59
N GLU A 8 -10.71 -12.29 -0.31
CA GLU A 8 -11.50 -11.65 0.72
C GLU A 8 -10.61 -11.28 1.92
N GLU A 9 -10.37 -12.27 2.76
CA GLU A 9 -9.55 -12.06 3.94
C GLU A 9 -8.07 -12.25 3.60
N ASP A 10 -7.83 -12.79 2.41
CA ASP A 10 -6.47 -13.02 1.95
C ASP A 10 -5.72 -11.69 1.89
N TYR A 11 -6.49 -10.61 1.92
CA TYR A 11 -5.90 -9.29 1.87
C TYR A 11 -4.75 -9.16 2.87
N GLU A 12 -4.82 -9.98 3.91
CA GLU A 12 -3.80 -9.96 4.94
C GLU A 12 -2.75 -11.05 4.67
N GLN A 13 -3.17 -12.05 3.92
CA GLN A 13 -2.29 -13.16 3.58
C GLN A 13 -1.05 -12.64 2.85
N TRP A 14 -1.17 -11.43 2.31
CA TRP A 14 -0.08 -10.82 1.58
C TRP A 14 0.97 -10.36 2.61
N LEU A 15 0.47 -9.89 3.74
CA LEU A 15 1.34 -9.43 4.80
C LEU A 15 2.32 -10.54 5.18
N GLU A 16 1.93 -11.76 4.87
CA GLU A 16 2.76 -12.91 5.17
C GLU A 16 4.07 -12.84 4.39
N ILE A 17 3.95 -12.45 3.12
CA ILE A 17 5.12 -12.33 2.27
C ILE A 17 5.49 -10.85 2.13
N LYS A 18 6.42 -10.43 2.98
CA LYS A 18 6.88 -9.05 2.97
C LYS A 18 7.78 -8.84 1.75
N VAL A 19 7.92 -7.57 1.39
CA VAL A 19 8.75 -7.21 0.24
C VAL A 19 10.20 -7.04 0.70
N SER A 20 11.11 -7.18 -0.25
CA SER A 20 12.52 -7.05 0.04
C SER A 20 13.07 -5.78 -0.62
N PRO A 21 14.17 -5.24 -0.02
CA PRO A 21 14.73 -5.85 1.18
C PRO A 21 13.86 -5.57 2.41
N PRO A 22 14.25 -6.20 3.55
CA PRO A 22 13.52 -6.03 4.78
C PRO A 22 13.80 -4.66 5.41
N GLU A 23 14.57 -3.87 4.67
CA GLU A 23 14.92 -2.54 5.14
C GLU A 23 13.68 -1.63 5.15
N GLY A 24 12.91 -1.73 4.09
CA GLY A 24 11.70 -0.94 3.95
C GLY A 24 10.77 -1.16 5.15
N ALA A 25 11.00 -2.26 5.84
CA ALA A 25 10.19 -2.60 7.00
C ALA A 25 10.02 -1.36 7.87
N GLU A 26 11.14 -0.71 8.15
CA GLU A 26 11.12 0.49 8.97
C GLU A 26 10.42 1.63 8.24
N THR A 27 10.71 1.73 6.95
CA THR A 27 10.11 2.77 6.12
C THR A 27 8.59 2.63 6.10
N ARG A 28 8.13 1.46 6.54
CA ARG A 28 6.71 1.20 6.58
C ARG A 28 5.96 2.38 7.20
N ARG A 29 6.58 2.99 8.19
CA ARG A 29 5.99 4.13 8.86
C ARG A 29 5.63 5.22 7.84
N VAL A 30 6.38 5.23 6.75
CA VAL A 30 6.16 6.22 5.71
C VAL A 30 5.26 5.60 4.62
N ILE A 31 5.34 4.28 4.51
CA ILE A 31 4.53 3.58 3.53
C ILE A 31 3.09 3.52 4.01
N GLU A 32 2.91 2.96 5.20
CA GLU A 32 1.59 2.84 5.78
C GLU A 32 0.77 4.10 5.52
N LYS A 33 1.46 5.23 5.62
CA LYS A 33 0.81 6.52 5.39
C LYS A 33 0.26 6.57 3.97
N LEU A 34 1.10 6.17 3.02
CA LEU A 34 0.71 6.17 1.63
C LEU A 34 -0.45 5.18 1.44
N ALA A 35 -0.24 3.97 1.93
CA ALA A 35 -1.25 2.93 1.81
C ALA A 35 -2.53 3.39 2.50
N ARG A 36 -2.34 4.03 3.66
CA ARG A 36 -3.47 4.52 4.42
C ARG A 36 -4.22 5.61 3.64
N PHE A 37 -3.54 6.75 3.49
CA PHE A 37 -4.12 7.86 2.76
C PHE A 37 -4.80 7.39 1.48
N VAL A 38 -4.11 6.51 0.77
CA VAL A 38 -4.63 5.98 -0.47
C VAL A 38 -5.94 5.23 -0.20
N ALA A 39 -5.79 4.03 0.35
CA ALA A 39 -6.94 3.21 0.67
C ALA A 39 -8.00 4.06 1.36
N GLU A 40 -7.53 5.11 2.01
CA GLU A 40 -8.42 6.01 2.72
C GLU A 40 -9.35 6.72 1.73
N GLY A 41 -8.74 7.50 0.84
CA GLY A 41 -9.49 8.23 -0.15
C GLY A 41 -9.80 7.35 -1.37
N GLY A 42 -8.74 6.89 -2.00
CA GLY A 42 -8.88 6.04 -3.17
C GLY A 42 -7.67 6.16 -4.09
N PRO A 43 -7.95 6.12 -5.42
CA PRO A 43 -6.89 6.22 -6.42
C PRO A 43 -6.39 7.67 -6.53
N GLU A 44 -7.35 8.59 -6.62
CA GLU A 44 -7.01 9.99 -6.73
C GLU A 44 -5.88 10.35 -5.77
N LEU A 45 -5.85 9.65 -4.65
CA LEU A 45 -4.82 9.88 -3.64
C LEU A 45 -3.47 9.44 -4.20
N GLU A 46 -3.45 8.25 -4.78
CA GLU A 46 -2.24 7.70 -5.36
C GLU A 46 -1.71 8.63 -6.45
N LYS A 47 -2.64 9.29 -7.13
CA LYS A 47 -2.28 10.20 -8.20
C LYS A 47 -1.70 11.48 -7.61
N VAL A 48 -2.28 11.88 -6.48
CA VAL A 48 -1.82 13.09 -5.80
C VAL A 48 -0.53 12.79 -5.05
N ALA A 49 -0.47 11.59 -4.48
CA ALA A 49 0.70 11.18 -3.74
C ALA A 49 1.95 11.36 -4.61
N MET A 50 1.82 10.95 -5.86
CA MET A 50 2.92 11.06 -6.81
C MET A 50 3.22 12.53 -7.14
N GLU A 51 2.29 13.39 -6.73
CA GLU A 51 2.44 14.81 -6.98
C GLU A 51 2.99 15.51 -5.73
N ASP A 52 2.49 15.08 -4.58
CA ASP A 52 2.92 15.65 -3.32
C ASP A 52 4.41 15.38 -3.12
N TYR A 53 4.81 14.16 -3.46
CA TYR A 53 6.21 13.76 -3.32
C TYR A 53 6.87 13.63 -4.70
N LYS A 54 6.39 14.43 -5.63
CA LYS A 54 6.93 14.42 -6.98
C LYS A 54 8.46 14.55 -6.93
N ASP A 55 8.90 15.57 -6.21
CA ASP A 55 10.33 15.83 -6.07
C ASP A 55 10.78 15.36 -4.69
N ASN A 56 10.71 14.06 -4.48
CA ASN A 56 11.11 13.48 -3.21
C ASN A 56 11.97 12.24 -3.47
N PRO A 57 13.22 12.29 -2.96
CA PRO A 57 14.14 11.18 -3.13
C PRO A 57 13.78 10.01 -2.20
N ALA A 58 12.88 10.30 -1.27
CA ALA A 58 12.44 9.30 -0.32
C ALA A 58 11.21 8.58 -0.87
N PHE A 59 10.31 9.37 -1.44
CA PHE A 59 9.08 8.84 -2.01
C PHE A 59 9.20 8.69 -3.53
N THR A 60 10.45 8.65 -4.00
CA THR A 60 10.70 8.51 -5.41
C THR A 60 10.24 7.15 -5.91
N PHE A 61 9.95 6.27 -4.96
CA PHE A 61 9.50 4.93 -5.29
C PHE A 61 8.16 4.96 -6.01
N LEU A 62 7.34 5.93 -5.63
CA LEU A 62 6.03 6.08 -6.24
C LEU A 62 6.15 5.93 -7.74
N HIS A 63 7.03 6.73 -8.32
CA HIS A 63 7.26 6.69 -9.76
C HIS A 63 8.04 5.43 -10.13
N ASP A 64 7.46 4.30 -9.78
CA ASP A 64 8.08 3.02 -10.07
C ASP A 64 7.30 1.90 -9.38
N LYS A 65 6.71 1.04 -10.19
CA LYS A 65 5.93 -0.07 -9.68
C LYS A 65 6.85 -1.06 -8.98
N ASN A 66 7.65 -1.76 -9.79
CA ASN A 66 8.58 -2.74 -9.26
C ASN A 66 9.82 -2.01 -8.73
N SER A 67 9.64 -1.34 -7.61
CA SER A 67 10.73 -0.61 -6.98
C SER A 67 11.19 -1.34 -5.71
N ARG A 68 10.39 -1.22 -4.68
CA ARG A 68 10.70 -1.85 -3.41
C ARG A 68 9.73 -1.38 -2.33
N GLU A 69 9.35 -0.11 -2.42
CA GLU A 69 8.44 0.48 -1.46
C GLU A 69 7.00 0.40 -1.98
N PHE A 70 6.88 0.50 -3.30
CA PHE A 70 5.57 0.44 -3.94
C PHE A 70 4.89 -0.90 -3.67
N LEU A 71 5.70 -1.95 -3.65
CA LEU A 71 5.19 -3.29 -3.41
C LEU A 71 4.60 -3.36 -2.00
N TYR A 72 5.46 -3.13 -1.02
CA TYR A 72 5.03 -3.16 0.37
C TYR A 72 3.85 -2.23 0.60
N TYR A 73 3.80 -1.18 -0.20
CA TYR A 73 2.72 -0.20 -0.09
C TYR A 73 1.45 -0.71 -0.77
N ARG A 74 1.62 -1.74 -1.59
CA ARG A 74 0.50 -2.33 -2.30
C ARG A 74 -0.06 -3.51 -1.50
N ARG A 75 0.83 -4.27 -0.90
CA ARG A 75 0.45 -5.42 -0.11
C ARG A 75 -0.30 -4.98 1.15
N LYS A 76 0.23 -3.93 1.77
CA LYS A 76 -0.38 -3.40 2.98
C LYS A 76 -1.66 -2.63 2.61
N VAL A 77 -1.64 -2.03 1.43
CA VAL A 77 -2.78 -1.28 0.95
C VAL A 77 -4.04 -2.11 1.11
N ALA A 78 -3.84 -3.43 1.14
CA ALA A 78 -4.96 -4.35 1.29
C ALA A 78 -5.27 -4.54 2.78
N GLU A 79 -4.21 -4.50 3.58
CA GLU A 79 -4.35 -4.66 5.02
C GLU A 79 -5.10 -3.48 5.61
N ILE A 80 -4.79 -2.29 5.11
CA ILE A 80 -5.43 -1.07 5.58
C ILE A 80 -6.81 -0.96 4.95
N ARG A 81 -6.89 -1.31 3.68
CA ARG A 81 -8.14 -1.25 2.95
C ARG A 81 -9.29 -1.78 3.82
N LYS A 82 -9.16 -3.04 4.22
CA LYS A 82 -10.16 -3.68 5.05
C LYS A 82 -10.66 -2.68 6.09
N SER A 83 -11.93 -2.81 6.43
CA SER A 83 -12.53 -1.93 7.42
C SER A 83 -14.03 -2.21 7.52
N GLY A 84 -14.35 -3.25 8.28
CA GLY A 84 -15.74 -3.64 8.48
C GLY A 84 -16.65 -2.41 8.57
N PRO A 85 -17.30 -2.08 7.42
CA PRO A 85 -18.19 -0.93 7.37
C PRO A 85 -19.51 -1.24 8.08
N SER A 86 -19.40 -1.64 9.34
CA SER A 86 -20.57 -1.96 10.13
C SER A 86 -21.59 -2.74 9.28
N SER A 87 -21.35 -4.03 9.16
CA SER A 87 -22.22 -4.88 8.38
C SER A 87 -22.51 -6.18 9.14
N GLY A 88 -21.46 -6.97 9.32
CA GLY A 88 -21.59 -8.24 10.02
C GLY A 88 -22.42 -8.07 11.29
N GLY A 1 -12.73 -26.48 -11.70
CA GLY A 1 -11.78 -25.39 -11.51
C GLY A 1 -12.39 -24.30 -10.63
N SER A 2 -12.02 -24.34 -9.36
CA SER A 2 -12.51 -23.36 -8.40
C SER A 2 -11.85 -23.58 -7.04
N SER A 3 -11.89 -22.53 -6.23
CA SER A 3 -11.30 -22.59 -4.91
C SER A 3 -11.70 -21.35 -4.10
N GLY A 4 -12.75 -21.50 -3.31
CA GLY A 4 -13.23 -20.41 -2.49
C GLY A 4 -14.11 -19.46 -3.30
N SER A 5 -15.24 -19.10 -2.71
CA SER A 5 -16.18 -18.20 -3.36
C SER A 5 -15.88 -16.76 -2.97
N SER A 6 -15.84 -16.52 -1.67
CA SER A 6 -15.56 -15.19 -1.16
C SER A 6 -14.06 -15.02 -0.94
N GLY A 7 -13.53 -13.92 -1.46
CA GLY A 7 -12.11 -13.63 -1.32
C GLY A 7 -11.89 -12.26 -0.68
N GLU A 8 -12.12 -12.21 0.63
CA GLU A 8 -11.94 -10.97 1.37
C GLU A 8 -10.70 -11.04 2.24
N GLU A 9 -10.81 -11.84 3.30
CA GLU A 9 -9.70 -12.00 4.23
C GLU A 9 -8.38 -12.08 3.46
N ASP A 10 -8.46 -12.59 2.24
CA ASP A 10 -7.28 -12.73 1.40
C ASP A 10 -6.45 -11.44 1.50
N TYR A 11 -7.14 -10.33 1.60
CA TYR A 11 -6.48 -9.04 1.71
C TYR A 11 -5.38 -9.07 2.76
N GLU A 12 -5.54 -9.98 3.70
CA GLU A 12 -4.57 -10.12 4.78
C GLU A 12 -3.56 -11.21 4.44
N GLN A 13 -3.97 -12.09 3.54
CA GLN A 13 -3.12 -13.20 3.12
C GLN A 13 -1.86 -12.66 2.42
N TRP A 14 -1.91 -11.37 2.12
CA TRP A 14 -0.79 -10.72 1.44
C TRP A 14 0.18 -10.22 2.52
N LEU A 15 -0.39 -9.89 3.67
CA LEU A 15 0.41 -9.39 4.78
C LEU A 15 1.48 -10.42 5.13
N GLU A 16 1.09 -11.69 5.07
CA GLU A 16 2.01 -12.78 5.37
C GLU A 16 3.19 -12.76 4.40
N ILE A 17 2.98 -12.08 3.28
CA ILE A 17 4.02 -11.98 2.27
C ILE A 17 4.56 -10.55 2.24
N LYS A 18 5.65 -10.34 2.98
CA LYS A 18 6.27 -9.03 3.03
C LYS A 18 7.16 -8.83 1.81
N VAL A 19 7.39 -7.57 1.48
CA VAL A 19 8.21 -7.22 0.34
C VAL A 19 9.67 -7.14 0.78
N SER A 20 10.53 -7.81 0.02
CA SER A 20 11.95 -7.81 0.33
C SER A 20 12.66 -6.69 -0.46
N PRO A 21 13.83 -6.27 0.08
CA PRO A 21 14.35 -6.84 1.30
C PRO A 21 13.57 -6.34 2.53
N PRO A 22 13.91 -6.91 3.70
CA PRO A 22 13.24 -6.53 4.94
C PRO A 22 13.74 -5.17 5.42
N GLU A 23 14.59 -4.56 4.61
CA GLU A 23 15.14 -3.26 4.94
C GLU A 23 14.06 -2.18 4.84
N GLY A 24 13.06 -2.47 4.03
CA GLY A 24 11.96 -1.54 3.83
C GLY A 24 11.08 -1.45 5.07
N ALA A 25 11.31 -2.40 5.98
CA ALA A 25 10.54 -2.43 7.21
C ALA A 25 10.73 -1.11 7.97
N GLU A 26 11.78 -0.40 7.61
CA GLU A 26 12.08 0.88 8.23
C GLU A 26 11.19 1.97 7.66
N THR A 27 10.99 1.90 6.34
CA THR A 27 10.16 2.88 5.67
C THR A 27 8.69 2.50 5.78
N ARG A 28 8.45 1.26 6.17
CA ARG A 28 7.10 0.76 6.33
C ARG A 28 6.27 1.73 7.17
N ARG A 29 6.98 2.52 7.98
CA ARG A 29 6.32 3.48 8.84
C ARG A 29 5.87 4.70 8.02
N VAL A 30 6.58 4.94 6.93
CA VAL A 30 6.27 6.06 6.06
C VAL A 30 5.37 5.57 4.92
N ILE A 31 5.51 4.30 4.60
CA ILE A 31 4.72 3.70 3.54
C ILE A 31 3.26 3.61 3.98
N GLU A 32 3.05 2.98 5.12
CA GLU A 32 1.71 2.82 5.66
C GLU A 32 0.90 4.10 5.46
N LYS A 33 1.60 5.22 5.57
CA LYS A 33 0.95 6.52 5.40
C LYS A 33 0.32 6.59 4.01
N LEU A 34 1.12 6.24 3.01
CA LEU A 34 0.65 6.26 1.63
C LEU A 34 -0.63 5.41 1.52
N ALA A 35 -0.53 4.20 2.04
CA ALA A 35 -1.66 3.27 2.00
C ALA A 35 -2.85 3.92 2.72
N ARG A 36 -2.63 4.32 3.95
CA ARG A 36 -3.66 4.95 4.75
C ARG A 36 -4.17 6.22 4.05
N PHE A 37 -3.39 6.68 3.10
CA PHE A 37 -3.74 7.87 2.35
C PHE A 37 -4.45 7.52 1.05
N VAL A 38 -4.17 6.31 0.56
CA VAL A 38 -4.77 5.84 -0.68
C VAL A 38 -6.01 5.01 -0.34
N ALA A 39 -5.77 3.79 0.11
CA ALA A 39 -6.86 2.89 0.46
C ALA A 39 -7.95 3.68 1.18
N GLU A 40 -7.52 4.73 1.87
CA GLU A 40 -8.45 5.57 2.60
C GLU A 40 -9.39 6.30 1.63
N GLY A 41 -8.80 7.21 0.87
CA GLY A 41 -9.57 7.98 -0.10
C GLY A 41 -9.87 7.14 -1.35
N GLY A 42 -8.81 6.78 -2.04
CA GLY A 42 -8.94 5.99 -3.26
C GLY A 42 -7.76 6.23 -4.20
N PRO A 43 -8.07 6.18 -5.53
CA PRO A 43 -7.05 6.38 -6.54
C PRO A 43 -6.67 7.86 -6.64
N GLU A 44 -7.64 8.71 -6.34
CA GLU A 44 -7.42 10.14 -6.39
C GLU A 44 -6.19 10.53 -5.56
N LEU A 45 -5.97 9.76 -4.50
CA LEU A 45 -4.84 10.01 -3.62
C LEU A 45 -3.57 9.50 -4.28
N GLU A 46 -3.69 8.38 -4.98
CA GLU A 46 -2.56 7.79 -5.67
C GLU A 46 -2.09 8.70 -6.80
N LYS A 47 -3.00 9.55 -7.24
CA LYS A 47 -2.69 10.47 -8.33
C LYS A 47 -2.21 11.80 -7.74
N VAL A 48 -2.88 12.21 -6.67
CA VAL A 48 -2.52 13.45 -6.00
C VAL A 48 -1.22 13.26 -5.22
N ALA A 49 -1.02 12.04 -4.77
CA ALA A 49 0.18 11.70 -4.01
C ALA A 49 1.41 11.90 -4.90
N MET A 50 1.31 11.37 -6.11
CA MET A 50 2.41 11.48 -7.06
C MET A 50 2.78 12.94 -7.30
N GLU A 51 1.85 13.82 -6.96
CA GLU A 51 2.08 15.25 -7.13
C GLU A 51 2.51 15.88 -5.81
N ASP A 52 2.11 15.23 -4.72
CA ASP A 52 2.45 15.71 -3.39
C ASP A 52 3.92 15.40 -3.10
N TYR A 53 4.35 14.25 -3.60
CA TYR A 53 5.73 13.82 -3.39
C TYR A 53 6.50 13.80 -4.71
N LYS A 54 6.03 14.63 -5.64
CA LYS A 54 6.67 14.71 -6.95
C LYS A 54 8.18 14.83 -6.77
N ASP A 55 8.57 15.73 -5.88
CA ASP A 55 9.98 15.96 -5.61
C ASP A 55 10.29 15.52 -4.18
N ASN A 56 10.44 14.22 -4.01
CA ASN A 56 10.74 13.65 -2.71
C ASN A 56 11.88 12.65 -2.84
N PRO A 57 13.00 12.94 -2.12
CA PRO A 57 14.16 12.07 -2.15
C PRO A 57 13.93 10.80 -1.32
N ALA A 58 12.87 10.85 -0.52
CA ALA A 58 12.52 9.72 0.32
C ALA A 58 11.41 8.91 -0.35
N PHE A 59 10.45 9.64 -0.90
CA PHE A 59 9.33 9.01 -1.57
C PHE A 59 9.65 8.74 -3.05
N THR A 60 10.92 8.43 -3.29
CA THR A 60 11.37 8.15 -4.65
C THR A 60 10.82 6.80 -5.12
N PHE A 61 10.37 6.01 -4.15
CA PHE A 61 9.83 4.70 -4.46
C PHE A 61 8.54 4.81 -5.29
N LEU A 62 7.97 6.00 -5.26
CA LEU A 62 6.74 6.25 -6.01
C LEU A 62 6.93 5.80 -7.46
N HIS A 63 7.74 6.56 -8.18
CA HIS A 63 8.01 6.24 -9.57
C HIS A 63 8.25 4.73 -9.73
N ASP A 64 9.37 4.29 -9.17
CA ASP A 64 9.72 2.88 -9.23
C ASP A 64 8.46 2.03 -9.04
N LYS A 65 8.25 1.12 -9.97
CA LYS A 65 7.10 0.23 -9.91
C LYS A 65 7.57 -1.23 -9.88
N ASN A 66 8.65 -1.44 -9.14
CA ASN A 66 9.21 -2.77 -9.02
C ASN A 66 10.55 -2.70 -8.26
N SER A 67 10.51 -2.03 -7.12
CA SER A 67 11.69 -1.87 -6.31
C SER A 67 11.60 -2.77 -5.06
N ARG A 68 10.73 -2.38 -4.15
CA ARG A 68 10.54 -3.13 -2.92
C ARG A 68 9.61 -2.38 -1.97
N GLU A 69 9.67 -1.06 -2.07
CA GLU A 69 8.84 -0.22 -1.23
C GLU A 69 7.48 0.04 -1.89
N PHE A 70 7.53 0.22 -3.20
CA PHE A 70 6.32 0.46 -3.97
C PHE A 70 5.38 -0.73 -3.92
N LEU A 71 5.98 -1.92 -4.02
CA LEU A 71 5.21 -3.15 -3.99
C LEU A 71 4.62 -3.34 -2.59
N TYR A 72 5.42 -3.02 -1.60
CA TYR A 72 4.99 -3.15 -0.22
C TYR A 72 3.80 -2.22 0.07
N TYR A 73 3.86 -1.04 -0.52
CA TYR A 73 2.81 -0.05 -0.33
C TYR A 73 1.46 -0.59 -0.82
N ARG A 74 1.54 -1.60 -1.66
CA ARG A 74 0.34 -2.22 -2.22
C ARG A 74 -0.09 -3.40 -1.35
N ARG A 75 0.81 -3.82 -0.48
CA ARG A 75 0.54 -4.94 0.40
C ARG A 75 -0.35 -4.50 1.57
N LYS A 76 0.26 -3.80 2.51
CA LYS A 76 -0.46 -3.31 3.67
C LYS A 76 -1.77 -2.66 3.22
N VAL A 77 -1.71 -2.06 2.03
CA VAL A 77 -2.88 -1.40 1.48
C VAL A 77 -4.11 -2.29 1.66
N ALA A 78 -3.98 -3.53 1.20
CA ALA A 78 -5.06 -4.49 1.30
C ALA A 78 -5.53 -4.56 2.76
N GLU A 79 -4.57 -4.40 3.66
CA GLU A 79 -4.87 -4.44 5.08
C GLU A 79 -5.76 -3.26 5.47
N ILE A 80 -5.20 -2.08 5.30
CA ILE A 80 -5.92 -0.86 5.64
C ILE A 80 -7.22 -0.80 4.82
N ARG A 81 -7.13 -1.30 3.60
CA ARG A 81 -8.28 -1.32 2.71
C ARG A 81 -9.50 -1.88 3.44
N LYS A 82 -9.39 -3.12 3.86
CA LYS A 82 -10.48 -3.78 4.56
C LYS A 82 -11.13 -2.78 5.54
N SER A 83 -12.39 -3.05 5.83
CA SER A 83 -13.14 -2.18 6.74
C SER A 83 -14.25 -2.98 7.43
N GLY A 84 -14.02 -3.28 8.69
CA GLY A 84 -14.99 -4.03 9.47
C GLY A 84 -16.02 -3.10 10.12
N PRO A 85 -16.02 -3.10 11.48
CA PRO A 85 -16.94 -2.26 12.23
C PRO A 85 -16.50 -0.80 12.18
N SER A 86 -15.59 -0.46 13.09
CA SER A 86 -15.08 0.89 13.16
C SER A 86 -14.14 1.03 14.37
N SER A 87 -12.88 1.30 14.06
CA SER A 87 -11.87 1.46 15.10
C SER A 87 -11.62 0.12 15.79
N GLY A 88 -10.45 -0.45 15.50
CA GLY A 88 -10.08 -1.73 16.08
C GLY A 88 -10.65 -2.89 15.28
N GLY A 1 -18.42 -21.15 5.09
CA GLY A 1 -18.56 -19.91 4.35
C GLY A 1 -17.19 -19.32 4.02
N SER A 2 -17.07 -18.83 2.80
CA SER A 2 -15.83 -18.22 2.34
C SER A 2 -16.08 -17.40 1.08
N SER A 3 -16.59 -18.05 0.06
CA SER A 3 -16.89 -17.40 -1.20
C SER A 3 -18.33 -16.90 -1.22
N GLY A 4 -18.53 -15.77 -1.87
CA GLY A 4 -19.86 -15.19 -1.97
C GLY A 4 -19.81 -13.68 -1.72
N SER A 5 -20.32 -13.28 -0.56
CA SER A 5 -20.33 -11.88 -0.18
C SER A 5 -18.92 -11.29 -0.29
N SER A 6 -18.86 -9.98 -0.16
CA SER A 6 -17.58 -9.29 -0.24
C SER A 6 -16.72 -9.64 0.98
N GLY A 7 -15.52 -10.14 0.69
CA GLY A 7 -14.60 -10.53 1.74
C GLY A 7 -13.15 -10.45 1.25
N GLU A 8 -12.86 -11.25 0.25
CA GLU A 8 -11.51 -11.28 -0.32
C GLU A 8 -10.47 -11.18 0.79
N GLU A 9 -10.78 -11.83 1.91
CA GLU A 9 -9.88 -11.82 3.06
C GLU A 9 -8.43 -12.05 2.59
N ASP A 10 -8.31 -12.72 1.46
CA ASP A 10 -7.00 -13.01 0.90
C ASP A 10 -6.17 -11.71 0.88
N TYR A 11 -6.88 -10.60 0.86
CA TYR A 11 -6.22 -9.30 0.83
C TYR A 11 -5.15 -9.20 1.93
N GLU A 12 -5.34 -10.02 2.95
CA GLU A 12 -4.40 -10.04 4.07
C GLU A 12 -3.36 -11.14 3.88
N GLN A 13 -3.71 -12.09 3.03
CA GLN A 13 -2.82 -13.20 2.74
C GLN A 13 -1.53 -12.70 2.08
N TRP A 14 -1.57 -11.45 1.66
CA TRP A 14 -0.42 -10.84 1.01
C TRP A 14 0.54 -10.36 2.11
N LEU A 15 0.05 -10.37 3.34
CA LEU A 15 0.84 -9.95 4.47
C LEU A 15 1.86 -11.04 4.82
N GLU A 16 1.45 -12.28 4.59
CA GLU A 16 2.31 -13.41 4.86
C GLU A 16 3.63 -13.26 4.12
N ILE A 17 3.55 -12.68 2.93
CA ILE A 17 4.73 -12.48 2.11
C ILE A 17 5.01 -10.98 1.99
N LYS A 18 5.92 -10.50 2.83
CA LYS A 18 6.28 -9.09 2.83
C LYS A 18 7.22 -8.82 1.66
N VAL A 19 7.31 -7.55 1.30
CA VAL A 19 8.17 -7.14 0.20
C VAL A 19 9.58 -6.87 0.73
N SER A 20 10.54 -7.58 0.16
CA SER A 20 11.92 -7.43 0.56
C SER A 20 12.51 -6.16 -0.03
N PRO A 21 13.64 -5.70 0.57
CA PRO A 21 14.22 -6.40 1.70
C PRO A 21 13.40 -6.16 2.97
N PRO A 22 13.79 -6.88 4.06
CA PRO A 22 13.10 -6.76 5.33
C PRO A 22 13.46 -5.44 6.02
N GLU A 23 14.25 -4.65 5.33
CA GLU A 23 14.68 -3.36 5.86
C GLU A 23 13.51 -2.39 5.92
N GLY A 24 12.52 -2.65 5.09
CA GLY A 24 11.33 -1.81 5.03
C GLY A 24 10.62 -1.78 6.39
N ALA A 25 11.01 -2.72 7.25
CA ALA A 25 10.43 -2.80 8.58
C ALA A 25 10.33 -1.41 9.18
N GLU A 26 11.32 -0.58 8.85
CA GLU A 26 11.35 0.79 9.35
C GLU A 26 10.52 1.70 8.45
N THR A 27 10.93 1.78 7.19
CA THR A 27 10.23 2.61 6.24
C THR A 27 8.73 2.33 6.27
N ARG A 28 8.40 1.15 6.77
CA ARG A 28 7.01 0.74 6.87
C ARG A 28 6.18 1.84 7.54
N ARG A 29 6.86 2.66 8.32
CA ARG A 29 6.20 3.76 9.01
C ARG A 29 5.86 4.88 8.03
N VAL A 30 6.67 4.97 6.98
CA VAL A 30 6.46 5.99 5.97
C VAL A 30 5.65 5.41 4.81
N ILE A 31 5.77 4.10 4.66
CA ILE A 31 5.05 3.40 3.60
C ILE A 31 3.57 3.29 3.98
N GLU A 32 3.32 2.55 5.05
CA GLU A 32 1.96 2.37 5.53
C GLU A 32 1.16 3.66 5.36
N LYS A 33 1.84 4.77 5.60
CA LYS A 33 1.20 6.07 5.48
C LYS A 33 0.47 6.17 4.14
N LEU A 34 1.21 5.87 3.08
CA LEU A 34 0.64 5.91 1.74
C LEU A 34 -0.51 4.92 1.65
N ALA A 35 -0.35 3.80 2.34
CA ALA A 35 -1.38 2.77 2.34
C ALA A 35 -2.58 3.26 3.16
N ARG A 36 -2.30 4.12 4.11
CA ARG A 36 -3.34 4.67 4.96
C ARG A 36 -3.93 5.93 4.33
N PHE A 37 -3.12 6.59 3.51
CA PHE A 37 -3.55 7.81 2.85
C PHE A 37 -4.33 7.48 1.57
N VAL A 38 -3.78 6.55 0.81
CA VAL A 38 -4.42 6.15 -0.44
C VAL A 38 -5.72 5.42 -0.12
N ALA A 39 -5.58 4.20 0.38
CA ALA A 39 -6.73 3.39 0.73
C ALA A 39 -7.80 4.29 1.37
N GLU A 40 -7.33 5.29 2.08
CA GLU A 40 -8.22 6.22 2.76
C GLU A 40 -9.21 6.82 1.75
N GLY A 41 -8.66 7.59 0.81
CA GLY A 41 -9.47 8.22 -0.20
C GLY A 41 -9.74 7.28 -1.38
N GLY A 42 -8.64 6.82 -1.98
CA GLY A 42 -8.73 5.92 -3.11
C GLY A 42 -7.58 6.15 -4.09
N PRO A 43 -7.91 6.01 -5.41
CA PRO A 43 -6.92 6.21 -6.45
C PRO A 43 -6.60 7.70 -6.64
N GLU A 44 -7.58 8.53 -6.29
CA GLU A 44 -7.42 9.96 -6.41
C GLU A 44 -6.21 10.44 -5.60
N LEU A 45 -5.96 9.73 -4.51
CA LEU A 45 -4.84 10.07 -3.64
C LEU A 45 -3.54 9.60 -4.30
N GLU A 46 -3.62 8.47 -4.98
CA GLU A 46 -2.46 7.91 -5.66
C GLU A 46 -2.03 8.83 -6.82
N LYS A 47 -3.03 9.43 -7.45
CA LYS A 47 -2.78 10.31 -8.56
C LYS A 47 -2.29 11.67 -8.04
N VAL A 48 -2.82 12.04 -6.89
CA VAL A 48 -2.45 13.30 -6.27
C VAL A 48 -1.12 13.13 -5.54
N ALA A 49 -0.88 11.91 -5.08
CA ALA A 49 0.35 11.61 -4.37
C ALA A 49 1.55 11.85 -5.30
N MET A 50 1.41 11.34 -6.52
CA MET A 50 2.48 11.49 -7.50
C MET A 50 2.83 12.97 -7.71
N GLU A 51 1.90 13.82 -7.31
CA GLU A 51 2.10 15.26 -7.44
C GLU A 51 2.60 15.85 -6.12
N ASP A 52 2.02 15.36 -5.04
CA ASP A 52 2.39 15.83 -3.72
C ASP A 52 3.87 15.54 -3.47
N TYR A 53 4.28 14.33 -3.86
CA TYR A 53 5.66 13.92 -3.69
C TYR A 53 6.38 13.83 -5.03
N LYS A 54 5.94 14.67 -5.96
CA LYS A 54 6.53 14.71 -7.29
C LYS A 54 8.05 14.79 -7.17
N ASP A 55 8.48 15.33 -6.05
CA ASP A 55 9.91 15.47 -5.79
C ASP A 55 10.23 14.94 -4.39
N ASN A 56 10.43 13.64 -4.31
CA ASN A 56 10.74 13.01 -3.04
C ASN A 56 11.90 12.03 -3.24
N PRO A 57 13.02 12.29 -2.52
CA PRO A 57 14.20 11.44 -2.61
C PRO A 57 13.98 10.13 -1.85
N ALA A 58 12.97 10.13 -1.00
CA ALA A 58 12.64 8.95 -0.21
C ALA A 58 11.47 8.21 -0.86
N PHE A 59 10.48 8.99 -1.28
CA PHE A 59 9.31 8.42 -1.93
C PHE A 59 9.52 8.26 -3.43
N THR A 60 10.76 7.95 -3.78
CA THR A 60 11.12 7.77 -5.18
C THR A 60 10.47 6.49 -5.73
N PHE A 61 9.95 5.70 -4.82
CA PHE A 61 9.30 4.45 -5.20
C PHE A 61 7.94 4.72 -5.86
N LEU A 62 7.45 5.93 -5.64
CA LEU A 62 6.16 6.32 -6.22
C LEU A 62 6.17 6.03 -7.71
N HIS A 63 6.93 6.83 -8.44
CA HIS A 63 7.04 6.66 -9.88
C HIS A 63 7.47 5.23 -10.21
N ASP A 64 8.68 4.91 -9.82
CA ASP A 64 9.22 3.58 -10.05
C ASP A 64 8.41 2.55 -9.28
N LYS A 65 7.38 2.02 -9.93
CA LYS A 65 6.53 1.03 -9.30
C LYS A 65 7.37 -0.17 -8.87
N ASN A 66 8.03 -0.77 -9.85
CA ASN A 66 8.88 -1.93 -9.59
C ASN A 66 10.15 -1.47 -8.89
N SER A 67 9.97 -0.92 -7.69
CA SER A 67 11.09 -0.45 -6.91
C SER A 67 11.33 -1.38 -5.72
N ARG A 68 10.52 -1.18 -4.69
CA ARG A 68 10.63 -2.00 -3.48
C ARG A 68 9.68 -1.48 -2.41
N GLU A 69 9.45 -0.18 -2.44
CA GLU A 69 8.56 0.45 -1.48
C GLU A 69 7.11 0.41 -1.98
N PHE A 70 6.96 0.70 -3.26
CA PHE A 70 5.64 0.69 -3.88
C PHE A 70 4.91 -0.62 -3.60
N LEU A 71 5.65 -1.72 -3.74
CA LEU A 71 5.08 -3.04 -3.52
C LEU A 71 4.67 -3.16 -2.05
N TYR A 72 5.66 -3.01 -1.18
CA TYR A 72 5.42 -3.11 0.26
C TYR A 72 4.25 -2.22 0.67
N TYR A 73 4.03 -1.17 -0.12
CA TYR A 73 2.95 -0.24 0.16
C TYR A 73 1.61 -0.78 -0.35
N ARG A 74 1.63 -1.23 -1.61
CA ARG A 74 0.43 -1.77 -2.22
C ARG A 74 0.00 -3.06 -1.51
N ARG A 75 0.94 -3.64 -0.78
CA ARG A 75 0.68 -4.86 -0.05
C ARG A 75 -0.31 -4.60 1.09
N LYS A 76 0.21 -4.00 2.15
CA LYS A 76 -0.60 -3.68 3.31
C LYS A 76 -1.82 -2.88 2.86
N VAL A 77 -1.66 -2.20 1.74
CA VAL A 77 -2.74 -1.38 1.20
C VAL A 77 -4.03 -2.20 1.18
N ALA A 78 -3.88 -3.48 0.89
CA ALA A 78 -5.02 -4.38 0.84
C ALA A 78 -5.49 -4.68 2.26
N GLU A 79 -4.53 -4.67 3.18
CA GLU A 79 -4.84 -4.95 4.57
C GLU A 79 -5.61 -3.79 5.18
N ILE A 80 -5.06 -2.59 5.01
CA ILE A 80 -5.67 -1.39 5.54
C ILE A 80 -6.97 -1.12 4.78
N ARG A 81 -6.92 -1.36 3.48
CA ARG A 81 -8.08 -1.13 2.64
C ARG A 81 -9.36 -1.58 3.35
N LYS A 82 -9.38 -2.85 3.72
CA LYS A 82 -10.53 -3.41 4.41
C LYS A 82 -11.02 -2.41 5.46
N SER A 83 -10.23 -2.28 6.52
CA SER A 83 -10.56 -1.36 7.60
C SER A 83 -11.47 -2.07 8.62
N GLY A 84 -12.44 -2.80 8.09
CA GLY A 84 -13.37 -3.52 8.94
C GLY A 84 -14.76 -2.90 8.90
N PRO A 85 -14.94 -1.82 9.72
CA PRO A 85 -16.21 -1.12 9.78
C PRO A 85 -16.41 -0.25 8.55
N SER A 86 -17.66 0.16 8.35
CA SER A 86 -17.99 1.00 7.21
C SER A 86 -19.47 1.42 7.29
N SER A 87 -19.78 2.50 6.60
CA SER A 87 -21.14 3.01 6.58
C SER A 87 -21.72 2.90 5.16
N GLY A 88 -22.98 2.52 5.10
CA GLY A 88 -23.66 2.37 3.82
C GLY A 88 -24.17 3.73 3.32
N GLY A 1 -17.59 -5.12 17.56
CA GLY A 1 -18.67 -4.28 17.03
C GLY A 1 -19.38 -5.00 15.88
N SER A 2 -18.68 -5.13 14.77
CA SER A 2 -19.24 -5.79 13.60
C SER A 2 -19.46 -7.28 13.89
N SER A 3 -20.42 -7.85 13.18
CA SER A 3 -20.73 -9.25 13.35
C SER A 3 -20.19 -10.06 12.17
N GLY A 4 -19.02 -10.64 12.38
CA GLY A 4 -18.38 -11.44 11.35
C GLY A 4 -17.51 -10.56 10.45
N SER A 5 -16.76 -11.23 9.58
CA SER A 5 -15.89 -10.53 8.65
C SER A 5 -16.14 -11.00 7.22
N SER A 6 -16.78 -10.14 6.44
CA SER A 6 -17.07 -10.46 5.06
C SER A 6 -16.22 -9.61 4.13
N GLY A 7 -15.69 -10.26 3.10
CA GLY A 7 -14.85 -9.58 2.14
C GLY A 7 -13.76 -10.52 1.59
N GLU A 8 -12.62 -9.93 1.28
CA GLU A 8 -11.50 -10.69 0.76
C GLU A 8 -10.36 -10.73 1.77
N GLU A 9 -10.61 -11.45 2.86
CA GLU A 9 -9.61 -11.57 3.92
C GLU A 9 -8.22 -11.74 3.31
N ASP A 10 -8.20 -12.39 2.15
CA ASP A 10 -6.93 -12.62 1.46
C ASP A 10 -6.10 -11.34 1.47
N TYR A 11 -6.80 -10.21 1.53
CA TYR A 11 -6.15 -8.92 1.54
C TYR A 11 -5.00 -8.90 2.56
N GLU A 12 -5.10 -9.79 3.53
CA GLU A 12 -4.08 -9.89 4.57
C GLU A 12 -3.09 -10.99 4.24
N GLN A 13 -3.57 -11.96 3.46
CA GLN A 13 -2.73 -13.08 3.06
C GLN A 13 -1.53 -12.58 2.26
N TRP A 14 -1.62 -11.33 1.83
CA TRP A 14 -0.55 -10.73 1.05
C TRP A 14 0.51 -10.21 2.02
N LEU A 15 0.04 -9.70 3.15
CA LEU A 15 0.93 -9.17 4.17
C LEU A 15 1.98 -10.22 4.52
N GLU A 16 1.54 -11.47 4.53
CA GLU A 16 2.43 -12.57 4.84
C GLU A 16 3.61 -12.61 3.85
N ILE A 17 3.40 -11.97 2.72
CA ILE A 17 4.42 -11.92 1.69
C ILE A 17 4.93 -10.48 1.55
N LYS A 18 6.01 -10.20 2.26
CA LYS A 18 6.60 -8.87 2.23
C LYS A 18 7.45 -8.73 0.95
N VAL A 19 7.63 -7.48 0.54
CA VAL A 19 8.41 -7.20 -0.65
C VAL A 19 9.88 -7.04 -0.27
N SER A 20 10.74 -7.25 -1.26
CA SER A 20 12.17 -7.14 -1.03
C SER A 20 12.68 -5.80 -1.56
N PRO A 21 13.79 -5.32 -0.95
CA PRO A 21 14.43 -6.06 0.13
C PRO A 21 13.61 -5.94 1.43
N PRO A 22 14.07 -6.69 2.47
CA PRO A 22 13.39 -6.68 3.75
C PRO A 22 13.70 -5.40 4.52
N GLU A 23 14.41 -4.51 3.85
CA GLU A 23 14.78 -3.23 4.45
C GLU A 23 13.58 -2.29 4.48
N GLY A 24 12.66 -2.54 3.56
CA GLY A 24 11.46 -1.72 3.46
C GLY A 24 10.58 -1.89 4.71
N ALA A 25 10.92 -2.90 5.49
CA ALA A 25 10.17 -3.18 6.71
C ALA A 25 9.94 -1.88 7.46
N GLU A 26 11.01 -1.39 8.09
CA GLU A 26 10.93 -0.16 8.85
C GLU A 26 10.20 0.93 8.04
N THR A 27 10.57 1.01 6.77
CA THR A 27 9.96 1.98 5.88
C THR A 27 8.44 1.91 5.95
N ARG A 28 7.96 0.73 6.34
CA ARG A 28 6.52 0.51 6.46
C ARG A 28 5.86 1.70 7.15
N ARG A 29 6.65 2.40 7.95
CA ARG A 29 6.15 3.56 8.68
C ARG A 29 5.81 4.68 7.70
N VAL A 30 6.69 4.87 6.73
CA VAL A 30 6.48 5.91 5.73
C VAL A 30 5.54 5.39 4.64
N ILE A 31 5.63 4.09 4.41
CA ILE A 31 4.79 3.46 3.40
C ILE A 31 3.33 3.50 3.85
N GLU A 32 3.09 2.91 5.01
CA GLU A 32 1.75 2.88 5.57
C GLU A 32 1.07 4.25 5.42
N LYS A 33 1.88 5.29 5.57
CA LYS A 33 1.38 6.65 5.45
C LYS A 33 0.59 6.78 4.15
N LEU A 34 1.23 6.39 3.05
CA LEU A 34 0.60 6.46 1.75
C LEU A 34 -0.64 5.56 1.73
N ALA A 35 -0.45 4.35 2.24
CA ALA A 35 -1.54 3.39 2.29
C ALA A 35 -2.75 4.02 2.97
N ARG A 36 -2.51 4.60 4.13
CA ARG A 36 -3.57 5.25 4.89
C ARG A 36 -4.10 6.45 4.11
N PHE A 37 -3.33 6.88 3.13
CA PHE A 37 -3.71 8.01 2.31
C PHE A 37 -4.42 7.56 1.03
N VAL A 38 -4.13 6.33 0.64
CA VAL A 38 -4.73 5.76 -0.56
C VAL A 38 -6.03 5.03 -0.18
N ALA A 39 -5.85 3.85 0.39
CA ALA A 39 -6.99 3.04 0.81
C ALA A 39 -8.05 3.95 1.44
N GLU A 40 -7.58 5.04 2.02
CA GLU A 40 -8.47 5.99 2.66
C GLU A 40 -9.37 6.65 1.62
N GLY A 41 -8.74 7.36 0.69
CA GLY A 41 -9.47 8.05 -0.36
C GLY A 41 -9.74 7.11 -1.54
N GLY A 42 -8.65 6.58 -2.09
CA GLY A 42 -8.76 5.68 -3.22
C GLY A 42 -7.56 5.82 -4.16
N PRO A 43 -7.83 5.67 -5.48
CA PRO A 43 -6.78 5.79 -6.48
C PRO A 43 -6.39 7.25 -6.69
N GLU A 44 -7.37 8.12 -6.56
CA GLU A 44 -7.14 9.55 -6.74
C GLU A 44 -5.92 9.99 -5.93
N LEU A 45 -5.76 9.37 -4.77
CA LEU A 45 -4.65 9.69 -3.89
C LEU A 45 -3.36 9.15 -4.51
N GLU A 46 -3.34 7.83 -4.71
CA GLU A 46 -2.17 7.19 -5.29
C GLU A 46 -1.60 8.03 -6.41
N LYS A 47 -2.47 8.79 -7.06
CA LYS A 47 -2.06 9.65 -8.16
C LYS A 47 -1.55 10.97 -7.58
N VAL A 48 -2.37 11.58 -6.74
CA VAL A 48 -2.01 12.85 -6.13
C VAL A 48 -0.68 12.69 -5.38
N ALA A 49 -0.54 11.55 -4.72
CA ALA A 49 0.67 11.27 -3.96
C ALA A 49 1.89 11.56 -4.84
N MET A 50 1.86 11.01 -6.05
CA MET A 50 2.95 11.20 -6.99
C MET A 50 3.17 12.69 -7.28
N GLU A 51 2.16 13.48 -6.94
CA GLU A 51 2.23 14.92 -7.15
C GLU A 51 2.65 15.63 -5.87
N ASP A 52 1.97 15.29 -4.78
CA ASP A 52 2.28 15.88 -3.49
C ASP A 52 3.76 15.70 -3.19
N TYR A 53 4.31 14.59 -3.67
CA TYR A 53 5.72 14.29 -3.46
C TYR A 53 6.45 14.13 -4.79
N LYS A 54 5.97 14.87 -5.79
CA LYS A 54 6.57 14.81 -7.11
C LYS A 54 8.08 14.93 -6.98
N ASP A 55 8.51 15.86 -6.14
CA ASP A 55 9.92 16.08 -5.91
C ASP A 55 10.29 15.59 -4.51
N ASN A 56 10.39 14.27 -4.38
CA ASN A 56 10.75 13.67 -3.11
C ASN A 56 11.83 12.62 -3.34
N PRO A 57 13.00 12.85 -2.68
CA PRO A 57 14.12 11.92 -2.81
C PRO A 57 13.88 10.65 -1.99
N ALA A 58 12.89 10.73 -1.12
CA ALA A 58 12.54 9.60 -0.27
C ALA A 58 11.35 8.87 -0.88
N PHE A 59 10.37 9.64 -1.30
CA PHE A 59 9.18 9.07 -1.90
C PHE A 59 9.37 8.85 -3.41
N THR A 60 10.58 8.45 -3.76
CA THR A 60 10.91 8.21 -5.16
C THR A 60 10.31 6.87 -5.62
N PHE A 61 9.86 6.10 -4.64
CA PHE A 61 9.27 4.80 -4.93
C PHE A 61 7.94 4.96 -5.69
N LEU A 62 7.24 6.03 -5.36
CA LEU A 62 5.96 6.31 -6.00
C LEU A 62 6.09 6.12 -7.51
N HIS A 63 6.87 7.01 -8.12
CA HIS A 63 7.09 6.95 -9.55
C HIS A 63 7.53 5.54 -9.95
N ASP A 64 8.70 5.16 -9.44
CA ASP A 64 9.25 3.84 -9.73
C ASP A 64 8.36 2.77 -9.08
N LYS A 65 7.39 2.32 -9.85
CA LYS A 65 6.47 1.30 -9.37
C LYS A 65 7.27 0.06 -8.95
N ASN A 66 8.43 -0.08 -9.57
CA ASN A 66 9.30 -1.21 -9.27
C ASN A 66 10.53 -0.73 -8.50
N SER A 67 10.28 -0.15 -7.34
CA SER A 67 11.35 0.36 -6.51
C SER A 67 11.62 -0.60 -5.34
N ARG A 68 10.74 -0.53 -4.35
CA ARG A 68 10.87 -1.39 -3.19
C ARG A 68 9.81 -1.02 -2.13
N GLU A 69 9.45 0.24 -2.14
CA GLU A 69 8.46 0.74 -1.20
C GLU A 69 7.06 0.67 -1.81
N PHE A 70 6.99 1.07 -3.08
CA PHE A 70 5.72 1.06 -3.79
C PHE A 70 5.11 -0.34 -3.79
N LEU A 71 5.97 -1.34 -3.66
CA LEU A 71 5.53 -2.73 -3.65
C LEU A 71 4.84 -3.02 -2.31
N TYR A 72 5.62 -2.87 -1.24
CA TYR A 72 5.09 -3.12 0.09
C TYR A 72 3.88 -2.24 0.38
N TYR A 73 3.83 -1.11 -0.30
CA TYR A 73 2.73 -0.17 -0.12
C TYR A 73 1.40 -0.83 -0.48
N ARG A 74 1.31 -1.25 -1.74
CA ARG A 74 0.10 -1.89 -2.22
C ARG A 74 -0.16 -3.20 -1.46
N ARG A 75 0.87 -3.64 -0.75
CA ARG A 75 0.77 -4.87 0.02
C ARG A 75 0.22 -4.57 1.41
N LYS A 76 0.43 -3.34 1.85
CA LYS A 76 -0.05 -2.92 3.16
C LYS A 76 -1.44 -2.31 3.02
N VAL A 77 -1.61 -1.52 1.97
CA VAL A 77 -2.89 -0.88 1.71
C VAL A 77 -4.01 -1.91 1.86
N ALA A 78 -3.83 -3.03 1.17
CA ALA A 78 -4.82 -4.09 1.22
C ALA A 78 -5.19 -4.38 2.67
N GLU A 79 -4.24 -4.11 3.56
CA GLU A 79 -4.45 -4.33 4.98
C GLU A 79 -5.45 -3.32 5.53
N ILE A 80 -5.11 -2.05 5.37
CA ILE A 80 -5.96 -0.97 5.85
C ILE A 80 -7.25 -0.96 5.04
N ARG A 81 -7.11 -1.30 3.75
CA ARG A 81 -8.26 -1.32 2.86
C ARG A 81 -9.46 -1.98 3.55
N LYS A 82 -9.20 -3.13 4.14
CA LYS A 82 -10.25 -3.86 4.84
C LYS A 82 -11.12 -2.88 5.63
N SER A 83 -12.40 -3.20 5.72
CA SER A 83 -13.33 -2.36 6.45
C SER A 83 -14.72 -2.99 6.43
N GLY A 84 -15.23 -3.20 5.22
CA GLY A 84 -16.55 -3.79 5.06
C GLY A 84 -16.95 -3.81 3.58
N PRO A 85 -18.24 -4.15 3.35
CA PRO A 85 -18.77 -4.21 1.99
C PRO A 85 -19.02 -2.81 1.45
N SER A 86 -17.93 -2.05 1.34
CA SER A 86 -18.01 -0.69 0.83
C SER A 86 -19.01 0.12 1.66
N SER A 87 -18.48 0.86 2.62
CA SER A 87 -19.30 1.68 3.48
C SER A 87 -19.23 3.14 3.04
N GLY A 88 -18.02 3.68 3.10
CA GLY A 88 -17.80 5.06 2.70
C GLY A 88 -17.96 5.24 1.19
N GLY A 1 -15.80 -23.06 0.71
CA GLY A 1 -16.02 -22.14 1.82
C GLY A 1 -17.51 -21.90 2.06
N SER A 2 -17.79 -21.12 3.09
CA SER A 2 -19.17 -20.80 3.44
C SER A 2 -19.64 -19.59 2.65
N SER A 3 -20.92 -19.59 2.31
CA SER A 3 -21.51 -18.50 1.56
C SER A 3 -21.98 -17.41 2.51
N GLY A 4 -21.14 -16.40 2.67
CA GLY A 4 -21.46 -15.29 3.54
C GLY A 4 -20.20 -14.73 4.21
N SER A 5 -19.22 -14.39 3.37
CA SER A 5 -17.97 -13.86 3.86
C SER A 5 -17.77 -12.43 3.34
N SER A 6 -18.14 -11.47 4.17
CA SER A 6 -18.01 -10.06 3.81
C SER A 6 -16.54 -9.67 3.77
N GLY A 7 -15.99 -9.63 2.57
CA GLY A 7 -14.60 -9.27 2.39
C GLY A 7 -13.75 -10.50 2.07
N GLU A 8 -12.43 -10.31 2.13
CA GLU A 8 -11.51 -11.39 1.86
C GLU A 8 -10.28 -11.27 2.75
N GLU A 9 -10.30 -12.02 3.85
CA GLU A 9 -9.20 -12.01 4.79
C GLU A 9 -7.87 -12.11 4.06
N ASP A 10 -7.93 -12.70 2.87
CA ASP A 10 -6.73 -12.87 2.06
C ASP A 10 -5.91 -11.59 2.11
N TYR A 11 -6.61 -10.47 2.22
CA TYR A 11 -5.95 -9.17 2.28
C TYR A 11 -4.79 -9.19 3.27
N GLU A 12 -4.87 -10.12 4.21
CA GLU A 12 -3.84 -10.26 5.23
C GLU A 12 -2.84 -11.35 4.83
N GLN A 13 -3.34 -12.29 4.03
CA GLN A 13 -2.51 -13.39 3.57
C GLN A 13 -1.35 -12.87 2.71
N TRP A 14 -1.47 -11.60 2.33
CA TRP A 14 -0.45 -10.97 1.52
C TRP A 14 0.61 -10.38 2.45
N LEU A 15 0.21 -10.17 3.69
CA LEU A 15 1.12 -9.62 4.69
C LEU A 15 2.18 -10.66 5.03
N GLU A 16 1.82 -11.92 4.85
CA GLU A 16 2.73 -13.01 5.12
C GLU A 16 3.94 -12.95 4.19
N ILE A 17 3.68 -12.54 2.97
CA ILE A 17 4.74 -12.43 1.97
C ILE A 17 5.14 -10.96 1.82
N LYS A 18 6.18 -10.59 2.56
CA LYS A 18 6.67 -9.23 2.52
C LYS A 18 7.62 -9.06 1.33
N VAL A 19 7.79 -7.81 0.91
CA VAL A 19 8.66 -7.51 -0.21
C VAL A 19 10.09 -7.30 0.29
N SER A 20 11.04 -7.49 -0.61
CA SER A 20 12.43 -7.32 -0.26
C SER A 20 12.95 -5.98 -0.81
N PRO A 21 14.01 -5.46 -0.14
CA PRO A 21 14.59 -6.14 1.00
C PRO A 21 13.70 -5.99 2.24
N PRO A 22 14.11 -6.70 3.32
CA PRO A 22 13.36 -6.66 4.57
C PRO A 22 13.59 -5.32 5.30
N GLU A 23 14.34 -4.45 4.65
CA GLU A 23 14.64 -3.15 5.22
C GLU A 23 13.39 -2.28 5.26
N GLY A 24 12.48 -2.56 4.33
CA GLY A 24 11.24 -1.82 4.25
C GLY A 24 10.48 -1.86 5.58
N ALA A 25 10.87 -2.81 6.41
CA ALA A 25 10.24 -2.97 7.72
C ALA A 25 10.16 -1.61 8.41
N GLU A 26 11.21 -0.83 8.23
CA GLU A 26 11.28 0.50 8.83
C GLU A 26 10.40 1.48 8.04
N THR A 27 10.66 1.54 6.75
CA THR A 27 9.90 2.42 5.87
C THR A 27 8.40 2.13 5.98
N ARG A 28 8.10 0.94 6.50
CA ARG A 28 6.71 0.52 6.66
C ARG A 28 5.88 1.68 7.20
N ARG A 29 6.54 2.57 7.92
CA ARG A 29 5.87 3.72 8.50
C ARG A 29 5.45 4.70 7.40
N VAL A 30 6.39 5.02 6.54
CA VAL A 30 6.13 5.94 5.44
C VAL A 30 5.33 5.21 4.36
N ILE A 31 5.57 3.91 4.25
CA ILE A 31 4.88 3.09 3.27
C ILE A 31 3.39 3.05 3.60
N GLU A 32 3.09 2.72 4.84
CA GLU A 32 1.71 2.65 5.29
C GLU A 32 1.09 4.05 5.32
N LYS A 33 1.95 5.04 5.45
CA LYS A 33 1.50 6.43 5.49
C LYS A 33 0.76 6.75 4.19
N LEU A 34 1.22 6.15 3.11
CA LEU A 34 0.61 6.38 1.81
C LEU A 34 -0.68 5.57 1.73
N ALA A 35 -0.54 4.25 1.89
CA ALA A 35 -1.68 3.36 1.83
C ALA A 35 -2.82 3.94 2.69
N ARG A 36 -2.47 4.30 3.91
CA ARG A 36 -3.45 4.86 4.83
C ARG A 36 -4.09 6.10 4.22
N PHE A 37 -3.35 6.73 3.32
CA PHE A 37 -3.85 7.93 2.65
C PHE A 37 -4.53 7.58 1.33
N VAL A 38 -4.07 6.51 0.72
CA VAL A 38 -4.62 6.06 -0.55
C VAL A 38 -5.90 5.27 -0.29
N ALA A 39 -5.71 4.04 0.18
CA ALA A 39 -6.85 3.17 0.47
C ALA A 39 -7.96 4.00 1.13
N GLU A 40 -7.53 5.03 1.86
CA GLU A 40 -8.47 5.90 2.54
C GLU A 40 -9.35 6.63 1.53
N GLY A 41 -8.72 7.46 0.73
CA GLY A 41 -9.43 8.22 -0.28
C GLY A 41 -9.75 7.36 -1.51
N GLY A 42 -8.69 6.83 -2.10
CA GLY A 42 -8.85 5.98 -3.27
C GLY A 42 -7.68 6.19 -4.25
N PRO A 43 -8.01 6.11 -5.56
CA PRO A 43 -7.00 6.28 -6.60
C PRO A 43 -6.61 7.76 -6.75
N GLU A 44 -7.60 8.61 -6.58
CA GLU A 44 -7.38 10.05 -6.68
C GLU A 44 -6.16 10.46 -5.85
N LEU A 45 -5.96 9.73 -4.77
CA LEU A 45 -4.84 10.00 -3.88
C LEU A 45 -3.54 9.56 -4.56
N GLU A 46 -3.45 8.26 -4.82
CA GLU A 46 -2.27 7.70 -5.45
C GLU A 46 -1.77 8.64 -6.55
N LYS A 47 -2.70 9.36 -7.14
CA LYS A 47 -2.38 10.31 -8.21
C LYS A 47 -1.84 11.59 -7.60
N VAL A 48 -2.66 12.20 -6.75
CA VAL A 48 -2.28 13.44 -6.09
C VAL A 48 -0.96 13.23 -5.36
N ALA A 49 -0.81 12.06 -4.78
CA ALA A 49 0.41 11.73 -4.05
C ALA A 49 1.62 11.95 -4.95
N MET A 50 1.58 11.33 -6.11
CA MET A 50 2.66 11.46 -7.07
C MET A 50 2.93 12.92 -7.40
N GLU A 51 1.95 13.75 -7.09
CA GLU A 51 2.06 15.18 -7.34
C GLU A 51 2.49 15.92 -6.07
N ASP A 52 1.98 15.44 -4.95
CA ASP A 52 2.31 16.04 -3.66
C ASP A 52 3.80 15.85 -3.38
N TYR A 53 4.36 14.81 -3.99
CA TYR A 53 5.77 14.51 -3.80
C TYR A 53 6.48 14.41 -5.15
N LYS A 54 5.97 15.16 -6.12
CA LYS A 54 6.55 15.17 -7.46
C LYS A 54 8.06 15.34 -7.34
N ASP A 55 8.47 16.02 -6.28
CA ASP A 55 9.89 16.25 -6.05
C ASP A 55 10.24 15.86 -4.61
N ASN A 56 10.34 14.57 -4.40
CA ASN A 56 10.67 14.05 -3.07
C ASN A 56 11.73 12.95 -3.21
N PRO A 57 12.89 13.18 -2.56
CA PRO A 57 13.98 12.22 -2.59
C PRO A 57 13.69 11.02 -1.70
N ALA A 58 12.61 11.14 -0.93
CA ALA A 58 12.20 10.08 -0.04
C ALA A 58 11.08 9.27 -0.68
N PHE A 59 10.13 9.99 -1.26
CA PHE A 59 9.00 9.36 -1.92
C PHE A 59 9.32 9.04 -3.38
N THR A 60 10.58 8.71 -3.62
CA THR A 60 11.02 8.38 -4.96
C THR A 60 10.50 7.01 -5.38
N PHE A 61 9.98 6.28 -4.40
CA PHE A 61 9.44 4.96 -4.64
C PHE A 61 8.14 5.04 -5.46
N LEU A 62 7.40 6.10 -5.21
CA LEU A 62 6.14 6.31 -5.91
C LEU A 62 6.33 6.00 -7.39
N HIS A 63 7.10 6.86 -8.04
CA HIS A 63 7.36 6.68 -9.47
C HIS A 63 8.25 5.45 -9.67
N ASP A 64 7.67 4.30 -9.41
CA ASP A 64 8.39 3.04 -9.57
C ASP A 64 7.54 1.90 -9.01
N LYS A 65 7.16 1.00 -9.91
CA LYS A 65 6.34 -0.15 -9.52
C LYS A 65 7.24 -1.20 -8.87
N ASN A 66 8.00 -1.89 -9.72
CA ASN A 66 8.90 -2.92 -9.25
C ASN A 66 10.14 -2.28 -8.64
N SER A 67 9.97 -1.71 -7.47
CA SER A 67 11.07 -1.05 -6.77
C SER A 67 11.37 -1.78 -5.46
N ARG A 68 10.52 -1.55 -4.48
CA ARG A 68 10.68 -2.18 -3.18
C ARG A 68 9.70 -1.56 -2.17
N GLU A 69 9.43 -0.29 -2.36
CA GLU A 69 8.51 0.42 -1.48
C GLU A 69 7.09 0.41 -2.05
N PHE A 70 7.02 0.56 -3.36
CA PHE A 70 5.73 0.56 -4.05
C PHE A 70 5.05 -0.81 -3.93
N LEU A 71 5.86 -1.81 -3.58
CA LEU A 71 5.34 -3.15 -3.43
C LEU A 71 4.76 -3.33 -2.03
N TYR A 72 5.65 -3.26 -1.04
CA TYR A 72 5.24 -3.41 0.34
C TYR A 72 4.08 -2.46 0.67
N TYR A 73 3.98 -1.40 -0.11
CA TYR A 73 2.92 -0.43 0.09
C TYR A 73 1.58 -0.96 -0.43
N ARG A 74 1.66 -1.77 -1.46
CA ARG A 74 0.46 -2.34 -2.05
C ARG A 74 0.09 -3.65 -1.34
N ARG A 75 1.07 -4.21 -0.66
CA ARG A 75 0.87 -5.45 0.07
C ARG A 75 0.07 -5.18 1.35
N LYS A 76 0.28 -4.00 1.91
CA LYS A 76 -0.41 -3.62 3.12
C LYS A 76 -1.68 -2.83 2.76
N VAL A 77 -1.66 -2.28 1.56
CA VAL A 77 -2.80 -1.50 1.08
C VAL A 77 -4.08 -2.30 1.30
N ALA A 78 -3.95 -3.62 1.19
CA ALA A 78 -5.09 -4.50 1.37
C ALA A 78 -5.40 -4.62 2.87
N GLU A 79 -4.34 -4.51 3.67
CA GLU A 79 -4.48 -4.61 5.11
C GLU A 79 -5.20 -3.37 5.66
N ILE A 80 -4.71 -2.21 5.23
CA ILE A 80 -5.28 -0.96 5.67
C ILE A 80 -6.64 -0.76 4.99
N ARG A 81 -6.72 -1.22 3.76
CA ARG A 81 -7.95 -1.10 3.00
C ARG A 81 -9.14 -1.58 3.83
N LYS A 82 -9.04 -2.80 4.31
CA LYS A 82 -10.09 -3.39 5.13
C LYS A 82 -10.62 -2.33 6.09
N SER A 83 -9.77 -1.93 7.01
CA SER A 83 -10.15 -0.93 8.00
C SER A 83 -9.10 0.19 8.03
N GLY A 84 -9.50 1.35 7.52
CA GLY A 84 -8.62 2.50 7.49
C GLY A 84 -9.38 3.79 7.78
N PRO A 85 -9.75 3.95 9.07
CA PRO A 85 -10.48 5.14 9.50
C PRO A 85 -9.57 6.36 9.56
N SER A 86 -8.28 6.09 9.71
CA SER A 86 -7.29 7.15 9.79
C SER A 86 -7.42 7.88 11.12
N SER A 87 -6.38 8.64 11.44
CA SER A 87 -6.36 9.39 12.68
C SER A 87 -7.28 10.62 12.57
N GLY A 88 -7.96 10.91 13.67
CA GLY A 88 -8.88 12.03 13.70
C GLY A 88 -10.33 11.57 13.54
N GLY A 1 0.51 -21.97 -8.69
CA GLY A 1 -0.44 -21.01 -8.16
C GLY A 1 -1.58 -20.76 -9.14
N SER A 2 -2.78 -21.04 -8.67
CA SER A 2 -3.98 -20.86 -9.50
C SER A 2 -5.21 -20.70 -8.61
N SER A 3 -5.42 -19.48 -8.15
CA SER A 3 -6.56 -19.19 -7.29
C SER A 3 -6.83 -17.70 -7.28
N GLY A 4 -8.10 -17.35 -7.49
CA GLY A 4 -8.50 -15.95 -7.50
C GLY A 4 -9.64 -15.70 -6.50
N SER A 5 -9.83 -14.44 -6.17
CA SER A 5 -10.88 -14.05 -5.24
C SER A 5 -10.92 -12.53 -5.10
N SER A 6 -12.08 -11.98 -5.43
CA SER A 6 -12.27 -10.54 -5.36
C SER A 6 -12.76 -10.15 -3.96
N GLY A 7 -11.93 -9.39 -3.27
CA GLY A 7 -12.26 -8.94 -1.93
C GLY A 7 -12.45 -10.12 -0.98
N GLU A 8 -11.42 -10.37 -0.19
CA GLU A 8 -11.46 -11.47 0.76
C GLU A 8 -10.54 -11.18 1.95
N GLU A 9 -10.93 -11.70 3.10
CA GLU A 9 -10.15 -11.51 4.31
C GLU A 9 -8.69 -11.89 4.08
N ASP A 10 -8.48 -12.69 3.04
CA ASP A 10 -7.13 -13.13 2.70
C ASP A 10 -6.26 -11.91 2.45
N TYR A 11 -6.91 -10.78 2.23
CA TYR A 11 -6.20 -9.54 1.97
C TYR A 11 -5.10 -9.31 3.02
N GLU A 12 -5.30 -9.92 4.17
CA GLU A 12 -4.33 -9.80 5.26
C GLU A 12 -3.34 -10.96 5.22
N GLN A 13 -3.76 -12.04 4.59
CA GLN A 13 -2.91 -13.22 4.47
C GLN A 13 -1.62 -12.88 3.72
N TRP A 14 -1.64 -11.71 3.08
CA TRP A 14 -0.49 -11.26 2.33
C TRP A 14 0.52 -10.67 3.31
N LEU A 15 -0.01 -10.16 4.41
CA LEU A 15 0.83 -9.57 5.44
C LEU A 15 1.77 -10.63 6.01
N GLU A 16 1.43 -11.88 5.74
CA GLU A 16 2.22 -12.99 6.21
C GLU A 16 3.59 -13.02 5.51
N ILE A 17 3.57 -12.58 4.26
CA ILE A 17 4.78 -12.54 3.46
C ILE A 17 5.19 -11.09 3.23
N LYS A 18 6.04 -10.59 4.12
CA LYS A 18 6.51 -9.22 4.02
C LYS A 18 7.20 -9.02 2.67
N VAL A 19 7.47 -7.76 2.36
CA VAL A 19 8.12 -7.42 1.11
C VAL A 19 9.63 -7.51 1.29
N SER A 20 10.33 -7.62 0.16
CA SER A 20 11.77 -7.71 0.18
C SER A 20 12.37 -6.66 -0.77
N PRO A 21 13.62 -6.22 -0.43
CA PRO A 21 14.28 -6.72 0.77
C PRO A 21 13.68 -6.11 2.03
N PRO A 22 14.17 -6.62 3.19
CA PRO A 22 13.69 -6.13 4.48
C PRO A 22 14.26 -4.74 4.80
N GLU A 23 14.99 -4.21 3.83
CA GLU A 23 15.60 -2.90 3.99
C GLU A 23 14.54 -1.80 3.83
N GLY A 24 13.42 -2.19 3.23
CA GLY A 24 12.33 -1.25 3.01
C GLY A 24 11.47 -1.12 4.26
N ALA A 25 11.68 -2.03 5.19
CA ALA A 25 10.93 -2.03 6.43
C ALA A 25 11.10 -0.68 7.12
N GLU A 26 12.14 0.04 6.71
CA GLU A 26 12.42 1.34 7.28
C GLU A 26 11.41 2.38 6.76
N THR A 27 11.02 2.19 5.51
CA THR A 27 10.06 3.10 4.89
C THR A 27 8.64 2.62 5.14
N ARG A 28 8.51 1.32 5.35
CA ARG A 28 7.21 0.72 5.60
C ARG A 28 6.37 1.64 6.48
N ARG A 29 7.06 2.41 7.33
CA ARG A 29 6.39 3.33 8.23
C ARG A 29 5.76 4.47 7.44
N VAL A 30 6.59 5.15 6.66
CA VAL A 30 6.12 6.26 5.85
C VAL A 30 5.10 5.75 4.84
N ILE A 31 5.31 4.52 4.39
CA ILE A 31 4.42 3.91 3.43
C ILE A 31 3.04 3.70 4.05
N GLU A 32 3.06 3.20 5.27
CA GLU A 32 1.82 2.94 6.00
C GLU A 32 0.85 4.11 5.80
N LYS A 33 1.39 5.32 5.87
CA LYS A 33 0.59 6.51 5.71
C LYS A 33 0.04 6.55 4.28
N LEU A 34 0.91 6.23 3.33
CA LEU A 34 0.53 6.23 1.94
C LEU A 34 -0.66 5.29 1.74
N ALA A 35 -0.51 4.07 2.22
CA ALA A 35 -1.56 3.08 2.11
C ALA A 35 -2.82 3.60 2.79
N ARG A 36 -2.65 4.05 4.03
CA ARG A 36 -3.77 4.58 4.79
C ARG A 36 -4.37 5.80 4.10
N PHE A 37 -3.49 6.54 3.43
CA PHE A 37 -3.91 7.73 2.71
C PHE A 37 -4.65 7.36 1.42
N VAL A 38 -4.06 6.44 0.68
CA VAL A 38 -4.66 5.99 -0.57
C VAL A 38 -5.96 5.25 -0.27
N ALA A 39 -5.81 4.06 0.30
CA ALA A 39 -6.96 3.24 0.63
C ALA A 39 -8.08 4.13 1.17
N GLU A 40 -7.68 5.13 1.94
CA GLU A 40 -8.63 6.07 2.52
C GLU A 40 -9.56 6.61 1.43
N GLY A 41 -8.98 7.37 0.53
CA GLY A 41 -9.75 7.97 -0.56
C GLY A 41 -9.90 6.98 -1.72
N GLY A 42 -8.77 6.62 -2.30
CA GLY A 42 -8.75 5.69 -3.42
C GLY A 42 -7.55 5.94 -4.32
N PRO A 43 -7.80 5.80 -5.66
CA PRO A 43 -6.74 6.00 -6.64
C PRO A 43 -6.44 7.49 -6.82
N GLU A 44 -7.46 8.30 -6.62
CA GLU A 44 -7.32 9.74 -6.75
C GLU A 44 -6.19 10.24 -5.85
N LEU A 45 -6.04 9.58 -4.70
CA LEU A 45 -5.00 9.94 -3.76
C LEU A 45 -3.64 9.57 -4.33
N GLU A 46 -3.52 8.31 -4.73
CA GLU A 46 -2.28 7.81 -5.29
C GLU A 46 -1.79 8.74 -6.40
N LYS A 47 -2.75 9.41 -7.04
CA LYS A 47 -2.43 10.32 -8.12
C LYS A 47 -1.94 11.65 -7.53
N VAL A 48 -2.71 12.16 -6.58
CA VAL A 48 -2.37 13.41 -5.94
C VAL A 48 -1.01 13.27 -5.24
N ALA A 49 -0.82 12.12 -4.61
CA ALA A 49 0.42 11.85 -3.90
C ALA A 49 1.60 12.06 -4.86
N MET A 50 1.48 11.45 -6.04
CA MET A 50 2.53 11.56 -7.05
C MET A 50 2.96 13.01 -7.23
N GLU A 51 2.06 13.92 -6.86
CA GLU A 51 2.34 15.34 -6.97
C GLU A 51 2.84 15.89 -5.64
N ASP A 52 2.32 15.32 -4.56
CA ASP A 52 2.71 15.75 -3.23
C ASP A 52 4.18 15.38 -2.99
N TYR A 53 4.54 14.19 -3.43
CA TYR A 53 5.90 13.71 -3.27
C TYR A 53 6.63 13.66 -4.62
N LYS A 54 6.21 14.55 -5.51
CA LYS A 54 6.81 14.61 -6.84
C LYS A 54 8.33 14.68 -6.69
N ASP A 55 8.78 15.67 -5.94
CA ASP A 55 10.20 15.86 -5.72
C ASP A 55 10.54 15.52 -4.26
N ASN A 56 10.61 14.23 -3.99
CA ASN A 56 10.92 13.76 -2.65
C ASN A 56 11.95 12.64 -2.73
N PRO A 57 13.12 12.88 -2.09
CA PRO A 57 14.19 11.90 -2.08
C PRO A 57 13.87 10.75 -1.12
N ALA A 58 12.74 10.88 -0.44
CA ALA A 58 12.31 9.86 0.50
C ALA A 58 11.24 8.97 -0.17
N PHE A 59 10.30 9.63 -0.82
CA PHE A 59 9.23 8.92 -1.50
C PHE A 59 9.63 8.56 -2.93
N THR A 60 10.92 8.32 -3.10
CA THR A 60 11.44 7.97 -4.42
C THR A 60 10.94 6.58 -4.84
N PHE A 61 10.36 5.87 -3.87
CA PHE A 61 9.84 4.55 -4.13
C PHE A 61 8.59 4.61 -5.00
N LEU A 62 7.80 5.64 -4.77
CA LEU A 62 6.57 5.83 -5.52
C LEU A 62 6.81 5.46 -6.99
N HIS A 63 7.61 6.29 -7.65
CA HIS A 63 7.92 6.07 -9.05
C HIS A 63 8.22 4.58 -9.27
N ASP A 64 9.16 4.08 -8.50
CA ASP A 64 9.55 2.68 -8.60
C ASP A 64 8.31 1.80 -8.48
N LYS A 65 8.29 0.75 -9.29
CA LYS A 65 7.16 -0.17 -9.29
C LYS A 65 7.68 -1.61 -9.39
N ASN A 66 8.75 -1.87 -8.64
CA ASN A 66 9.35 -3.19 -8.64
C ASN A 66 10.66 -3.15 -7.85
N SER A 67 10.62 -2.45 -6.73
CA SER A 67 11.79 -2.32 -5.88
C SER A 67 11.57 -3.10 -4.58
N ARG A 68 10.69 -2.58 -3.75
CA ARG A 68 10.39 -3.21 -2.48
C ARG A 68 9.43 -2.34 -1.66
N GLU A 69 9.57 -1.03 -1.85
CA GLU A 69 8.73 -0.09 -1.14
C GLU A 69 7.36 0.01 -1.82
N PHE A 70 7.39 0.21 -3.12
CA PHE A 70 6.17 0.32 -3.90
C PHE A 70 5.34 -0.95 -3.80
N LEU A 71 6.00 -2.03 -3.37
CA LEU A 71 5.33 -3.31 -3.23
C LEU A 71 4.54 -3.32 -1.93
N TYR A 72 5.24 -3.04 -0.84
CA TYR A 72 4.62 -3.02 0.47
C TYR A 72 3.46 -2.03 0.51
N TYR A 73 3.65 -0.91 -0.18
CA TYR A 73 2.62 0.12 -0.23
C TYR A 73 1.28 -0.45 -0.70
N ARG A 74 1.33 -1.14 -1.83
CA ARG A 74 0.13 -1.74 -2.39
C ARG A 74 -0.26 -2.99 -1.59
N ARG A 75 0.72 -3.52 -0.88
CA ARG A 75 0.50 -4.71 -0.07
C ARG A 75 -0.43 -4.39 1.10
N LYS A 76 0.14 -3.75 2.11
CA LYS A 76 -0.62 -3.38 3.29
C LYS A 76 -1.91 -2.68 2.87
N VAL A 77 -1.86 -2.09 1.68
CA VAL A 77 -3.01 -1.38 1.15
C VAL A 77 -4.24 -2.30 1.20
N ALA A 78 -3.98 -3.60 1.19
CA ALA A 78 -5.04 -4.58 1.24
C ALA A 78 -5.49 -4.75 2.70
N GLU A 79 -4.54 -4.56 3.60
CA GLU A 79 -4.82 -4.69 5.03
C GLU A 79 -5.64 -3.50 5.51
N ILE A 80 -5.09 -2.31 5.28
CA ILE A 80 -5.75 -1.10 5.69
C ILE A 80 -7.11 -0.99 4.98
N ARG A 81 -7.10 -1.37 3.71
CA ARG A 81 -8.32 -1.32 2.92
C ARG A 81 -9.49 -1.95 3.69
N LYS A 82 -9.40 -3.26 3.87
CA LYS A 82 -10.42 -3.99 4.59
C LYS A 82 -10.53 -3.44 6.01
N SER A 83 -11.77 -3.13 6.40
CA SER A 83 -12.02 -2.61 7.73
C SER A 83 -13.52 -2.36 7.92
N GLY A 84 -14.04 -1.45 7.10
CA GLY A 84 -15.45 -1.11 7.16
C GLY A 84 -15.71 0.27 6.55
N PRO A 85 -16.18 0.24 5.27
CA PRO A 85 -16.46 1.47 4.56
C PRO A 85 -17.78 2.08 5.04
N SER A 86 -18.07 3.27 4.52
CA SER A 86 -19.28 3.98 4.89
C SER A 86 -19.44 5.24 4.04
N SER A 87 -18.41 6.07 4.09
CA SER A 87 -18.42 7.31 3.32
C SER A 87 -16.98 7.71 2.96
N GLY A 88 -16.79 7.96 1.67
CA GLY A 88 -15.47 8.36 1.18
C GLY A 88 -14.57 7.13 1.01
N GLY A 1 -8.32 -13.02 -15.09
CA GLY A 1 -9.72 -13.19 -14.77
C GLY A 1 -10.31 -11.91 -14.17
N SER A 2 -10.35 -11.88 -12.84
CA SER A 2 -10.88 -10.73 -12.13
C SER A 2 -12.34 -10.51 -12.50
N SER A 3 -13.21 -10.97 -11.62
CA SER A 3 -14.65 -10.83 -11.84
C SER A 3 -15.41 -11.16 -10.55
N GLY A 4 -16.14 -10.16 -10.06
CA GLY A 4 -16.91 -10.32 -8.85
C GLY A 4 -16.68 -9.15 -7.89
N SER A 5 -16.72 -9.46 -6.60
CA SER A 5 -16.52 -8.45 -5.58
C SER A 5 -15.03 -8.35 -5.22
N SER A 6 -14.69 -7.30 -4.49
CA SER A 6 -13.32 -7.10 -4.07
C SER A 6 -13.19 -7.32 -2.57
N GLY A 7 -12.68 -8.49 -2.21
CA GLY A 7 -12.50 -8.84 -0.82
C GLY A 7 -12.14 -10.31 -0.66
N GLU A 8 -11.06 -10.55 0.06
CA GLU A 8 -10.59 -11.91 0.30
C GLU A 8 -9.41 -11.91 1.27
N GLU A 9 -9.34 -12.96 2.06
CA GLU A 9 -8.26 -13.09 3.04
C GLU A 9 -6.95 -12.59 2.45
N ASP A 10 -6.83 -12.74 1.13
CA ASP A 10 -5.64 -12.31 0.44
C ASP A 10 -5.18 -10.96 1.01
N TYR A 11 -6.11 -10.01 1.03
CA TYR A 11 -5.82 -8.69 1.55
C TYR A 11 -4.90 -8.77 2.77
N GLU A 12 -5.01 -9.87 3.49
CA GLU A 12 -4.19 -10.07 4.67
C GLU A 12 -3.16 -11.19 4.43
N GLN A 13 -3.48 -12.04 3.46
CA GLN A 13 -2.60 -13.14 3.12
C GLN A 13 -1.37 -12.63 2.37
N TRP A 14 -1.49 -11.39 1.89
CA TRP A 14 -0.40 -10.78 1.15
C TRP A 14 0.60 -10.23 2.16
N LEU A 15 0.19 -10.26 3.42
CA LEU A 15 1.04 -9.76 4.49
C LEU A 15 2.12 -10.80 4.81
N GLU A 16 1.81 -12.04 4.48
CA GLU A 16 2.73 -13.14 4.72
C GLU A 16 3.96 -12.99 3.82
N ILE A 17 3.70 -12.74 2.55
CA ILE A 17 4.77 -12.58 1.58
C ILE A 17 5.15 -11.10 1.48
N LYS A 18 6.17 -10.73 2.24
CA LYS A 18 6.64 -9.36 2.24
C LYS A 18 7.50 -9.12 1.00
N VAL A 19 7.65 -7.84 0.66
CA VAL A 19 8.43 -7.46 -0.50
C VAL A 19 9.89 -7.30 -0.07
N SER A 20 10.76 -7.21 -1.07
CA SER A 20 12.18 -7.05 -0.82
C SER A 20 12.65 -5.67 -1.29
N PRO A 21 13.70 -5.15 -0.60
CA PRO A 21 14.31 -5.89 0.49
C PRO A 21 13.44 -5.85 1.74
N PRO A 22 13.87 -6.62 2.78
CA PRO A 22 13.13 -6.67 4.03
C PRO A 22 13.33 -5.39 4.84
N GLU A 23 14.04 -4.46 4.24
CA GLU A 23 14.32 -3.18 4.90
C GLU A 23 13.04 -2.35 4.99
N GLY A 24 12.26 -2.40 3.92
CA GLY A 24 11.01 -1.65 3.86
C GLY A 24 10.30 -1.68 5.21
N ALA A 25 10.52 -2.76 5.94
CA ALA A 25 9.90 -2.92 7.25
C ALA A 25 10.04 -1.62 8.04
N GLU A 26 11.21 -1.00 7.90
CA GLU A 26 11.48 0.25 8.58
C GLU A 26 10.72 1.40 7.92
N THR A 27 10.82 1.45 6.59
CA THR A 27 10.16 2.49 5.84
C THR A 27 8.64 2.36 5.98
N ARG A 28 8.21 1.22 6.48
CA ARG A 28 6.80 0.95 6.68
C ARG A 28 6.10 2.18 7.26
N ARG A 29 6.63 2.64 8.39
CA ARG A 29 6.07 3.80 9.06
C ARG A 29 5.80 4.91 8.04
N VAL A 30 6.57 4.88 6.96
CA VAL A 30 6.43 5.88 5.91
C VAL A 30 5.51 5.34 4.82
N ILE A 31 5.57 4.03 4.63
CA ILE A 31 4.75 3.38 3.62
C ILE A 31 3.30 3.34 4.10
N GLU A 32 3.06 2.56 5.14
CA GLU A 32 1.74 2.43 5.71
C GLU A 32 1.04 3.80 5.76
N LYS A 33 1.86 4.83 5.95
CA LYS A 33 1.35 6.18 6.02
C LYS A 33 0.62 6.53 4.72
N LEU A 34 1.31 6.23 3.62
CA LEU A 34 0.74 6.51 2.29
C LEU A 34 -0.44 5.57 2.06
N ALA A 35 -0.24 4.30 2.38
CA ALA A 35 -1.28 3.31 2.20
C ALA A 35 -2.55 3.76 2.92
N ARG A 36 -2.35 4.31 4.11
CA ARG A 36 -3.47 4.78 4.92
C ARG A 36 -4.04 6.06 4.30
N PHE A 37 -3.26 6.68 3.44
CA PHE A 37 -3.69 7.90 2.77
C PHE A 37 -4.31 7.60 1.41
N VAL A 38 -3.79 6.56 0.77
CA VAL A 38 -4.29 6.15 -0.53
C VAL A 38 -5.55 5.31 -0.35
N ALA A 39 -5.34 4.07 0.06
CA ALA A 39 -6.45 3.15 0.27
C ALA A 39 -7.61 3.90 0.93
N GLU A 40 -7.24 4.91 1.71
CA GLU A 40 -8.24 5.72 2.40
C GLU A 40 -9.14 6.43 1.40
N GLY A 41 -8.53 7.34 0.65
CA GLY A 41 -9.26 8.10 -0.37
C GLY A 41 -9.55 7.24 -1.60
N GLY A 42 -8.48 6.64 -2.13
CA GLY A 42 -8.61 5.80 -3.30
C GLY A 42 -7.41 6.00 -4.24
N PRO A 43 -7.70 5.85 -5.56
CA PRO A 43 -6.67 6.01 -6.57
C PRO A 43 -6.31 7.49 -6.77
N GLU A 44 -7.32 8.33 -6.61
CA GLU A 44 -7.13 9.76 -6.77
C GLU A 44 -5.93 10.23 -5.94
N LEU A 45 -5.72 9.55 -4.82
CA LEU A 45 -4.63 9.89 -3.94
C LEU A 45 -3.30 9.45 -4.58
N GLU A 46 -3.20 8.15 -4.81
CA GLU A 46 -2.00 7.60 -5.41
C GLU A 46 -1.50 8.52 -6.53
N LYS A 47 -2.44 9.16 -7.19
CA LYS A 47 -2.11 10.06 -8.28
C LYS A 47 -1.63 11.39 -7.70
N VAL A 48 -2.49 12.00 -6.90
CA VAL A 48 -2.17 13.27 -6.27
C VAL A 48 -0.83 13.16 -5.55
N ALA A 49 -0.65 12.03 -4.86
CA ALA A 49 0.57 11.79 -4.13
C ALA A 49 1.77 12.10 -5.02
N MET A 50 1.77 11.48 -6.20
CA MET A 50 2.84 11.67 -7.15
C MET A 50 3.02 13.16 -7.47
N GLU A 51 2.00 13.93 -7.15
CA GLU A 51 2.04 15.36 -7.40
C GLU A 51 2.40 16.11 -6.11
N ASP A 52 1.60 15.89 -5.08
CA ASP A 52 1.83 16.54 -3.80
C ASP A 52 3.28 16.35 -3.40
N TYR A 53 3.80 15.17 -3.68
CA TYR A 53 5.18 14.86 -3.36
C TYR A 53 6.05 14.77 -4.62
N LYS A 54 5.69 15.61 -5.59
CA LYS A 54 6.41 15.64 -6.85
C LYS A 54 7.91 15.48 -6.58
N ASP A 55 8.32 15.98 -5.42
CA ASP A 55 9.72 15.91 -5.02
C ASP A 55 9.85 14.97 -3.82
N ASN A 56 9.86 13.68 -4.11
CA ASN A 56 9.98 12.68 -3.07
C ASN A 56 11.37 12.05 -3.13
N PRO A 57 12.12 12.18 -2.00
CA PRO A 57 13.47 11.63 -1.93
C PRO A 57 13.42 10.11 -1.76
N ALA A 58 12.80 9.68 -0.67
CA ALA A 58 12.68 8.26 -0.38
C ALA A 58 11.32 7.76 -0.87
N PHE A 59 10.42 8.71 -1.13
CA PHE A 59 9.09 8.37 -1.60
C PHE A 59 9.06 8.27 -3.12
N THR A 60 10.21 7.91 -3.69
CA THR A 60 10.33 7.78 -5.13
C THR A 60 9.63 6.50 -5.60
N PHE A 61 9.31 5.66 -4.64
CA PHE A 61 8.65 4.39 -4.94
C PHE A 61 7.25 4.63 -5.50
N LEU A 62 6.78 5.86 -5.36
CA LEU A 62 5.47 6.23 -5.84
C LEU A 62 5.42 6.04 -7.35
N HIS A 63 6.29 6.75 -8.05
CA HIS A 63 6.36 6.66 -9.49
C HIS A 63 7.00 5.34 -9.90
N ASP A 64 8.12 5.04 -9.27
CA ASP A 64 8.83 3.80 -9.55
C ASP A 64 8.08 2.63 -8.93
N LYS A 65 7.16 2.08 -9.71
CA LYS A 65 6.37 0.95 -9.24
C LYS A 65 7.30 -0.19 -8.84
N ASN A 66 8.18 -0.56 -9.76
CA ASN A 66 9.12 -1.63 -9.51
C ASN A 66 10.34 -1.06 -8.78
N SER A 67 10.09 -0.61 -7.55
CA SER A 67 11.15 -0.05 -6.73
C SER A 67 11.50 -1.00 -5.59
N ARG A 68 10.69 -0.92 -4.54
CA ARG A 68 10.90 -1.77 -3.38
C ARG A 68 9.92 -1.40 -2.27
N GLU A 69 9.56 -0.12 -2.24
CA GLU A 69 8.62 0.37 -1.24
C GLU A 69 7.20 0.31 -1.77
N PHE A 70 7.08 0.43 -3.09
CA PHE A 70 5.77 0.39 -3.74
C PHE A 70 5.10 -0.96 -3.54
N LEU A 71 5.92 -2.01 -3.65
CA LEU A 71 5.42 -3.36 -3.49
C LEU A 71 4.86 -3.53 -2.07
N TYR A 72 5.65 -3.12 -1.10
CA TYR A 72 5.24 -3.22 0.30
C TYR A 72 3.99 -2.38 0.56
N TYR A 73 3.94 -1.23 -0.10
CA TYR A 73 2.80 -0.34 0.06
C TYR A 73 1.51 -1.00 -0.41
N ARG A 74 1.47 -1.30 -1.71
CA ARG A 74 0.30 -1.93 -2.30
C ARG A 74 -0.09 -3.17 -1.50
N ARG A 75 0.92 -3.78 -0.88
CA ARG A 75 0.70 -4.97 -0.09
C ARG A 75 -0.18 -4.65 1.13
N LYS A 76 0.44 -4.07 2.13
CA LYS A 76 -0.28 -3.70 3.34
C LYS A 76 -1.48 -2.83 2.97
N VAL A 77 -1.38 -2.19 1.82
CA VAL A 77 -2.45 -1.33 1.34
C VAL A 77 -3.77 -2.10 1.38
N ALA A 78 -3.65 -3.42 1.32
CA ALA A 78 -4.82 -4.28 1.34
C ALA A 78 -5.31 -4.44 2.78
N GLU A 79 -4.36 -4.33 3.70
CA GLU A 79 -4.68 -4.46 5.11
C GLU A 79 -5.48 -3.25 5.59
N ILE A 80 -5.10 -2.09 5.09
CA ILE A 80 -5.77 -0.85 5.45
C ILE A 80 -7.05 -0.70 4.62
N ARG A 81 -6.98 -1.19 3.39
CA ARG A 81 -8.12 -1.12 2.50
C ARG A 81 -9.38 -1.65 3.19
N LYS A 82 -9.25 -2.86 3.73
CA LYS A 82 -10.36 -3.49 4.42
C LYS A 82 -10.79 -2.61 5.60
N SER A 83 -11.57 -3.21 6.49
CA SER A 83 -12.06 -2.50 7.66
C SER A 83 -13.07 -1.43 7.24
N GLY A 84 -13.70 -1.67 6.10
CA GLY A 84 -14.69 -0.75 5.59
C GLY A 84 -14.03 0.49 4.99
N PRO A 85 -13.65 0.37 3.70
CA PRO A 85 -13.00 1.48 3.00
C PRO A 85 -14.01 2.57 2.64
N SER A 86 -13.59 3.46 1.77
CA SER A 86 -14.43 4.56 1.34
C SER A 86 -13.99 5.06 -0.04
N SER A 87 -14.93 5.05 -0.97
CA SER A 87 -14.66 5.49 -2.32
C SER A 87 -15.95 5.87 -3.03
N GLY A 88 -16.83 4.88 -3.16
CA GLY A 88 -18.11 5.09 -3.82
C GLY A 88 -19.22 4.34 -3.09
N GLY A 1 -22.09 -3.72 2.53
CA GLY A 1 -23.46 -3.52 2.96
C GLY A 1 -24.18 -4.86 3.14
N SER A 2 -23.93 -5.48 4.29
CA SER A 2 -24.55 -6.76 4.60
C SER A 2 -24.44 -7.70 3.40
N SER A 3 -23.37 -8.49 3.41
CA SER A 3 -23.13 -9.43 2.34
C SER A 3 -21.85 -10.22 2.61
N GLY A 4 -21.85 -11.47 2.17
CA GLY A 4 -20.70 -12.33 2.36
C GLY A 4 -20.22 -12.91 1.03
N SER A 5 -18.92 -13.11 0.94
CA SER A 5 -18.33 -13.66 -0.27
C SER A 5 -17.01 -14.36 0.05
N SER A 6 -16.55 -15.16 -0.89
CA SER A 6 -15.31 -15.90 -0.71
C SER A 6 -14.18 -15.20 -1.47
N GLY A 7 -13.05 -15.04 -0.79
CA GLY A 7 -11.90 -14.39 -1.38
C GLY A 7 -11.88 -12.90 -1.06
N GLU A 8 -11.76 -12.61 0.22
CA GLU A 8 -11.73 -11.22 0.67
C GLU A 8 -10.62 -11.02 1.70
N GLU A 9 -10.88 -11.51 2.90
CA GLU A 9 -9.91 -11.39 3.98
C GLU A 9 -8.49 -11.60 3.44
N ASP A 10 -8.40 -12.41 2.39
CA ASP A 10 -7.11 -12.69 1.78
C ASP A 10 -6.31 -11.39 1.67
N TYR A 11 -7.03 -10.29 1.55
CA TYR A 11 -6.40 -8.98 1.45
C TYR A 11 -5.37 -8.78 2.56
N GLU A 12 -5.51 -9.56 3.61
CA GLU A 12 -4.61 -9.47 4.74
C GLU A 12 -3.57 -10.59 4.68
N GLN A 13 -3.90 -11.61 3.90
CA GLN A 13 -3.01 -12.75 3.74
C GLN A 13 -1.72 -12.32 3.05
N TRP A 14 -1.73 -11.10 2.54
CA TRP A 14 -0.57 -10.56 1.85
C TRP A 14 0.35 -9.94 2.90
N LEU A 15 -0.27 -9.31 3.89
CA LEU A 15 0.47 -8.67 4.96
C LEU A 15 1.36 -9.71 5.65
N GLU A 16 0.79 -10.88 5.87
CA GLU A 16 1.51 -11.96 6.51
C GLU A 16 2.92 -12.08 5.93
N ILE A 17 3.00 -11.91 4.62
CA ILE A 17 4.28 -11.99 3.93
C ILE A 17 4.64 -10.61 3.37
N LYS A 18 5.42 -9.88 4.14
CA LYS A 18 5.84 -8.54 3.72
C LYS A 18 6.68 -8.65 2.45
N VAL A 19 7.02 -7.49 1.90
CA VAL A 19 7.81 -7.45 0.69
C VAL A 19 9.30 -7.39 1.05
N SER A 20 10.11 -7.97 0.19
CA SER A 20 11.55 -7.99 0.41
C SER A 20 12.22 -6.90 -0.41
N PRO A 21 13.45 -6.50 0.03
CA PRO A 21 14.04 -7.11 1.21
C PRO A 21 13.38 -6.61 2.48
N PRO A 22 13.79 -7.21 3.63
CA PRO A 22 13.25 -6.83 4.92
C PRO A 22 13.82 -5.49 5.38
N GLU A 23 14.62 -4.89 4.50
CA GLU A 23 15.24 -3.61 4.80
C GLU A 23 14.21 -2.49 4.72
N GLY A 24 13.11 -2.79 4.05
CA GLY A 24 12.05 -1.82 3.88
C GLY A 24 11.27 -1.63 5.19
N ALA A 25 11.52 -2.53 6.12
CA ALA A 25 10.85 -2.48 7.41
C ALA A 25 11.12 -1.13 8.06
N GLU A 26 12.14 -0.46 7.57
CA GLU A 26 12.51 0.84 8.09
C GLU A 26 11.68 1.94 7.43
N THR A 27 11.28 1.69 6.19
CA THR A 27 10.48 2.63 5.45
C THR A 27 9.00 2.27 5.54
N ARG A 28 8.75 1.01 5.87
CA ARG A 28 7.39 0.53 6.00
C ARG A 28 6.57 1.47 6.90
N ARG A 29 7.29 2.19 7.74
CA ARG A 29 6.65 3.13 8.64
C ARG A 29 6.19 4.38 7.89
N VAL A 30 6.93 4.69 6.83
CA VAL A 30 6.62 5.85 6.02
C VAL A 30 5.76 5.42 4.83
N ILE A 31 5.71 4.11 4.61
CA ILE A 31 4.93 3.56 3.52
C ILE A 31 3.47 3.44 3.94
N GLU A 32 3.28 2.88 5.13
CA GLU A 32 1.94 2.71 5.67
C GLU A 32 1.16 4.02 5.60
N LYS A 33 1.91 5.12 5.67
CA LYS A 33 1.30 6.44 5.62
C LYS A 33 0.49 6.57 4.32
N LEU A 34 1.15 6.26 3.21
CA LEU A 34 0.51 6.34 1.91
C LEU A 34 -0.63 5.33 1.85
N ALA A 35 -0.29 4.09 2.15
CA ALA A 35 -1.28 3.01 2.14
C ALA A 35 -2.55 3.48 2.84
N ARG A 36 -2.35 4.08 4.01
CA ARG A 36 -3.47 4.59 4.79
C ARG A 36 -4.13 5.77 4.08
N PHE A 37 -3.31 6.48 3.32
CA PHE A 37 -3.81 7.63 2.58
C PHE A 37 -4.58 7.21 1.33
N VAL A 38 -4.02 6.22 0.63
CA VAL A 38 -4.64 5.71 -0.57
C VAL A 38 -5.96 5.03 -0.21
N ALA A 39 -5.84 3.83 0.34
CA ALA A 39 -7.00 3.07 0.74
C ALA A 39 -8.05 4.01 1.33
N GLU A 40 -7.57 5.07 1.95
CA GLU A 40 -8.44 6.05 2.56
C GLU A 40 -9.39 6.63 1.51
N GLY A 41 -8.82 7.38 0.58
CA GLY A 41 -9.60 8.00 -0.47
C GLY A 41 -9.81 7.03 -1.64
N GLY A 42 -8.70 6.49 -2.12
CA GLY A 42 -8.75 5.54 -3.24
C GLY A 42 -7.59 5.79 -4.20
N PRO A 43 -7.91 5.68 -5.53
CA PRO A 43 -6.92 5.88 -6.56
C PRO A 43 -6.59 7.37 -6.72
N GLU A 44 -7.59 8.20 -6.47
CA GLU A 44 -7.43 9.64 -6.59
C GLU A 44 -6.23 10.10 -5.75
N LEU A 45 -6.03 9.41 -4.64
CA LEU A 45 -4.93 9.73 -3.74
C LEU A 45 -3.60 9.33 -4.40
N GLU A 46 -3.52 8.05 -4.71
CA GLU A 46 -2.32 7.52 -5.35
C GLU A 46 -1.84 8.45 -6.46
N LYS A 47 -2.80 9.10 -7.09
CA LYS A 47 -2.49 10.03 -8.17
C LYS A 47 -1.91 11.32 -7.58
N VAL A 48 -2.69 11.91 -6.68
CA VAL A 48 -2.28 13.15 -6.03
C VAL A 48 -0.93 12.93 -5.35
N ALA A 49 -0.82 11.81 -4.65
CA ALA A 49 0.41 11.48 -3.95
C ALA A 49 1.60 11.69 -4.89
N MET A 50 1.51 11.05 -6.05
CA MET A 50 2.57 11.16 -7.03
C MET A 50 2.90 12.63 -7.34
N GLU A 51 1.94 13.49 -7.01
CA GLU A 51 2.10 14.91 -7.24
C GLU A 51 2.61 15.60 -5.97
N ASP A 52 1.99 15.24 -4.85
CA ASP A 52 2.37 15.80 -3.57
C ASP A 52 3.87 15.57 -3.34
N TYR A 53 4.30 14.36 -3.64
CA TYR A 53 5.70 14.01 -3.47
C TYR A 53 6.37 13.77 -4.82
N LYS A 54 5.95 14.54 -5.80
CA LYS A 54 6.51 14.42 -7.14
C LYS A 54 8.03 14.44 -7.06
N ASP A 55 8.54 15.28 -6.17
CA ASP A 55 9.97 15.41 -5.98
C ASP A 55 10.32 15.06 -4.54
N ASN A 56 10.45 13.77 -4.30
CA ASN A 56 10.78 13.29 -2.97
C ASN A 56 11.89 12.22 -3.08
N PRO A 57 13.01 12.49 -2.37
CA PRO A 57 14.14 11.57 -2.38
C PRO A 57 13.85 10.34 -1.52
N ALA A 58 12.81 10.47 -0.70
CA ALA A 58 12.42 9.37 0.18
C ALA A 58 11.26 8.61 -0.45
N PHE A 59 10.25 9.37 -0.86
CA PHE A 59 9.07 8.78 -1.48
C PHE A 59 9.30 8.54 -2.97
N THR A 60 10.52 8.14 -3.29
CA THR A 60 10.88 7.87 -4.67
C THR A 60 10.19 6.59 -5.17
N PHE A 61 9.65 5.85 -4.22
CA PHE A 61 8.96 4.61 -4.54
C PHE A 61 7.65 4.89 -5.28
N LEU A 62 7.23 6.14 -5.22
CA LEU A 62 6.00 6.56 -5.87
C LEU A 62 6.15 6.36 -7.38
N HIS A 63 7.25 6.86 -7.91
CA HIS A 63 7.52 6.74 -9.33
C HIS A 63 8.21 5.40 -9.62
N ASP A 64 8.87 4.87 -8.60
CA ASP A 64 9.56 3.61 -8.73
C ASP A 64 8.54 2.48 -8.82
N LYS A 65 8.24 2.10 -10.06
CA LYS A 65 7.27 1.03 -10.30
C LYS A 65 8.01 -0.31 -10.34
N ASN A 66 8.85 -0.52 -9.35
CA ASN A 66 9.62 -1.74 -9.25
C ASN A 66 10.58 -1.66 -8.07
N SER A 67 10.09 -1.08 -6.98
CA SER A 67 10.88 -0.93 -5.78
C SER A 67 10.35 -1.83 -4.67
N ARG A 68 11.04 -1.82 -3.54
CA ARG A 68 10.65 -2.63 -2.41
C ARG A 68 9.70 -1.83 -1.50
N GLU A 69 9.72 -0.52 -1.67
CA GLU A 69 8.87 0.35 -0.88
C GLU A 69 7.59 0.67 -1.63
N PHE A 70 7.60 0.36 -2.92
CA PHE A 70 6.45 0.61 -3.77
C PHE A 70 5.51 -0.60 -3.80
N LEU A 71 6.10 -1.76 -3.54
CA LEU A 71 5.34 -3.00 -3.53
C LEU A 71 4.58 -3.13 -2.21
N TYR A 72 5.33 -3.01 -1.13
CA TYR A 72 4.74 -3.11 0.20
C TYR A 72 3.58 -2.13 0.37
N TYR A 73 3.75 -0.96 -0.25
CA TYR A 73 2.72 0.07 -0.18
C TYR A 73 1.36 -0.48 -0.61
N ARG A 74 1.38 -1.24 -1.70
CA ARG A 74 0.16 -1.83 -2.22
C ARG A 74 -0.23 -3.06 -1.39
N ARG A 75 0.71 -3.49 -0.56
CA ARG A 75 0.48 -4.65 0.28
C ARG A 75 -0.20 -4.23 1.59
N LYS A 76 -0.02 -2.96 1.92
CA LYS A 76 -0.60 -2.42 3.14
C LYS A 76 -2.00 -1.87 2.83
N VAL A 77 -2.11 -1.22 1.69
CA VAL A 77 -3.37 -0.64 1.28
C VAL A 77 -4.47 -1.70 1.38
N ALA A 78 -4.14 -2.90 0.91
CA ALA A 78 -5.08 -4.00 0.94
C ALA A 78 -5.56 -4.22 2.38
N GLU A 79 -4.60 -4.19 3.29
CA GLU A 79 -4.89 -4.39 4.70
C GLU A 79 -5.90 -3.34 5.17
N ILE A 80 -5.50 -2.08 5.07
CA ILE A 80 -6.35 -0.99 5.49
C ILE A 80 -7.62 -0.98 4.64
N ARG A 81 -7.42 -1.20 3.34
CA ARG A 81 -8.53 -1.22 2.41
C ARG A 81 -9.75 -1.89 3.04
N LYS A 82 -9.51 -3.07 3.60
CA LYS A 82 -10.58 -3.83 4.25
C LYS A 82 -11.45 -2.86 5.06
N SER A 83 -12.75 -2.89 4.76
CA SER A 83 -13.68 -2.03 5.46
C SER A 83 -15.10 -2.29 4.94
N GLY A 84 -15.29 -1.97 3.66
CA GLY A 84 -16.58 -2.15 3.03
C GLY A 84 -16.43 -2.76 1.63
N PRO A 85 -17.50 -2.58 0.81
CA PRO A 85 -17.49 -3.10 -0.55
C PRO A 85 -16.61 -2.26 -1.46
N SER A 86 -16.44 -2.74 -2.68
CA SER A 86 -15.61 -2.04 -3.65
C SER A 86 -15.73 -2.72 -5.02
N SER A 87 -16.02 -1.90 -6.03
CA SER A 87 -16.17 -2.41 -7.38
C SER A 87 -16.46 -1.25 -8.34
N GLY A 88 -15.75 -1.25 -9.46
CA GLY A 88 -15.93 -0.22 -10.46
C GLY A 88 -15.68 -0.76 -11.87
#